data_2VSV
# 
_entry.id   2VSV 
# 
_audit_conform.dict_name       mmcif_pdbx.dic 
_audit_conform.dict_version    5.382 
_audit_conform.dict_location   http://mmcif.pdb.org/dictionaries/ascii/mmcif_pdbx.dic 
# 
loop_
_database_2.database_id 
_database_2.database_code 
_database_2.pdbx_database_accession 
_database_2.pdbx_DOI 
PDB   2VSV         pdb_00002vsv 10.2210/pdb2vsv/pdb 
PDBE  EBI-36070    ?            ?                   
WWPDB D_1290036070 ?            ?                   
# 
_pdbx_database_status.status_code                     REL 
_pdbx_database_status.entry_id                        2VSV 
_pdbx_database_status.deposit_site                    PDBE 
_pdbx_database_status.process_site                    PDBE 
_pdbx_database_status.SG_entry                        . 
_pdbx_database_status.recvd_initial_deposition_date   2008-04-29 
_pdbx_database_status.pdb_format_compatible           Y 
_pdbx_database_status.status_code_sf                  REL 
_pdbx_database_status.status_code_mr                  ? 
_pdbx_database_status.status_code_cs                  ? 
_pdbx_database_status.methods_development_category    ? 
_pdbx_database_status.status_code_nmr_data            ? 
# 
loop_
_audit_author.name 
_audit_author.pdbx_ordinal 
'Pike, A.C.W.'      1  
'Kochan, G.'        2  
'Sun, Z.'           3  
'Shafqat, N.'       4  
'Pilka, E.S.'       5  
'Roos, A.'          6  
'Elkins, J.'        7  
'Burgess-Brown, N.' 8  
'Murray, J.W.'      9  
'von Delft, F.'     10 
'Wikstrom, M.'      11 
'Edwards, A.'       12 
'Arrowsmith, C.H.'  13 
'Bountra, C.'       14 
'Oppermann, U.'     15 
# 
_citation.id                        primary 
_citation.title                     'Crystal Structure of the Pdz Domain of Human Rhophilin-2' 
_citation.journal_abbrev            'To be Published' 
_citation.journal_volume            ? 
_citation.page_first                ? 
_citation.page_last                 ? 
_citation.year                      ? 
_citation.journal_id_ASTM           ? 
_citation.country                   ? 
_citation.journal_id_ISSN           ? 
_citation.journal_id_CSD            0353 
_citation.book_publisher            ? 
_citation.pdbx_database_id_PubMed   ? 
_citation.pdbx_database_id_DOI      ? 
# 
loop_
_citation_author.citation_id 
_citation_author.name 
_citation_author.ordinal 
_citation_author.identifier_ORCID 
primary 'Pike, A.C.W.'      1  ? 
primary 'Kochan, G.'        2  ? 
primary 'Sun, Z.'           3  ? 
primary 'Shafqat, N.'       4  ? 
primary 'Pilka, E.S.'       5  ? 
primary 'Roos, A.'          6  ? 
primary 'Elkins, J.'        7  ? 
primary 'Burgess-Brown, N.' 8  ? 
primary 'Murray, J.W.'      9  ? 
primary 'von Delft, F.'     10 ? 
primary 'Wikstrom, M.'      11 ? 
primary 'Edwards, A.'       12 ? 
primary 'Arrowsmith, C.H.'  13 ? 
primary 'Bountra, C.'       14 ? 
primary 'Oppermann, U.'     15 ? 
# 
_cell.entry_id           2VSV 
_cell.length_a           78.250 
_cell.length_b           39.890 
_cell.length_c           73.480 
_cell.angle_alpha        90.00 
_cell.angle_beta         115.78 
_cell.angle_gamma        90.00 
_cell.Z_PDB              8 
_cell.pdbx_unique_axis   ? 
# 
_symmetry.entry_id                         2VSV 
_symmetry.space_group_name_H-M             'C 1 2 1' 
_symmetry.pdbx_full_space_group_name_H-M   ? 
_symmetry.cell_setting                     ? 
_symmetry.Int_Tables_number                5 
# 
loop_
_entity.id 
_entity.type 
_entity.src_method 
_entity.pdbx_description 
_entity.formula_weight 
_entity.pdbx_number_of_molecules 
_entity.pdbx_ec 
_entity.pdbx_mutation 
_entity.pdbx_fragment 
_entity.details 
1 polymer man RHOPHILIN-2 12281.888 2  ? ? 'PDZ DOMAIN, RESIDUES 514-595' ? 
2 water   nat water       18.015    93 ? ? ?                              ? 
# 
_entity_name_com.entity_id   1 
_entity_name_com.name        'GTP-RHO-BINDING PROTEIN 2,76 KDA RHOB EFFECTOR PROTEIN, P76RBE' 
# 
_entity_poly.entity_id                      1 
_entity_poly.type                           'polypeptide(L)' 
_entity_poly.nstd_linkage                   no 
_entity_poly.nstd_monomer                   no 
_entity_poly.pdbx_seq_one_letter_code       
;MHHHHHHSSGVDLGTENLYFQSMPRSIRFTAEEGDLGFTLRGNAPVQVHFLDPYCSASVAGAREGDYIVSIQLVDCKWLT
LSEVMKLLKSFGEDEIEMKVVSLLDEVTF
;
_entity_poly.pdbx_seq_one_letter_code_can   
;MHHHHHHSSGVDLGTENLYFQSMPRSIRFTAEEGDLGFTLRGNAPVQVHFLDPYCSASVAGAREGDYIVSIQLVDCKWLT
LSEVMKLLKSFGEDEIEMKVVSLLDEVTF
;
_entity_poly.pdbx_strand_id                 A,B 
_entity_poly.pdbx_target_identifier         ? 
# 
loop_
_entity_poly_seq.entity_id 
_entity_poly_seq.num 
_entity_poly_seq.mon_id 
_entity_poly_seq.hetero 
1 1   MET n 
1 2   HIS n 
1 3   HIS n 
1 4   HIS n 
1 5   HIS n 
1 6   HIS n 
1 7   HIS n 
1 8   SER n 
1 9   SER n 
1 10  GLY n 
1 11  VAL n 
1 12  ASP n 
1 13  LEU n 
1 14  GLY n 
1 15  THR n 
1 16  GLU n 
1 17  ASN n 
1 18  LEU n 
1 19  TYR n 
1 20  PHE n 
1 21  GLN n 
1 22  SER n 
1 23  MET n 
1 24  PRO n 
1 25  ARG n 
1 26  SER n 
1 27  ILE n 
1 28  ARG n 
1 29  PHE n 
1 30  THR n 
1 31  ALA n 
1 32  GLU n 
1 33  GLU n 
1 34  GLY n 
1 35  ASP n 
1 36  LEU n 
1 37  GLY n 
1 38  PHE n 
1 39  THR n 
1 40  LEU n 
1 41  ARG n 
1 42  GLY n 
1 43  ASN n 
1 44  ALA n 
1 45  PRO n 
1 46  VAL n 
1 47  GLN n 
1 48  VAL n 
1 49  HIS n 
1 50  PHE n 
1 51  LEU n 
1 52  ASP n 
1 53  PRO n 
1 54  TYR n 
1 55  CYS n 
1 56  SER n 
1 57  ALA n 
1 58  SER n 
1 59  VAL n 
1 60  ALA n 
1 61  GLY n 
1 62  ALA n 
1 63  ARG n 
1 64  GLU n 
1 65  GLY n 
1 66  ASP n 
1 67  TYR n 
1 68  ILE n 
1 69  VAL n 
1 70  SER n 
1 71  ILE n 
1 72  GLN n 
1 73  LEU n 
1 74  VAL n 
1 75  ASP n 
1 76  CYS n 
1 77  LYS n 
1 78  TRP n 
1 79  LEU n 
1 80  THR n 
1 81  LEU n 
1 82  SER n 
1 83  GLU n 
1 84  VAL n 
1 85  MET n 
1 86  LYS n 
1 87  LEU n 
1 88  LEU n 
1 89  LYS n 
1 90  SER n 
1 91  PHE n 
1 92  GLY n 
1 93  GLU n 
1 94  ASP n 
1 95  GLU n 
1 96  ILE n 
1 97  GLU n 
1 98  MET n 
1 99  LYS n 
1 100 VAL n 
1 101 VAL n 
1 102 SER n 
1 103 LEU n 
1 104 LEU n 
1 105 ASP n 
1 106 GLU n 
1 107 VAL n 
1 108 THR n 
1 109 PHE n 
# 
_entity_src_gen.entity_id                          1 
_entity_src_gen.pdbx_src_id                        1 
_entity_src_gen.pdbx_alt_source_flag               sample 
_entity_src_gen.pdbx_seq_type                      ? 
_entity_src_gen.pdbx_beg_seq_num                   ? 
_entity_src_gen.pdbx_end_seq_num                   ? 
_entity_src_gen.gene_src_common_name               HUMAN 
_entity_src_gen.gene_src_genus                     ? 
_entity_src_gen.pdbx_gene_src_gene                 ? 
_entity_src_gen.gene_src_species                   ? 
_entity_src_gen.gene_src_strain                    ? 
_entity_src_gen.gene_src_tissue                    ? 
_entity_src_gen.gene_src_tissue_fraction           ? 
_entity_src_gen.gene_src_details                   ? 
_entity_src_gen.pdbx_gene_src_fragment             ? 
_entity_src_gen.pdbx_gene_src_scientific_name      'HOMO SAPIENS' 
_entity_src_gen.pdbx_gene_src_ncbi_taxonomy_id     9606 
_entity_src_gen.pdbx_gene_src_variant              ? 
_entity_src_gen.pdbx_gene_src_cell_line            ? 
_entity_src_gen.pdbx_gene_src_atcc                 ? 
_entity_src_gen.pdbx_gene_src_organ                ? 
_entity_src_gen.pdbx_gene_src_organelle            ? 
_entity_src_gen.pdbx_gene_src_cell                 ? 
_entity_src_gen.pdbx_gene_src_cellular_location    ? 
_entity_src_gen.host_org_common_name               ? 
_entity_src_gen.pdbx_host_org_scientific_name      'ESCHERICHIA COLI' 
_entity_src_gen.pdbx_host_org_ncbi_taxonomy_id     469008 
_entity_src_gen.host_org_genus                     ? 
_entity_src_gen.pdbx_host_org_gene                 ? 
_entity_src_gen.pdbx_host_org_organ                ? 
_entity_src_gen.host_org_species                   ? 
_entity_src_gen.pdbx_host_org_tissue               ? 
_entity_src_gen.pdbx_host_org_tissue_fraction      ? 
_entity_src_gen.pdbx_host_org_strain               'BL21(DE3)' 
_entity_src_gen.pdbx_host_org_variant              R3-PRARE2 
_entity_src_gen.pdbx_host_org_cell_line            ? 
_entity_src_gen.pdbx_host_org_atcc                 ? 
_entity_src_gen.pdbx_host_org_culture_collection   ? 
_entity_src_gen.pdbx_host_org_cell                 ? 
_entity_src_gen.pdbx_host_org_organelle            ? 
_entity_src_gen.pdbx_host_org_cellular_location    ? 
_entity_src_gen.pdbx_host_org_vector_type          ? 
_entity_src_gen.pdbx_host_org_vector               ? 
_entity_src_gen.host_org_details                   ? 
_entity_src_gen.expression_system_id               ? 
_entity_src_gen.plasmid_name                       PNIC28-BSA4 
_entity_src_gen.plasmid_details                    ? 
_entity_src_gen.pdbx_description                   ? 
# 
loop_
_struct_ref.id 
_struct_ref.db_name 
_struct_ref.db_code 
_struct_ref.entity_id 
_struct_ref.pdbx_seq_one_letter_code 
_struct_ref.pdbx_align_begin 
_struct_ref.pdbx_db_accession 
_struct_ref.pdbx_db_isoform 
1 PDB 2VSV        1 ? ? 2VSV   ? 
2 UNP RHPN2_HUMAN 1 ? ? Q8IUC4 ? 
# 
loop_
_struct_ref_seq.align_id 
_struct_ref_seq.ref_id 
_struct_ref_seq.pdbx_PDB_id_code 
_struct_ref_seq.pdbx_strand_id 
_struct_ref_seq.seq_align_beg 
_struct_ref_seq.pdbx_seq_align_beg_ins_code 
_struct_ref_seq.seq_align_end 
_struct_ref_seq.pdbx_seq_align_end_ins_code 
_struct_ref_seq.pdbx_db_accession 
_struct_ref_seq.db_align_beg 
_struct_ref_seq.pdbx_db_align_beg_ins_code 
_struct_ref_seq.db_align_end 
_struct_ref_seq.pdbx_db_align_end_ins_code 
_struct_ref_seq.pdbx_auth_seq_align_beg 
_struct_ref_seq.pdbx_auth_seq_align_end 
1 1 2VSV A 1   ? 23  ? 2VSV   -22 ? 0   ? -22 0   
2 2 2VSV A 24  ? 105 ? Q8IUC4 514 ? 595 ? 514 595 
3 1 2VSV A 106 ? 109 ? 2VSV   596 ? 599 ? 596 599 
4 1 2VSV B 1   ? 23  ? 2VSV   -22 ? 0   ? -22 0   
5 2 2VSV B 24  ? 105 ? Q8IUC4 514 ? 595 ? 514 595 
6 1 2VSV B 106 ? 109 ? 2VSV   596 ? 599 ? 596 599 
# 
loop_
_chem_comp.id 
_chem_comp.type 
_chem_comp.mon_nstd_flag 
_chem_comp.name 
_chem_comp.pdbx_synonyms 
_chem_comp.formula 
_chem_comp.formula_weight 
ALA 'L-peptide linking' y ALANINE         ? 'C3 H7 N O2'     89.093  
ARG 'L-peptide linking' y ARGININE        ? 'C6 H15 N4 O2 1' 175.209 
ASN 'L-peptide linking' y ASPARAGINE      ? 'C4 H8 N2 O3'    132.118 
ASP 'L-peptide linking' y 'ASPARTIC ACID' ? 'C4 H7 N O4'     133.103 
CYS 'L-peptide linking' y CYSTEINE        ? 'C3 H7 N O2 S'   121.158 
GLN 'L-peptide linking' y GLUTAMINE       ? 'C5 H10 N2 O3'   146.144 
GLU 'L-peptide linking' y 'GLUTAMIC ACID' ? 'C5 H9 N O4'     147.129 
GLY 'peptide linking'   y GLYCINE         ? 'C2 H5 N O2'     75.067  
HIS 'L-peptide linking' y HISTIDINE       ? 'C6 H10 N3 O2 1' 156.162 
HOH non-polymer         . WATER           ? 'H2 O'           18.015  
ILE 'L-peptide linking' y ISOLEUCINE      ? 'C6 H13 N O2'    131.173 
LEU 'L-peptide linking' y LEUCINE         ? 'C6 H13 N O2'    131.173 
LYS 'L-peptide linking' y LYSINE          ? 'C6 H15 N2 O2 1' 147.195 
MET 'L-peptide linking' y METHIONINE      ? 'C5 H11 N O2 S'  149.211 
PHE 'L-peptide linking' y PHENYLALANINE   ? 'C9 H11 N O2'    165.189 
PRO 'L-peptide linking' y PROLINE         ? 'C5 H9 N O2'     115.130 
SER 'L-peptide linking' y SERINE          ? 'C3 H7 N O3'     105.093 
THR 'L-peptide linking' y THREONINE       ? 'C4 H9 N O3'     119.119 
TRP 'L-peptide linking' y TRYPTOPHAN      ? 'C11 H12 N2 O2'  204.225 
TYR 'L-peptide linking' y TYROSINE        ? 'C9 H11 N O3'    181.189 
VAL 'L-peptide linking' y VALINE          ? 'C5 H11 N O2'    117.146 
# 
_exptl.entry_id          2VSV 
_exptl.method            'X-RAY DIFFRACTION' 
_exptl.crystals_number   1 
# 
_exptl_crystal.id                    1 
_exptl_crystal.density_meas          ? 
_exptl_crystal.density_Matthews      2.1 
_exptl_crystal.density_percent_sol   42 
_exptl_crystal.description           NONE 
# 
_exptl_crystal_grow.crystal_id      1 
_exptl_crystal_grow.method          ? 
_exptl_crystal_grow.temp            ? 
_exptl_crystal_grow.temp_details    ? 
_exptl_crystal_grow.pH              7.5 
_exptl_crystal_grow.pdbx_pH_range   ? 
_exptl_crystal_grow.pdbx_details    '0.2M SODIUM ACETATE, 20% PEG3350; 10% ETHYLENE GLYCOL, pH 7.5' 
# 
_diffrn.id                     1 
_diffrn.ambient_temp           100 
_diffrn.ambient_temp_details   ? 
_diffrn.crystal_id             1 
# 
_diffrn_detector.diffrn_id              1 
_diffrn_detector.detector               CCD 
_diffrn_detector.type                   MARRESEARCH 
_diffrn_detector.pdbx_collection_date   2008-03-09 
_diffrn_detector.details                ? 
# 
_diffrn_radiation.diffrn_id                        1 
_diffrn_radiation.wavelength_id                    1 
_diffrn_radiation.pdbx_monochromatic_or_laue_m_l   M 
_diffrn_radiation.monochromator                    ? 
_diffrn_radiation.pdbx_diffrn_protocol             'SINGLE WAVELENGTH' 
_diffrn_radiation.pdbx_scattering_type             x-ray 
# 
_diffrn_radiation_wavelength.id           1 
_diffrn_radiation_wavelength.wavelength   0.99186 
_diffrn_radiation_wavelength.wt           1.0 
# 
_diffrn_source.diffrn_id                   1 
_diffrn_source.source                      SYNCHROTRON 
_diffrn_source.type                        'SLS BEAMLINE X10SA' 
_diffrn_source.pdbx_synchrotron_site       SLS 
_diffrn_source.pdbx_synchrotron_beamline   X10SA 
_diffrn_source.pdbx_wavelength             0.99186 
_diffrn_source.pdbx_wavelength_list        ? 
# 
_reflns.pdbx_diffrn_id               1 
_reflns.pdbx_ordinal                 1 
_reflns.entry_id                     2VSV 
_reflns.observed_criterion_sigma_I   0.0 
_reflns.observed_criterion_sigma_F   ? 
_reflns.d_resolution_low             38.90 
_reflns.d_resolution_high            1.82 
_reflns.number_obs                   18177 
_reflns.number_all                   ? 
_reflns.percent_possible_obs         99.1 
_reflns.pdbx_Rmerge_I_obs            0.10 
_reflns.pdbx_Rsym_value              ? 
_reflns.pdbx_netI_over_sigmaI        8.80 
_reflns.B_iso_Wilson_estimate        10.28 
_reflns.pdbx_redundancy              3.4 
# 
_reflns_shell.pdbx_diffrn_id         1 
_reflns_shell.pdbx_ordinal           1 
_reflns_shell.d_res_high             1.82 
_reflns_shell.d_res_low              1.92 
_reflns_shell.percent_possible_all   98.5 
_reflns_shell.Rmerge_I_obs           0.33 
_reflns_shell.pdbx_Rsym_value        ? 
_reflns_shell.meanI_over_sigI_obs    3.20 
_reflns_shell.pdbx_redundancy        3.4 
# 
_refine.pdbx_refine_id                           'X-RAY DIFFRACTION' 
_refine.entry_id                                 2VSV 
_refine.pdbx_diffrn_id                           1 
_refine.pdbx_TLS_residual_ADP_flag               ? 
_refine.ls_number_reflns_obs                     17238 
_refine.ls_number_reflns_all                     ? 
_refine.pdbx_ls_sigma_I                          ? 
_refine.pdbx_ls_sigma_F                          ? 
_refine.pdbx_data_cutoff_high_absF               ? 
_refine.pdbx_data_cutoff_low_absF                ? 
_refine.pdbx_data_cutoff_high_rms_absF           ? 
_refine.ls_d_res_low                             66.23 
_refine.ls_d_res_high                            1.82 
_refine.ls_percent_reflns_obs                    98.8 
_refine.ls_R_factor_obs                          0.222 
_refine.ls_R_factor_all                          ? 
_refine.ls_R_factor_R_work                       0.220 
_refine.ls_R_factor_R_free                       0.267 
_refine.ls_R_factor_R_free_error                 ? 
_refine.ls_R_factor_R_free_error_details         ? 
_refine.ls_percent_reflns_R_free                 5.200 
_refine.ls_number_reflns_R_free                  939 
_refine.ls_number_parameters                     ? 
_refine.ls_number_restraints                     ? 
_refine.occupancy_min                            ? 
_refine.occupancy_max                            ? 
_refine.correlation_coeff_Fo_to_Fc               0.915 
_refine.correlation_coeff_Fo_to_Fc_free          0.895 
_refine.B_iso_mean                               12.21 
_refine.aniso_B[1][1]                            2.36000 
_refine.aniso_B[2][2]                            -0.39000 
_refine.aniso_B[3][3]                            -1.34000 
_refine.aniso_B[1][2]                            0.00000 
_refine.aniso_B[1][3]                            0.72000 
_refine.aniso_B[2][3]                            0.00000 
_refine.solvent_model_details                    MASK 
_refine.solvent_model_param_ksol                 ? 
_refine.solvent_model_param_bsol                 ? 
_refine.pdbx_solvent_vdw_probe_radii             1.20 
_refine.pdbx_solvent_ion_probe_radii             0.80 
_refine.pdbx_solvent_shrinkage_radii             0.80 
_refine.pdbx_ls_cross_valid_method               THROUGHOUT 
_refine.details                                  'HYDROGENS HAVE BEEN ADDED IN THE RIDING POSITIONS.' 
_refine.pdbx_starting_model                      'PDB ENTRIES 2F5Y,2OCS,2V90' 
_refine.pdbx_method_to_determine_struct          'MOLECULAR REPLACEMENT' 
_refine.pdbx_isotropic_thermal_model             ? 
_refine.pdbx_stereochemistry_target_values       'MAXIMUM LIKELIHOOD' 
_refine.pdbx_stereochem_target_val_spec_case     ? 
_refine.pdbx_R_Free_selection_details            RANDOM 
_refine.pdbx_overall_ESU_R                       0.160 
_refine.pdbx_overall_ESU_R_Free                  0.153 
_refine.overall_SU_ML                            0.114 
_refine.pdbx_overall_phase_error                 ? 
_refine.overall_SU_B                             3.645 
_refine.overall_SU_R_Cruickshank_DPI             ? 
_refine.pdbx_overall_SU_R_free_Cruickshank_DPI   ? 
_refine.pdbx_overall_SU_R_Blow_DPI               ? 
_refine.pdbx_overall_SU_R_free_Blow_DPI          ? 
# 
_refine_hist.pdbx_refine_id                   'X-RAY DIFFRACTION' 
_refine_hist.cycle_id                         LAST 
_refine_hist.pdbx_number_atoms_protein        1538 
_refine_hist.pdbx_number_atoms_nucleic_acid   0 
_refine_hist.pdbx_number_atoms_ligand         0 
_refine_hist.number_atoms_solvent             93 
_refine_hist.number_atoms_total               1631 
_refine_hist.d_res_high                       1.82 
_refine_hist.d_res_low                        66.23 
# 
loop_
_refine_ls_restr.type 
_refine_ls_restr.dev_ideal 
_refine_ls_restr.dev_ideal_target 
_refine_ls_restr.weight 
_refine_ls_restr.number 
_refine_ls_restr.pdbx_refine_id 
_refine_ls_restr.pdbx_restraint_function 
r_bond_refined_d             0.013  0.021  ? 1577 'X-RAY DIFFRACTION' ? 
r_bond_other_d               0.003  0.020  ? 1039 'X-RAY DIFFRACTION' ? 
r_angle_refined_deg          1.376  1.960  ? 2133 'X-RAY DIFFRACTION' ? 
r_angle_other_deg            0.902  3.000  ? 2549 'X-RAY DIFFRACTION' ? 
r_dihedral_angle_1_deg       6.118  5.000  ? 199  'X-RAY DIFFRACTION' ? 
r_dihedral_angle_2_deg       23.622 24.308 ? 65   'X-RAY DIFFRACTION' ? 
r_dihedral_angle_3_deg       12.525 15.000 ? 270  'X-RAY DIFFRACTION' ? 
r_dihedral_angle_4_deg       18.991 15.000 ? 6    'X-RAY DIFFRACTION' ? 
r_chiral_restr               0.085  0.200  ? 245  'X-RAY DIFFRACTION' ? 
r_gen_planes_refined         0.006  0.020  ? 1744 'X-RAY DIFFRACTION' ? 
r_gen_planes_other           0.002  0.020  ? 312  'X-RAY DIFFRACTION' ? 
r_nbd_refined                0.217  0.200  ? 303  'X-RAY DIFFRACTION' ? 
r_nbd_other                  0.190  0.200  ? 1021 'X-RAY DIFFRACTION' ? 
r_nbtor_refined              0.182  0.200  ? 753  'X-RAY DIFFRACTION' ? 
r_nbtor_other                0.087  0.200  ? 813  'X-RAY DIFFRACTION' ? 
r_xyhbond_nbd_refined        0.163  0.200  ? 109  'X-RAY DIFFRACTION' ? 
r_xyhbond_nbd_other          ?      ?      ? ?    'X-RAY DIFFRACTION' ? 
r_metal_ion_refined          ?      ?      ? ?    'X-RAY DIFFRACTION' ? 
r_metal_ion_other            ?      ?      ? ?    'X-RAY DIFFRACTION' ? 
r_symmetry_vdw_refined       0.126  0.200  ? 25   'X-RAY DIFFRACTION' ? 
r_symmetry_vdw_other         0.202  0.200  ? 38   'X-RAY DIFFRACTION' ? 
r_symmetry_hbond_refined     0.129  0.200  ? 14   'X-RAY DIFFRACTION' ? 
r_symmetry_hbond_other       ?      ?      ? ?    'X-RAY DIFFRACTION' ? 
r_symmetry_metal_ion_refined ?      ?      ? ?    'X-RAY DIFFRACTION' ? 
r_symmetry_metal_ion_other   ?      ?      ? ?    'X-RAY DIFFRACTION' ? 
r_mcbond_it                  2.811  3.000  ? 995  'X-RAY DIFFRACTION' ? 
r_mcbond_other               ?      ?      ? ?    'X-RAY DIFFRACTION' ? 
r_mcangle_it                 4.101  5.000  ? 1598 'X-RAY DIFFRACTION' ? 
r_mcangle_other              ?      ?      ? ?    'X-RAY DIFFRACTION' ? 
r_scbond_it                  6.724  8.000  ? 582  'X-RAY DIFFRACTION' ? 
r_scbond_other               ?      ?      ? ?    'X-RAY DIFFRACTION' ? 
r_scangle_it                 9.236  11.000 ? 535  'X-RAY DIFFRACTION' ? 
r_scangle_other              ?      ?      ? ?    'X-RAY DIFFRACTION' ? 
r_long_range_B_refined       ?      ?      ? ?    'X-RAY DIFFRACTION' ? 
r_long_range_B_other         ?      ?      ? ?    'X-RAY DIFFRACTION' ? 
r_rigid_bond_restr           ?      ?      ? ?    'X-RAY DIFFRACTION' ? 
r_sphericity_free            ?      ?      ? ?    'X-RAY DIFFRACTION' ? 
r_sphericity_bonded          ?      ?      ? ?    'X-RAY DIFFRACTION' ? 
# 
loop_
_refine_ls_restr_ncs.dom_id 
_refine_ls_restr_ncs.pdbx_auth_asym_id 
_refine_ls_restr_ncs.pdbx_number 
_refine_ls_restr_ncs.rms_dev_position 
_refine_ls_restr_ncs.weight_position 
_refine_ls_restr_ncs.pdbx_type 
_refine_ls_restr_ncs.pdbx_ens_id 
_refine_ls_restr_ncs.pdbx_ordinal 
_refine_ls_restr_ncs.pdbx_refine_id 
_refine_ls_restr_ncs.ncs_model_details 
_refine_ls_restr_ncs.rms_dev_B_iso 
_refine_ls_restr_ncs.weight_B_iso 
_refine_ls_restr_ncs.pdbx_asym_id 
_refine_ls_restr_ncs.pdbx_rms 
_refine_ls_restr_ncs.pdbx_weight 
1 A 530 0.03 0.05 'tight positional'  1 1 'X-RAY DIFFRACTION' ? ? ? ? ? ? 
2 B 530 0.03 0.05 'tight positional'  1 2 'X-RAY DIFFRACTION' ? ? ? ? ? ? 
1 A 622 0.03 0.50 'medium positional' 1 3 'X-RAY DIFFRACTION' ? ? ? ? ? ? 
2 B 622 0.03 0.50 'medium positional' 1 4 'X-RAY DIFFRACTION' ? ? ? ? ? ? 
1 A 530 0.23 0.50 'tight thermal'     1 5 'X-RAY DIFFRACTION' ? ? ? ? ? ? 
2 B 530 0.23 0.50 'tight thermal'     1 6 'X-RAY DIFFRACTION' ? ? ? ? ? ? 
1 A 622 0.14 2.00 'medium thermal'    1 7 'X-RAY DIFFRACTION' ? ? ? ? ? ? 
2 B 622 0.14 2.00 'medium thermal'    1 8 'X-RAY DIFFRACTION' ? ? ? ? ? ? 
# 
_refine_ls_shell.pdbx_refine_id                   'X-RAY DIFFRACTION' 
_refine_ls_shell.pdbx_total_number_of_bins_used   20 
_refine_ls_shell.d_res_high                       1.82 
_refine_ls_shell.d_res_low                        1.87 
_refine_ls_shell.number_reflns_R_work             1223 
_refine_ls_shell.R_factor_R_work                  0.2560 
_refine_ls_shell.percent_reflns_obs               ? 
_refine_ls_shell.R_factor_R_free                  0.3490 
_refine_ls_shell.R_factor_R_free_error            ? 
_refine_ls_shell.percent_reflns_R_free            ? 
_refine_ls_shell.number_reflns_R_free             74 
_refine_ls_shell.number_reflns_all                ? 
_refine_ls_shell.R_factor_all                     ? 
# 
_struct_ncs_oper.id             1 
_struct_ncs_oper.code           given 
_struct_ncs_oper.details        ? 
_struct_ncs_oper.matrix[1][1]   -0.64313703 
_struct_ncs_oper.matrix[1][2]   -0.69433435 
_struct_ncs_oper.matrix[1][3]   -0.32283579 
_struct_ncs_oper.matrix[2][1]   -0.69257921 
_struct_ncs_oper.matrix[2][2]   0.34864916 
_struct_ncs_oper.matrix[2][3]   0.63164886 
_struct_ncs_oper.matrix[3][1]   -0.32651928 
_struct_ncs_oper.matrix[3][2]   0.62981818 
_struct_ncs_oper.matrix[3][3]   -0.70551212 
_struct_ncs_oper.vector[1]      -1.38623 
_struct_ncs_oper.vector[2]      -0.07365 
_struct_ncs_oper.vector[3]      -1.27186 
# 
loop_
_struct_ncs_dom.id 
_struct_ncs_dom.details 
_struct_ncs_dom.pdbx_ens_id 
1 A 1 
2 B 1 
# 
loop_
_struct_ncs_dom_lim.dom_id 
_struct_ncs_dom_lim.beg_auth_asym_id 
_struct_ncs_dom_lim.beg_auth_seq_id 
_struct_ncs_dom_lim.end_auth_asym_id 
_struct_ncs_dom_lim.end_auth_seq_id 
_struct_ncs_dom_lim.pdbx_component_id 
_struct_ncs_dom_lim.pdbx_refine_code 
_struct_ncs_dom_lim.beg_label_asym_id 
_struct_ncs_dom_lim.beg_label_comp_id 
_struct_ncs_dom_lim.beg_label_seq_id 
_struct_ncs_dom_lim.beg_label_alt_id 
_struct_ncs_dom_lim.end_label_asym_id 
_struct_ncs_dom_lim.end_label_comp_id 
_struct_ncs_dom_lim.end_label_seq_id 
_struct_ncs_dom_lim.end_label_alt_id 
_struct_ncs_dom_lim.pdbx_ens_id 
_struct_ncs_dom_lim.selection_details 
_struct_ncs_dom_lim.beg_auth_comp_id 
_struct_ncs_dom_lim.end_auth_comp_id 
1 A 499 A 520 1 2 ? ? ? ? ? ? ? ? 1 ? ? ? 
2 B 499 B 520 1 2 ? ? ? ? ? ? ? ? 1 ? ? ? 
1 A 526 A 593 2 2 ? ? ? ? ? ? ? ? 1 ? ? ? 
2 B 526 B 593 2 2 ? ? ? ? ? ? ? ? 1 ? ? ? 
# 
_struct_ncs_ens.id        1 
_struct_ncs_ens.details   ? 
# 
_struct.entry_id                  2VSV 
_struct.title                     'Crystal structure of the PDZ domain of human rhophilin-2' 
_struct.pdbx_model_details        ? 
_struct.pdbx_CASP_flag            ? 
_struct.pdbx_model_type_details   ? 
# 
_struct_keywords.entry_id        2VSV 
_struct_keywords.pdbx_keywords   'PROTEIN BINDING' 
_struct_keywords.text            
'SCAFFOLD PROTEIN, RHO GTPASE BINDING, PROTEIN-BINDING, RHOB, NITRATION, CYTOPLASM, PDZ DOMAIN, CASP8, PROTEIN BINDING' 
# 
loop_
_struct_asym.id 
_struct_asym.pdbx_blank_PDB_chainid_flag 
_struct_asym.pdbx_modified 
_struct_asym.entity_id 
_struct_asym.details 
A N N 1 ? 
B N N 1 ? 
C N N 2 ? 
D N N 2 ? 
# 
_struct_biol.id   1 
# 
loop_
_struct_conf.conf_type_id 
_struct_conf.id 
_struct_conf.pdbx_PDB_helix_id 
_struct_conf.beg_label_comp_id 
_struct_conf.beg_label_asym_id 
_struct_conf.beg_label_seq_id 
_struct_conf.pdbx_beg_PDB_ins_code 
_struct_conf.end_label_comp_id 
_struct_conf.end_label_asym_id 
_struct_conf.end_label_seq_id 
_struct_conf.pdbx_end_PDB_ins_code 
_struct_conf.beg_auth_comp_id 
_struct_conf.beg_auth_asym_id 
_struct_conf.beg_auth_seq_id 
_struct_conf.end_auth_comp_id 
_struct_conf.end_auth_asym_id 
_struct_conf.end_auth_seq_id 
_struct_conf.pdbx_PDB_helix_class 
_struct_conf.details 
_struct_conf.pdbx_PDB_helix_length 
HELX_P HELX_P1 1 GLY A 10 ? MET A 23 ? GLY A -13 MET A 0   1 ? 14 
HELX_P HELX_P2 2 ALA A 31 ? ASP A 35 ? ALA A 521 ASP A 525 5 ? 5  
HELX_P HELX_P3 3 CYS A 55 ? ALA A 60 ? CYS A 545 ALA A 550 1 ? 6  
HELX_P HELX_P4 4 THR A 80 ? SER A 90 ? THR A 570 SER A 580 1 ? 11 
HELX_P HELX_P5 5 GLY B 10 ? MET B 23 ? GLY B -13 MET B 0   1 ? 14 
HELX_P HELX_P6 6 ALA B 31 ? ASP B 35 ? ALA B 521 ASP B 525 5 ? 5  
HELX_P HELX_P7 7 CYS B 55 ? ALA B 60 ? CYS B 545 ALA B 550 1 ? 6  
HELX_P HELX_P8 8 THR B 80 ? SER B 90 ? THR B 570 SER B 580 1 ? 11 
# 
_struct_conf_type.id          HELX_P 
_struct_conf_type.criteria    ? 
_struct_conf_type.reference   ? 
# 
loop_
_struct_mon_prot_cis.pdbx_id 
_struct_mon_prot_cis.label_comp_id 
_struct_mon_prot_cis.label_seq_id 
_struct_mon_prot_cis.label_asym_id 
_struct_mon_prot_cis.label_alt_id 
_struct_mon_prot_cis.pdbx_PDB_ins_code 
_struct_mon_prot_cis.auth_comp_id 
_struct_mon_prot_cis.auth_seq_id 
_struct_mon_prot_cis.auth_asym_id 
_struct_mon_prot_cis.pdbx_label_comp_id_2 
_struct_mon_prot_cis.pdbx_label_seq_id_2 
_struct_mon_prot_cis.pdbx_label_asym_id_2 
_struct_mon_prot_cis.pdbx_PDB_ins_code_2 
_struct_mon_prot_cis.pdbx_auth_comp_id_2 
_struct_mon_prot_cis.pdbx_auth_seq_id_2 
_struct_mon_prot_cis.pdbx_auth_asym_id_2 
_struct_mon_prot_cis.pdbx_PDB_model_num 
_struct_mon_prot_cis.pdbx_omega_angle 
1 ALA 44 A . ? ALA 534 A PRO 45 A ? PRO 535 A 1 -0.27 
2 ALA 44 B . ? ALA 534 B PRO 45 B ? PRO 535 B 1 0.66  
# 
loop_
_struct_sheet.id 
_struct_sheet.type 
_struct_sheet.number_strands 
_struct_sheet.details 
AA ? 4 ? 
AB ? 2 ? 
BA ? 4 ? 
BB ? 2 ? 
# 
loop_
_struct_sheet_order.sheet_id 
_struct_sheet_order.range_id_1 
_struct_sheet_order.range_id_2 
_struct_sheet_order.offset 
_struct_sheet_order.sense 
AA 1 2 ? anti-parallel 
AA 2 3 ? anti-parallel 
AA 3 4 ? anti-parallel 
AB 1 2 ? anti-parallel 
BA 1 2 ? anti-parallel 
BA 2 3 ? anti-parallel 
BA 3 4 ? anti-parallel 
BB 1 2 ? anti-parallel 
# 
loop_
_struct_sheet_range.sheet_id 
_struct_sheet_range.id 
_struct_sheet_range.beg_label_comp_id 
_struct_sheet_range.beg_label_asym_id 
_struct_sheet_range.beg_label_seq_id 
_struct_sheet_range.pdbx_beg_PDB_ins_code 
_struct_sheet_range.end_label_comp_id 
_struct_sheet_range.end_label_asym_id 
_struct_sheet_range.end_label_seq_id 
_struct_sheet_range.pdbx_end_PDB_ins_code 
_struct_sheet_range.beg_auth_comp_id 
_struct_sheet_range.beg_auth_asym_id 
_struct_sheet_range.beg_auth_seq_id 
_struct_sheet_range.end_auth_comp_id 
_struct_sheet_range.end_auth_asym_id 
_struct_sheet_range.end_auth_seq_id 
AA 1 ARG A 25 ? PHE A 29  ? ARG A 515 PHE A 519 
AA 2 ILE A 96 ? VAL A 101 ? ILE A 586 VAL A 591 
AA 3 TYR A 67 ? ILE A 71  ? TYR A 557 ILE A 561 
AA 4 VAL A 74 ? ASP A 75  ? VAL A 564 ASP A 565 
AB 1 PHE A 38 ? ARG A 41  ? PHE A 528 ARG A 531 
AB 2 GLN A 47 ? LEU A 51  ? GLN A 537 LEU A 541 
BA 1 ARG B 25 ? PHE B 29  ? ARG B 515 PHE B 519 
BA 2 ILE B 96 ? VAL B 101 ? ILE B 586 VAL B 591 
BA 3 TYR B 67 ? ILE B 71  ? TYR B 557 ILE B 561 
BA 4 VAL B 74 ? ASP B 75  ? VAL B 564 ASP B 565 
BB 1 PHE B 38 ? ARG B 41  ? PHE B 528 ARG B 531 
BB 2 GLN B 47 ? LEU B 51  ? GLN B 537 LEU B 541 
# 
loop_
_pdbx_struct_sheet_hbond.sheet_id 
_pdbx_struct_sheet_hbond.range_id_1 
_pdbx_struct_sheet_hbond.range_id_2 
_pdbx_struct_sheet_hbond.range_1_label_atom_id 
_pdbx_struct_sheet_hbond.range_1_label_comp_id 
_pdbx_struct_sheet_hbond.range_1_label_asym_id 
_pdbx_struct_sheet_hbond.range_1_label_seq_id 
_pdbx_struct_sheet_hbond.range_1_PDB_ins_code 
_pdbx_struct_sheet_hbond.range_1_auth_atom_id 
_pdbx_struct_sheet_hbond.range_1_auth_comp_id 
_pdbx_struct_sheet_hbond.range_1_auth_asym_id 
_pdbx_struct_sheet_hbond.range_1_auth_seq_id 
_pdbx_struct_sheet_hbond.range_2_label_atom_id 
_pdbx_struct_sheet_hbond.range_2_label_comp_id 
_pdbx_struct_sheet_hbond.range_2_label_asym_id 
_pdbx_struct_sheet_hbond.range_2_label_seq_id 
_pdbx_struct_sheet_hbond.range_2_PDB_ins_code 
_pdbx_struct_sheet_hbond.range_2_auth_atom_id 
_pdbx_struct_sheet_hbond.range_2_auth_comp_id 
_pdbx_struct_sheet_hbond.range_2_auth_asym_id 
_pdbx_struct_sheet_hbond.range_2_auth_seq_id 
AA 1 2 N PHE A 29  ? N PHE A 519 O ILE A 96 ? O ILE A 586 
AA 2 3 N VAL A 101 ? N VAL A 591 O TYR A 67 ? O TYR A 557 
AA 3 4 N ILE A 71  ? N ILE A 561 O VAL A 74 ? O VAL A 564 
AB 1 2 N ARG A 41  ? N ARG A 531 O GLN A 47 ? O GLN A 537 
BA 1 2 N PHE B 29  ? N PHE B 519 O ILE B 96 ? O ILE B 586 
BA 2 3 N VAL B 101 ? N VAL B 591 O TYR B 67 ? O TYR B 557 
BA 3 4 N ILE B 71  ? N ILE B 561 O VAL B 74 ? O VAL B 564 
BB 1 2 N ARG B 41  ? N ARG B 531 O GLN B 47 ? O GLN B 537 
# 
_atom_sites.entry_id                    2VSV 
_atom_sites.fract_transf_matrix[1][1]   -0.00596864 
_atom_sites.fract_transf_matrix[1][2]   0.01166097 
_atom_sites.fract_transf_matrix[1][3]   0.00546068 
_atom_sites.fract_transf_matrix[2][1]   -0.01012788 
_atom_sites.fract_transf_matrix[2][2]   -0.01377088 
_atom_sites.fract_transf_matrix[2][3]   0.01833695 
_atom_sites.fract_transf_matrix[3][1]   0.00829132 
_atom_sites.fract_transf_matrix[3][2]   0.00747108 
_atom_sites.fract_transf_matrix[3][3]   0.01019018 
_atom_sites.fract_transf_vector[1]      0.311739 
_atom_sites.fract_transf_vector[2]      0.515759 
_atom_sites.fract_transf_vector[3]      0.291100 
# 
loop_
_atom_type.symbol 
C 
N 
O 
S 
# 
loop_
_atom_site.group_PDB 
_atom_site.id 
_atom_site.type_symbol 
_atom_site.label_atom_id 
_atom_site.label_alt_id 
_atom_site.label_comp_id 
_atom_site.label_asym_id 
_atom_site.label_entity_id 
_atom_site.label_seq_id 
_atom_site.pdbx_PDB_ins_code 
_atom_site.Cartn_x 
_atom_site.Cartn_y 
_atom_site.Cartn_z 
_atom_site.occupancy 
_atom_site.B_iso_or_equiv 
_atom_site.pdbx_formal_charge 
_atom_site.auth_seq_id 
_atom_site.auth_comp_id 
_atom_site.auth_asym_id 
_atom_site.auth_atom_id 
_atom_site.pdbx_PDB_model_num 
ATOM   1    N N   . SER A 1 8   ? -17.177 16.284  -11.774 1.00 34.36 ? -15  SER A N   1 
ATOM   2    C CA  . SER A 1 8   ? -15.926 15.937  -12.512 1.00 34.63 ? -15  SER A CA  1 
ATOM   3    C C   . SER A 1 8   ? -15.841 14.439  -12.794 1.00 29.93 ? -15  SER A C   1 
ATOM   4    O O   . SER A 1 8   ? -16.550 13.632  -12.176 1.00 33.67 ? -15  SER A O   1 
ATOM   5    C CB  . SER A 1 8   ? -14.705 16.352  -11.703 1.00 38.57 ? -15  SER A CB  1 
ATOM   6    O OG  . SER A 1 8   ? -14.628 15.578  -10.515 1.00 45.02 ? -15  SER A OG  1 
ATOM   7    N N   . SER A 1 9   ? -14.946 14.079  -13.708 1.00 20.81 ? -14  SER A N   1 
ATOM   8    C CA  . SER A 1 9   ? -14.845 12.711  -14.204 1.00 16.58 ? -14  SER A CA  1 
ATOM   9    C C   . SER A 1 9   ? -14.105 11.808  -13.220 1.00 15.21 ? -14  SER A C   1 
ATOM   10   O O   . SER A 1 9   ? -12.969 12.087  -12.846 1.00 14.26 ? -14  SER A O   1 
ATOM   11   C CB  . SER A 1 9   ? -14.130 12.698  -15.553 1.00 19.41 ? -14  SER A CB  1 
ATOM   12   O OG  . SER A 1 9   ? -13.687 11.393  -15.876 1.00 13.83 ? -14  SER A OG  1 
ATOM   13   N N   . GLY A 1 10  ? -14.772 10.735  -12.811 1.00 10.88 ? -13  GLY A N   1 
ATOM   14   C CA  . GLY A 1 10  ? -14.198 9.741   -11.930 1.00 11.42 ? -13  GLY A CA  1 
ATOM   15   C C   . GLY A 1 10  ? -13.051 9.042   -12.620 1.00 11.70 ? -13  GLY A C   1 
ATOM   16   O O   . GLY A 1 10  ? -12.104 8.645   -11.971 1.00 11.66 ? -13  GLY A O   1 
ATOM   17   N N   . VAL A 1 11  ? -13.113 8.895   -13.948 1.00 12.63 ? -12  VAL A N   1 
ATOM   18   C CA  . VAL A 1 11  ? -12.000 8.275   -14.672 1.00 10.41 ? -12  VAL A CA  1 
ATOM   19   C C   . VAL A 1 11  ? -10.754 9.218   -14.659 1.00 10.60 ? -12  VAL A C   1 
ATOM   20   O O   . VAL A 1 11  ? -9.600  8.776   -14.501 1.00 11.16 ? -12  VAL A O   1 
ATOM   21   C CB  . VAL A 1 11  ? -12.414 7.819   -16.131 1.00 9.32  ? -12  VAL A CB  1 
ATOM   22   C CG1 . VAL A 1 11  ? -11.209 7.395   -16.931 1.00 3.84  ? -12  VAL A CG1 1 
ATOM   23   C CG2 . VAL A 1 11  ? -13.412 6.673   -16.061 1.00 13.67 ? -12  VAL A CG2 1 
ATOM   24   N N   . ASP A 1 12  ? -10.981 10.515  -14.811 1.00 11.78 ? -11  ASP A N   1 
ATOM   25   C CA  . ASP A 1 12  ? -9.875  11.487  -14.734 1.00 13.84 ? -11  ASP A CA  1 
ATOM   26   C C   . ASP A 1 12  ? -9.230  11.441  -13.354 1.00 12.55 ? -11  ASP A C   1 
ATOM   27   O O   . ASP A 1 12  ? -8.021  11.309  -13.235 1.00 12.85 ? -11  ASP A O   1 
ATOM   28   C CB  . ASP A 1 12  ? -10.360 12.909  -15.007 1.00 16.04 ? -11  ASP A CB  1 
ATOM   29   C CG  . ASP A 1 12  ? -10.690 13.155  -16.483 1.00 17.21 ? -11  ASP A CG  1 
ATOM   30   O OD1 . ASP A 1 12  ? -10.332 12.341  -17.357 1.00 20.96 ? -11  ASP A OD1 1 
ATOM   31   O OD2 . ASP A 1 12  ? -11.321 14.193  -16.763 1.00 21.84 ? -11  ASP A OD2 1 
ATOM   32   N N   . LEU A 1 13  ? -10.038 11.494  -12.311 1.00 11.65 ? -10  LEU A N   1 
ATOM   33   C CA  . LEU A 1 13  ? -9.498  11.544  -10.942 1.00 11.35 ? -10  LEU A CA  1 
ATOM   34   C C   . LEU A 1 13  ? -8.808  10.251  -10.561 1.00 9.51  ? -10  LEU A C   1 
ATOM   35   O O   . LEU A 1 13  ? -7.725  10.272  -10.001 1.00 12.20 ? -10  LEU A O   1 
ATOM   36   C CB  . LEU A 1 13  ? -10.602 11.829  -9.927  1.00 11.36 ? -10  LEU A CB  1 
ATOM   37   C CG  . LEU A 1 13  ? -11.222 13.215  -10.006 1.00 19.64 ? -10  LEU A CG  1 
ATOM   38   C CD1 . LEU A 1 13  ? -12.219 13.462  -8.867  1.00 22.59 ? -10  LEU A CD1 1 
ATOM   39   C CD2 . LEU A 1 13  ? -10.110 14.280  -9.996  1.00 28.02 ? -10  LEU A CD2 1 
ATOM   40   N N   . GLY A 1 14  ? -9.457  9.127   -10.850 1.00 10.42 ? -9   GLY A N   1 
ATOM   41   C CA  . GLY A 1 14  ? -8.928  7.820   -10.547 1.00 11.32 ? -9   GLY A CA  1 
ATOM   42   C C   . GLY A 1 14  ? -7.650  7.486   -11.280 1.00 9.23  ? -9   GLY A C   1 
ATOM   43   O O   . GLY A 1 14  ? -6.772  6.839   -10.720 1.00 11.77 ? -9   GLY A O   1 
ATOM   44   N N   . THR A 1 15  ? -7.521  7.909   -12.537 1.00 7.59  ? -8   THR A N   1 
ATOM   45   C CA  . THR A 1 15  ? -6.303  7.588   -13.238 1.00 7.68  ? -8   THR A CA  1 
ATOM   46   C C   . THR A 1 15  ? -5.172  8.485   -12.779 1.00 11.00 ? -8   THR A C   1 
ATOM   47   O O   . THR A 1 15  ? -4.006  8.099   -12.832 1.00 14.42 ? -8   THR A O   1 
ATOM   48   C CB  . THR A 1 15  ? -6.481  7.645   -14.784 1.00 13.79 ? -8   THR A CB  1 
ATOM   49   O OG1 . THR A 1 15  ? -7.059  8.903   -15.153 1.00 7.99  ? -8   THR A OG1 1 
ATOM   50   C CG2 . THR A 1 15  ? -7.366  6.509   -15.254 1.00 10.93 ? -8   THR A CG2 1 
ATOM   51   N N   . GLU A 1 16  ? -5.528  9.689   -12.342 1.00 11.48 ? -7   GLU A N   1 
ATOM   52   C CA  . GLU A 1 16  ? -4.574  10.603  -11.767 1.00 17.06 ? -7   GLU A CA  1 
ATOM   53   C C   . GLU A 1 16  ? -4.073  10.061  -10.429 1.00 14.68 ? -7   GLU A C   1 
ATOM   54   O O   . GLU A 1 16  ? -2.873  10.093  -10.153 1.00 15.56 ? -7   GLU A O   1 
ATOM   55   C CB  . GLU A 1 16  ? -5.218  11.961  -11.519 1.00 16.62 ? -7   GLU A CB  1 
ATOM   56   C CG  . GLU A 1 16  ? -4.209  13.011  -11.106 1.00 28.06 ? -7   GLU A CG  1 
ATOM   57   C CD  . GLU A 1 16  ? -4.835  14.363  -10.863 1.00 41.03 ? -7   GLU A CD  1 
ATOM   58   O OE1 . GLU A 1 16  ? -5.977  14.423  -10.343 1.00 40.68 ? -7   GLU A OE1 1 
ATOM   59   O OE2 . GLU A 1 16  ? -4.170  15.371  -11.188 1.00 46.71 ? -7   GLU A OE2 1 
ATOM   60   N N   . ASN A 1 17  ? -4.992  9.554   -9.613  1.00 13.61 ? -6   ASN A N   1 
ATOM   61   C CA  . ASN A 1 17  ? -4.612  8.919   -8.361  1.00 13.75 ? -6   ASN A CA  1 
ATOM   62   C C   . ASN A 1 17  ? -3.608  7.801   -8.637  1.00 16.09 ? -6   ASN A C   1 
ATOM   63   O O   . ASN A 1 17  ? -2.580  7.694   -7.970  1.00 15.45 ? -6   ASN A O   1 
ATOM   64   C CB  . ASN A 1 17  ? -5.844  8.379   -7.624  1.00 15.21 ? -6   ASN A CB  1 
ATOM   65   C CG  . ASN A 1 17  ? -6.706  9.496   -7.029  1.00 30.07 ? -6   ASN A CG  1 
ATOM   66   O OD1 . ASN A 1 17  ? -6.279  10.647  -6.973  1.00 38.54 ? -6   ASN A OD1 1 
ATOM   67   N ND2 . ASN A 1 17  ? -7.925  9.158   -6.588  1.00 31.14 ? -6   ASN A ND2 1 
ATOM   68   N N   . LEU A 1 18  ? -3.879  7.012   -9.674  1.00 15.39 ? -5   LEU A N   1 
ATOM   69   C CA  . LEU A 1 18  ? -3.078  5.848   -9.986  1.00 11.66 ? -5   LEU A CA  1 
ATOM   70   C C   . LEU A 1 18  ? -1.667  6.255   -10.357 1.00 14.55 ? -5   LEU A C   1 
ATOM   71   O O   . LEU A 1 18  ? -0.701  5.658   -9.898  1.00 17.79 ? -5   LEU A O   1 
ATOM   72   C CB  . LEU A 1 18  ? -3.733  5.034   -11.110 1.00 18.37 ? -5   LEU A CB  1 
ATOM   73   C CG  . LEU A 1 18  ? -3.491  3.535   -11.206 1.00 18.17 ? -5   LEU A CG  1 
ATOM   74   C CD1 . LEU A 1 18  ? -3.839  2.844   -9.900  1.00 9.18  ? -5   LEU A CD1 1 
ATOM   75   C CD2 . LEU A 1 18  ? -4.296  2.962   -12.392 1.00 17.25 ? -5   LEU A CD2 1 
ATOM   76   N N   . TYR A 1 19  ? -1.551  7.272   -11.206 1.00 13.02 ? -4   TYR A N   1 
ATOM   77   C CA  . TYR A 1 19  ? -0.264  7.869   -11.534 1.00 19.93 ? -4   TYR A CA  1 
ATOM   78   C C   . TYR A 1 19  ? 0.496   8.229   -10.248 1.00 19.23 ? -4   TYR A C   1 
ATOM   79   O O   . TYR A 1 19  ? 1.603   7.735   -10.042 1.00 19.31 ? -4   TYR A O   1 
ATOM   80   C CB  . TYR A 1 19  ? -0.487  9.109   -12.412 1.00 22.26 ? -4   TYR A CB  1 
ATOM   81   C CG  . TYR A 1 19  ? 0.753   9.680   -13.075 1.00 18.70 ? -4   TYR A CG  1 
ATOM   82   C CD1 . TYR A 1 19  ? 1.336   9.045   -14.171 1.00 24.14 ? -4   TYR A CD1 1 
ATOM   83   C CD2 . TYR A 1 19  ? 1.310   10.873  -12.626 1.00 30.41 ? -4   TYR A CD2 1 
ATOM   84   C CE1 . TYR A 1 19  ? 2.464   9.576   -14.796 1.00 24.55 ? -4   TYR A CE1 1 
ATOM   85   C CE2 . TYR A 1 19  ? 2.432   11.412  -13.238 1.00 31.54 ? -4   TYR A CE2 1 
ATOM   86   C CZ  . TYR A 1 19  ? 3.006   10.760  -14.326 1.00 38.70 ? -4   TYR A CZ  1 
ATOM   87   O OH  . TYR A 1 19  ? 4.122   11.295  -14.940 1.00 48.35 ? -4   TYR A OH  1 
ATOM   88   N N   . PHE A 1 20  ? -0.122  9.038   -9.387  1.00 18.81 ? -3   PHE A N   1 
ATOM   89   C CA  . PHE A 1 20  ? 0.475   9.452   -8.103  1.00 19.67 ? -3   PHE A CA  1 
ATOM   90   C C   . PHE A 1 20  ? 1.033   8.280   -7.326  1.00 20.37 ? -3   PHE A C   1 
ATOM   91   O O   . PHE A 1 20  ? 2.157   8.347   -6.832  1.00 20.64 ? -3   PHE A O   1 
ATOM   92   C CB  . PHE A 1 20  ? -0.536  10.181  -7.211  1.00 16.79 ? -3   PHE A CB  1 
ATOM   93   C CG  . PHE A 1 20  ? -0.294  11.656  -7.118  1.00 23.44 ? -3   PHE A CG  1 
ATOM   94   N N   . GLN A 1 21  ? 0.256   7.206   -7.237  1.00 19.13 ? -2   GLN A N   1 
ATOM   95   C CA  . GLN A 1 21  ? 0.645   6.028   -6.449  1.00 16.76 ? -2   GLN A CA  1 
ATOM   96   C C   . GLN A 1 21  ? 1.662   5.152   -7.150  1.00 15.30 ? -2   GLN A C   1 
ATOM   97   O O   . GLN A 1 21  ? 2.324   4.338   -6.513  1.00 15.66 ? -2   GLN A O   1 
ATOM   98   C CB  . GLN A 1 21  ? -0.574  5.169   -6.098  1.00 18.74 ? -2   GLN A CB  1 
ATOM   99   C CG  . GLN A 1 21  ? -1.692  5.878   -5.361  1.00 23.53 ? -2   GLN A CG  1 
ATOM   100  C CD  . GLN A 1 21  ? -1.249  6.457   -4.032  1.00 37.61 ? -2   GLN A CD  1 
ATOM   101  O OE1 . GLN A 1 21  ? -0.298  7.234   -3.965  1.00 38.10 ? -2   GLN A OE1 1 
ATOM   102  N NE2 . GLN A 1 21  ? -1.948  6.090   -2.968  1.00 48.51 ? -2   GLN A NE2 1 
ATOM   103  N N   . SER A 1 22  ? 1.800   5.323   -8.462  1.00 12.08 ? -1   SER A N   1 
ATOM   104  C CA  . SER A 1 22  ? 2.664   4.479   -9.265  1.00 15.22 ? -1   SER A CA  1 
ATOM   105  C C   . SER A 1 22  ? 4.005   5.124   -9.648  1.00 17.95 ? -1   SER A C   1 
ATOM   106  O O   . SER A 1 22  ? 4.961   4.420   -9.979  1.00 21.36 ? -1   SER A O   1 
ATOM   107  C CB  . SER A 1 22  ? 1.923   4.058   -10.538 1.00 18.05 ? -1   SER A CB  1 
ATOM   108  O OG  . SER A 1 22  ? 0.743   3.341   -10.213 1.00 19.27 ? -1   SER A OG  1 
ATOM   109  N N   . MET A 1 23  ? 4.089   6.444   -9.608  1.00 18.68 ? 0    MET A N   1 
ATOM   110  C CA  . MET A 1 23  ? 5.329   7.111   -9.985  1.00 21.99 ? 0    MET A CA  1 
ATOM   111  C C   . MET A 1 23  ? 6.235   7.237   -8.758  1.00 21.61 ? 0    MET A C   1 
ATOM   112  O O   . MET A 1 23  ? 5.759   7.589   -7.673  1.00 17.43 ? 0    MET A O   1 
ATOM   113  C CB  . MET A 1 23  ? 5.051   8.497   -10.593 1.00 23.56 ? 0    MET A CB  1 
ATOM   114  C CG  . MET A 1 23  ? 4.425   8.434   -11.981 1.00 29.07 ? 0    MET A CG  1 
ATOM   115  S SD  . MET A 1 23  ? 5.470   7.588   -13.184 1.00 43.76 ? 0    MET A SD  1 
ATOM   116  C CE  . MET A 1 23  ? 6.747   8.834   -13.409 1.00 31.34 ? 0    MET A CE  1 
ATOM   117  N N   . PRO A 1 24  ? 7.541   6.947   -8.933  1.00 21.23 ? 514  PRO A N   1 
ATOM   118  C CA  . PRO A 1 24  ? 8.478   7.086   -7.826  1.00 18.48 ? 514  PRO A CA  1 
ATOM   119  C C   . PRO A 1 24  ? 8.442   8.483   -7.221  1.00 18.08 ? 514  PRO A C   1 
ATOM   120  O O   . PRO A 1 24  ? 8.472   9.476   -7.948  1.00 16.72 ? 514  PRO A O   1 
ATOM   121  C CB  . PRO A 1 24  ? 9.832   6.799   -8.492  1.00 20.37 ? 514  PRO A CB  1 
ATOM   122  C CG  . PRO A 1 24  ? 9.497   5.883   -9.621  1.00 26.45 ? 514  PRO A CG  1 
ATOM   123  C CD  . PRO A 1 24  ? 8.180   6.347   -10.125 1.00 21.14 ? 514  PRO A CD  1 
ATOM   124  N N   . ARG A 1 25  ? 8.344   8.556   -5.895  1.00 10.69 ? 515  ARG A N   1 
ATOM   125  C CA  . ARG A 1 25  ? 8.441   9.858   -5.214  1.00 14.09 ? 515  ARG A CA  1 
ATOM   126  C C   . ARG A 1 25  ? 9.544   9.951   -4.163  1.00 12.66 ? 515  ARG A C   1 
ATOM   127  O O   . ARG A 1 25  ? 9.802   9.017   -3.398  1.00 8.76  ? 515  ARG A O   1 
ATOM   128  C CB  . ARG A 1 25  ? 7.112   10.236  -4.590  1.00 12.55 ? 515  ARG A CB  1 
ATOM   129  C CG  . ARG A 1 25  ? 6.683   9.350   -3.476  1.00 11.50 ? 515  ARG A CG  1 
ATOM   130  C CD  . ARG A 1 25  ? 5.226   9.647   -3.089  1.00 13.57 ? 515  ARG A CD  1 
ATOM   131  N NE  . ARG A 1 25  ? 4.872   9.069   -1.791  1.00 13.49 ? 515  ARG A NE  1 
ATOM   132  C CZ  . ARG A 1 25  ? 4.563   7.803   -1.565  1.00 11.53 ? 515  ARG A CZ  1 
ATOM   133  N NH1 . ARG A 1 25  ? 4.547   6.913   -2.555  1.00 14.90 ? 515  ARG A NH1 1 
ATOM   134  N NH2 . ARG A 1 25  ? 4.315   7.406   -0.325  1.00 11.99 ? 515  ARG A NH2 1 
ATOM   135  N N   . SER A 1 26  ? 10.133  11.143  -4.094  1.00 16.70 ? 516  SER A N   1 
ATOM   136  C CA  . SER A 1 26  ? 11.322  11.407  -3.293  1.00 13.69 ? 516  SER A CA  1 
ATOM   137  C C   . SER A 1 26  ? 10.956  11.709  -1.860  1.00 9.94  ? 516  SER A C   1 
ATOM   138  O O   . SER A 1 26  ? 10.131  12.582  -1.606  1.00 13.96 ? 516  SER A O   1 
ATOM   139  C CB  . SER A 1 26  ? 12.088  12.598  -3.902  1.00 19.12 ? 516  SER A CB  1 
ATOM   140  O OG  . SER A 1 26  ? 13.333  12.782  -3.260  1.00 15.86 ? 516  SER A OG  1 
ATOM   141  N N   . ILE A 1 27  ? 11.545  10.944  -0.950  1.00 7.04  ? 517  ILE A N   1 
ATOM   142  C CA  . ILE A 1 27  ? 11.387  11.036  0.486   1.00 13.74 ? 517  ILE A CA  1 
ATOM   143  C C   . ILE A 1 27  ? 12.764  11.430  1.039   1.00 16.87 ? 517  ILE A C   1 
ATOM   144  O O   . ILE A 1 27  ? 13.720  10.647  0.970   1.00 16.13 ? 517  ILE A O   1 
ATOM   145  C CB  . ILE A 1 27  ? 10.979  9.651   1.075   1.00 14.43 ? 517  ILE A CB  1 
ATOM   146  C CG1 . ILE A 1 27  ? 9.743   9.098   0.353   1.00 21.64 ? 517  ILE A CG1 1 
ATOM   147  C CG2 . ILE A 1 27  ? 10.717  9.712   2.557   1.00 18.18 ? 517  ILE A CG2 1 
ATOM   148  C CD1 . ILE A 1 27  ? 8.570   10.092  0.320   1.00 14.35 ? 517  ILE A CD1 1 
ATOM   149  N N   . ARG A 1 28  ? 12.870  12.637  1.579   1.00 12.68 ? 518  ARG A N   1 
ATOM   150  C CA  . ARG A 1 28  ? 14.100  13.064  2.234   1.00 12.64 ? 518  ARG A CA  1 
ATOM   151  C C   . ARG A 1 28  ? 13.901  13.111  3.736   1.00 16.54 ? 518  ARG A C   1 
ATOM   152  O O   . ARG A 1 28  ? 13.005  13.808  4.244   1.00 10.65 ? 518  ARG A O   1 
ATOM   153  C CB  . ARG A 1 28  ? 14.552  14.432  1.738   1.00 14.99 ? 518  ARG A CB  1 
ATOM   154  C CG  . ARG A 1 28  ? 15.177  14.437  0.350   1.00 25.24 ? 518  ARG A CG  1 
ATOM   155  C CD  . ARG A 1 28  ? 15.799  15.814  0.058   1.00 20.80 ? 518  ARG A CD  1 
ATOM   156  N NE  . ARG A 1 28  ? 16.173  16.008  -1.343  1.00 41.14 ? 518  ARG A NE  1 
ATOM   157  C CZ  . ARG A 1 28  ? 16.582  17.165  -1.871  1.00 45.43 ? 518  ARG A CZ  1 
ATOM   158  N NH1 . ARG A 1 28  ? 16.691  18.261  -1.113  1.00 37.85 ? 518  ARG A NH1 1 
ATOM   159  N NH2 . ARG A 1 28  ? 16.885  17.232  -3.168  1.00 42.79 ? 518  ARG A NH2 1 
ATOM   160  N N   . PHE A 1 29  ? 14.750  12.369  4.434   1.00 13.75 ? 519  PHE A N   1 
ATOM   161  C CA  . PHE A 1 29  ? 14.569  12.110  5.870   1.00 18.34 ? 519  PHE A CA  1 
ATOM   162  C C   . PHE A 1 29  ? 15.883  11.748  6.536   1.00 16.71 ? 519  PHE A C   1 
ATOM   163  O O   . PHE A 1 29  ? 16.892  11.518  5.873   1.00 16.50 ? 519  PHE A O   1 
ATOM   164  C CB  . PHE A 1 29  ? 13.547  10.976  6.096   1.00 16.77 ? 519  PHE A CB  1 
ATOM   165  C CG  . PHE A 1 29  ? 14.018  9.618   5.656   1.00 14.70 ? 519  PHE A CG  1 
ATOM   166  C CD1 . PHE A 1 29  ? 14.419  8.674   6.588   1.00 13.46 ? 519  PHE A CD1 1 
ATOM   167  C CD2 . PHE A 1 29  ? 14.044  9.273   4.312   1.00 13.23 ? 519  PHE A CD2 1 
ATOM   168  C CE1 . PHE A 1 29  ? 14.849  7.421   6.179   1.00 10.55 ? 519  PHE A CE1 1 
ATOM   169  C CE2 . PHE A 1 29  ? 14.479  8.042   3.908   1.00 15.85 ? 519  PHE A CE2 1 
ATOM   170  C CZ  . PHE A 1 29  ? 14.864  7.100   4.851   1.00 14.52 ? 519  PHE A CZ  1 
ATOM   171  N N   . THR A 1 30  ? 15.836  11.670  7.862   1.00 19.17 ? 520  THR A N   1 
ATOM   172  C CA  . THR A 1 30  ? 16.990  11.341  8.670   1.00 19.80 ? 520  THR A CA  1 
ATOM   173  C C   . THR A 1 30  ? 16.559  10.221  9.604   1.00 21.05 ? 520  THR A C   1 
ATOM   174  O O   . THR A 1 30  ? 15.370  10.121  9.923   1.00 21.02 ? 520  THR A O   1 
ATOM   175  C CB  . THR A 1 30  ? 17.424  12.561  9.479   1.00 20.96 ? 520  THR A CB  1 
ATOM   176  O OG1 . THR A 1 30  ? 16.321  12.996  10.289  1.00 29.13 ? 520  THR A OG1 1 
ATOM   177  C CG2 . THR A 1 30  ? 17.878  13.694  8.536   1.00 15.47 ? 520  THR A CG2 1 
ATOM   178  N N   . ALA A 1 31  ? 17.489  9.321   9.919   1.00 22.98 ? 521  ALA A N   1 
ATOM   179  C CA  . ALA A 1 31  ? 17.320  8.348   10.996  1.00 20.70 ? 521  ALA A CA  1 
ATOM   180  C C   . ALA A 1 31  ? 17.830  9.095   12.202  1.00 22.04 ? 521  ALA A C   1 
ATOM   181  O O   . ALA A 1 31  ? 19.004  9.015   12.551  1.00 23.40 ? 521  ALA A O   1 
ATOM   182  C CB  . ALA A 1 31  ? 18.135  7.093   10.755  1.00 22.97 ? 521  ALA A CB  1 
ATOM   183  N N   . GLU A 1 32  ? 16.943  9.891   12.779  1.00 22.00 ? 522  GLU A N   1 
ATOM   184  C CA  . GLU A 1 32  ? 17.272  10.719  13.920  1.00 25.62 ? 522  GLU A CA  1 
ATOM   185  C C   . GLU A 1 32  ? 17.791  9.810   15.014  1.00 28.21 ? 522  GLU A C   1 
ATOM   186  O O   . GLU A 1 32  ? 17.106  8.845   15.414  1.00 30.60 ? 522  GLU A O   1 
ATOM   187  C CB  . GLU A 1 32  ? 16.036  11.488  14.411  1.00 28.51 ? 522  GLU A CB  1 
ATOM   188  C CG  . GLU A 1 32  ? 15.162  12.087  13.306  1.00 24.87 ? 522  GLU A CG  1 
ATOM   189  N N   . GLU A 1 33  ? 19.016  10.092  15.452  1.00 22.71 ? 523  GLU A N   1 
ATOM   190  C CA  . GLU A 1 33  ? 19.664  9.379   16.535  1.00 27.90 ? 523  GLU A CA  1 
ATOM   191  C C   . GLU A 1 33  ? 19.971  7.918   16.164  1.00 26.35 ? 523  GLU A C   1 
ATOM   192  O O   . GLU A 1 33  ? 20.057  7.077   17.044  1.00 27.80 ? 523  GLU A O   1 
ATOM   193  C CB  . GLU A 1 33  ? 18.834  9.507   17.843  1.00 29.25 ? 523  GLU A CB  1 
ATOM   194  C CG  . GLU A 1 33  ? 18.452  10.987  18.200  1.00 28.90 ? 523  GLU A CG  1 
ATOM   195  C CD  . GLU A 1 33  ? 17.384  11.154  19.302  1.00 38.53 ? 523  GLU A CD  1 
ATOM   196  O OE1 . GLU A 1 33  ? 17.062  10.205  20.065  1.00 28.41 ? 523  GLU A OE1 1 
ATOM   197  O OE2 . GLU A 1 33  ? 16.862  12.286  19.417  1.00 38.70 ? 523  GLU A OE2 1 
ATOM   198  N N   . GLY A 1 34  ? 20.160  7.640   14.867  1.00 23.55 ? 524  GLY A N   1 
ATOM   199  C CA  . GLY A 1 34  ? 20.442  6.274   14.353  1.00 18.84 ? 524  GLY A CA  1 
ATOM   200  C C   . GLY A 1 34  ? 19.200  5.450   13.968  1.00 17.07 ? 524  GLY A C   1 
ATOM   201  O O   . GLY A 1 34  ? 19.256  4.527   13.140  1.00 16.30 ? 524  GLY A O   1 
ATOM   202  N N   . ASP A 1 35  ? 18.079  5.819   14.566  1.00 11.93 ? 525  ASP A N   1 
ATOM   203  C CA  . ASP A 1 35  ? 16.825  5.102   14.511  1.00 13.24 ? 525  ASP A CA  1 
ATOM   204  C C   . ASP A 1 35  ? 16.004  5.428   13.234  1.00 15.09 ? 525  ASP A C   1 
ATOM   205  O O   . ASP A 1 35  ? 15.428  6.519   13.099  1.00 9.88  ? 525  ASP A O   1 
ATOM   206  C CB  . ASP A 1 35  ? 16.049  5.517   15.745  1.00 12.25 ? 525  ASP A CB  1 
ATOM   207  C CG  . ASP A 1 35  ? 14.857  4.657   16.025  1.00 19.52 ? 525  ASP A CG  1 
ATOM   208  O OD1 . ASP A 1 35  ? 14.242  4.910   17.082  1.00 39.33 ? 525  ASP A OD1 1 
ATOM   209  O OD2 . ASP A 1 35  ? 14.518  3.757   15.224  1.00 27.24 ? 525  ASP A OD2 1 
ATOM   210  N N   . LEU A 1 36  ? 15.900  4.453   12.335  1.00 8.30  ? 526  LEU A N   1 
ATOM   211  C CA  . LEU A 1 36  ? 15.275  4.664   11.029  1.00 9.32  ? 526  LEU A CA  1 
ATOM   212  C C   . LEU A 1 36  ? 13.768  4.911   11.133  1.00 8.74  ? 526  LEU A C   1 
ATOM   213  O O   . LEU A 1 36  ? 13.208  5.675   10.353  1.00 14.33 ? 526  LEU A O   1 
ATOM   214  C CB  . LEU A 1 36  ? 15.561  3.454   10.131  1.00 13.37 ? 526  LEU A CB  1 
ATOM   215  C CG  . LEU A 1 36  ? 15.277  3.524   8.621   1.00 20.97 ? 526  LEU A CG  1 
ATOM   216  C CD1 . LEU A 1 36  ? 16.370  4.254   7.872   1.00 15.97 ? 526  LEU A CD1 1 
ATOM   217  C CD2 . LEU A 1 36  ? 15.161  2.111   8.035   1.00 12.00 ? 526  LEU A CD2 1 
ATOM   218  N N   . GLY A 1 37  ? 13.130  4.276   12.119  1.00 10.09 ? 527  GLY A N   1 
ATOM   219  C CA  . GLY A 1 37  ? 11.707  4.440   12.398  1.00 15.16 ? 527  GLY A CA  1 
ATOM   220  C C   . GLY A 1 37  ? 10.780  3.558   11.591  1.00 14.92 ? 527  GLY A C   1 
ATOM   221  O O   . GLY A 1 37  ? 9.571   3.735   11.667  1.00 11.96 ? 527  GLY A O   1 
ATOM   222  N N   . PHE A 1 38  ? 11.347  2.660   10.775  1.00 6.57  ? 528  PHE A N   1 
ATOM   223  C CA  . PHE A 1 38  ? 10.541  1.647   10.064  1.00 6.52  ? 528  PHE A CA  1 
ATOM   224  C C   . PHE A 1 38  ? 11.269  0.338   9.913   1.00 6.18  ? 528  PHE A C   1 
ATOM   225  O O   . PHE A 1 38  ? 12.478  0.332   9.944   1.00 6.57  ? 528  PHE A O   1 
ATOM   226  C CB  . PHE A 1 38  ? 10.051  2.133   8.676   1.00 6.98  ? 528  PHE A CB  1 
ATOM   227  C CG  . PHE A 1 38  ? 11.107  2.726   7.805   1.00 7.47  ? 528  PHE A CG  1 
ATOM   228  C CD1 . PHE A 1 38  ? 11.750  1.943   6.840   1.00 11.65 ? 528  PHE A CD1 1 
ATOM   229  C CD2 . PHE A 1 38  ? 11.425  4.068   7.878   1.00 10.95 ? 528  PHE A CD2 1 
ATOM   230  C CE1 . PHE A 1 38  ? 12.687  2.477   6.000   1.00 14.84 ? 528  PHE A CE1 1 
ATOM   231  C CE2 . PHE A 1 38  ? 12.395  4.607   7.021   1.00 9.67  ? 528  PHE A CE2 1 
ATOM   232  C CZ  . PHE A 1 38  ? 13.018  3.812   6.091   1.00 17.80 ? 528  PHE A CZ  1 
ATOM   233  N N   . THR A 1 39  ? 10.512  -0.759  9.774   1.00 5.51  ? 529  THR A N   1 
ATOM   234  C CA  . THR A 1 39  ? 11.094  -2.047  9.385   1.00 4.94  ? 529  THR A CA  1 
ATOM   235  C C   . THR A 1 39  ? 10.862  -2.271  7.911   1.00 8.20  ? 529  THR A C   1 
ATOM   236  O O   . THR A 1 39  ? 10.118  -1.547  7.268   1.00 3.79  ? 529  THR A O   1 
ATOM   237  C CB  . THR A 1 39  ? 10.548  -3.259  10.133  1.00 3.56  ? 529  THR A CB  1 
ATOM   238  O OG1 . THR A 1 39  ? 9.173   -3.444  9.807   1.00 9.18  ? 529  THR A OG1 1 
ATOM   239  C CG2 . THR A 1 39  ? 10.791  -3.103  11.691  1.00 5.97  ? 529  THR A CG2 1 
ATOM   240  N N   . LEU A 1 40  ? 11.531  -3.286  7.388   1.00 4.92  ? 530  LEU A N   1 
ATOM   241  C CA  . LEU A 1 40  ? 11.535  -3.580  5.999   1.00 5.70  ? 530  LEU A CA  1 
ATOM   242  C C   . LEU A 1 40  ? 11.159  -5.057  5.817   1.00 2.99  ? 530  LEU A C   1 
ATOM   243  O O   . LEU A 1 40  ? 11.349  -5.874  6.714   1.00 2.78  ? 530  LEU A O   1 
ATOM   244  C CB  . LEU A 1 40  ? 12.925  -3.378  5.449   1.00 5.94  ? 530  LEU A CB  1 
ATOM   245  C CG  . LEU A 1 40  ? 13.482  -1.939  5.476   1.00 9.86  ? 530  LEU A CG  1 
ATOM   246  C CD1 . LEU A 1 40  ? 14.955  -1.969  5.086   1.00 16.47 ? 530  LEU A CD1 1 
ATOM   247  C CD2 . LEU A 1 40  ? 12.687  -1.070  4.544   1.00 14.42 ? 530  LEU A CD2 1 
ATOM   248  N N   . ARG A 1 41  ? 10.644  -5.373  4.652   1.00 6.93  ? 531  ARG A N   1 
ATOM   249  C CA  . ARG A 1 41  ? 10.127  -6.721  4.363   1.00 10.42 ? 531  ARG A CA  1 
ATOM   250  C C   . ARG A 1 41  ? 10.302  -7.066  2.889   1.00 10.50 ? 531  ARG A C   1 
ATOM   251  O O   . ARG A 1 41  ? 10.251  -6.193  2.049   1.00 8.89  ? 531  ARG A O   1 
ATOM   252  C CB  . ARG A 1 41  ? 8.640   -6.735  4.736   1.00 13.39 ? 531  ARG A CB  1 
ATOM   253  C CG  . ARG A 1 41  ? 7.949   -8.041  4.564   1.00 22.11 ? 531  ARG A CG  1 
ATOM   254  C CD  . ARG A 1 41  ? 6.525   -7.983  5.120   1.00 23.19 ? 531  ARG A CD  1 
ATOM   255  N NE  . ARG A 1 41  ? 5.567   -7.288  4.245   1.00 29.85 ? 531  ARG A NE  1 
ATOM   256  C CZ  . ARG A 1 41  ? 4.260   -7.571  4.172   1.00 35.63 ? 531  ARG A CZ  1 
ATOM   257  N NH1 . ARG A 1 41  ? 3.720   -8.532  4.917   1.00 35.27 ? 531  ARG A NH1 1 
ATOM   258  N NH2 . ARG A 1 41  ? 3.479   -6.892  3.340   1.00 34.88 ? 531  ARG A NH2 1 
ATOM   259  N N   . GLY A 1 42  ? 10.538  -8.341  2.590   1.00 10.62 ? 532  GLY A N   1 
ATOM   260  C CA  . GLY A 1 42  ? 10.635  -8.789  1.218   1.00 10.46 ? 532  GLY A CA  1 
ATOM   261  C C   . GLY A 1 42  ? 11.929  -8.381  0.536   1.00 12.84 ? 532  GLY A C   1 
ATOM   262  O O   . GLY A 1 42  ? 12.814  -7.768  1.151   1.00 10.91 ? 532  GLY A O   1 
ATOM   263  N N   . ASN A 1 43  ? 12.019  -8.729  -0.748  1.00 14.20 ? 533  ASN A N   1 
ATOM   264  C CA  . ASN A 1 43  ? 13.209  -8.553  -1.560  1.00 13.35 ? 533  ASN A CA  1 
ATOM   265  C C   . ASN A 1 43  ? 12.854  -8.064  -2.950  1.00 12.26 ? 533  ASN A C   1 
ATOM   266  O O   . ASN A 1 43  ? 11.887  -8.500  -3.532  1.00 11.06 ? 533  ASN A O   1 
ATOM   267  C CB  . ASN A 1 43  ? 13.945  -9.895  -1.720  1.00 16.16 ? 533  ASN A CB  1 
ATOM   268  C CG  . ASN A 1 43  ? 14.418  -10.466 -0.400  1.00 23.00 ? 533  ASN A CG  1 
ATOM   269  O OD1 . ASN A 1 43  ? 15.295  -9.901  0.265   1.00 17.08 ? 533  ASN A OD1 1 
ATOM   270  N ND2 . ASN A 1 43  ? 13.819  -11.579 0.005   1.00 27.87 ? 533  ASN A ND2 1 
ATOM   271  N N   . ALA A 1 44  ? 13.643  -7.157  -3.488  1.00 11.67 ? 534  ALA A N   1 
ATOM   272  C CA  . ALA A 1 44  ? 13.587  -6.856  -4.921  1.00 11.88 ? 534  ALA A CA  1 
ATOM   273  C C   . ALA A 1 44  ? 12.198  -6.569  -5.510  1.00 12.94 ? 534  ALA A C   1 
ATOM   274  O O   . ALA A 1 44  ? 11.684  -7.350  -6.328  1.00 13.86 ? 534  ALA A O   1 
ATOM   275  C CB  . ALA A 1 44  ? 14.261  -8.008  -5.702  1.00 9.23  ? 534  ALA A CB  1 
ATOM   276  N N   . PRO A 1 45  ? 11.574  -5.455  -5.123  1.00 12.35 ? 535  PRO A N   1 
ATOM   277  C CA  . PRO A 1 45  ? 12.049  -4.466  -4.196  1.00 9.21  ? 535  PRO A CA  1 
ATOM   278  C C   . PRO A 1 45  ? 11.650  -4.807  -2.785  1.00 10.44 ? 535  PRO A C   1 
ATOM   279  O O   . PRO A 1 45  ? 10.747  -5.641  -2.560  1.00 9.70  ? 535  PRO A O   1 
ATOM   280  C CB  . PRO A 1 45  ? 11.333  -3.184  -4.643  1.00 11.87 ? 535  PRO A CB  1 
ATOM   281  C CG  . PRO A 1 45  ? 10.055  -3.661  -5.193  1.00 24.61 ? 535  PRO A CG  1 
ATOM   282  C CD  . PRO A 1 45  ? 10.256  -5.092  -5.666  1.00 16.13 ? 535  PRO A CD  1 
ATOM   283  N N   . VAL A 1 46  ? 12.326  -4.142  -1.856  1.00 5.95  ? 536  VAL A N   1 
ATOM   284  C CA  . VAL A 1 46  ? 12.037  -4.219  -0.437  1.00 7.94  ? 536  VAL A CA  1 
ATOM   285  C C   . VAL A 1 46  ? 10.916  -3.225  -0.135  1.00 9.36  ? 536  VAL A C   1 
ATOM   286  O O   . VAL A 1 46  ? 10.799  -2.160  -0.757  1.00 11.26 ? 536  VAL A O   1 
ATOM   287  C CB  . VAL A 1 46  ? 13.297  -3.853  0.427   1.00 11.10 ? 536  VAL A CB  1 
ATOM   288  C CG1 . VAL A 1 46  ? 13.002  -3.980  1.883   1.00 7.17  ? 536  VAL A CG1 1 
ATOM   289  C CG2 . VAL A 1 46  ? 14.498  -4.766  0.065   1.00 8.57  ? 536  VAL A CG2 1 
ATOM   290  N N   . GLN A 1 47  ? 10.116  -3.583  0.856   1.00 5.27  ? 537  GLN A N   1 
ATOM   291  C CA  . GLN A 1 47  ? 8.931   -2.830  1.248   1.00 9.07  ? 537  GLN A CA  1 
ATOM   292  C C   . GLN A 1 47  ? 9.068   -2.272  2.655   1.00 10.04 ? 537  GLN A C   1 
ATOM   293  O O   . GLN A 1 47  ? 9.559   -2.948  3.532   1.00 6.94  ? 537  GLN A O   1 
ATOM   294  C CB  . GLN A 1 47  ? 7.734   -3.811  1.219   1.00 13.99 ? 537  GLN A CB  1 
ATOM   295  C CG  . GLN A 1 47  ? 6.383   -3.174  1.138   1.00 23.92 ? 537  GLN A CG  1 
ATOM   296  C CD  . GLN A 1 47  ? 5.301   -4.183  0.801   1.00 31.11 ? 537  GLN A CD  1 
ATOM   297  O OE1 . GLN A 1 47  ? 5.322   -5.319  1.275   1.00 26.11 ? 537  GLN A OE1 1 
ATOM   298  N NE2 . GLN A 1 47  ? 4.355   -3.773  -0.022  1.00 25.40 ? 537  GLN A NE2 1 
ATOM   299  N N   . VAL A 1 48  ? 8.610   -1.040  2.866   1.00 5.91  ? 538  VAL A N   1 
ATOM   300  C CA  . VAL A 1 48  ? 8.401   -0.485  4.208   1.00 6.35  ? 538  VAL A CA  1 
ATOM   301  C C   . VAL A 1 48  ? 7.252   -1.212  4.912   1.00 13.85 ? 538  VAL A C   1 
ATOM   302  O O   . VAL A 1 48  ? 6.149   -1.307  4.368   1.00 13.68 ? 538  VAL A O   1 
ATOM   303  C CB  . VAL A 1 48  ? 7.988   0.991   4.103   1.00 10.25 ? 538  VAL A CB  1 
ATOM   304  C CG1 . VAL A 1 48  ? 7.699   1.566   5.447   1.00 8.08  ? 538  VAL A CG1 1 
ATOM   305  C CG2 . VAL A 1 48  ? 9.074   1.772   3.404   1.00 8.13  ? 538  VAL A CG2 1 
ATOM   306  N N   . HIS A 1 49  ? 7.497   -1.744  6.107   1.00 11.87 ? 539  HIS A N   1 
ATOM   307  C CA  . HIS A 1 49  ? 6.484   -2.505  6.804   1.00 5.83  ? 539  HIS A CA  1 
ATOM   308  C C   . HIS A 1 49  ? 6.006   -1.674  7.979   1.00 6.96  ? 539  HIS A C   1 
ATOM   309  O O   . HIS A 1 49  ? 5.203   -0.761  7.761   1.00 11.73 ? 539  HIS A O   1 
ATOM   310  C CB  . HIS A 1 49  ? 6.979   -3.895  7.155   1.00 10.38 ? 539  HIS A CB  1 
ATOM   311  C CG  . HIS A 1 49  ? 5.895   -4.836  7.569   1.00 12.65 ? 539  HIS A CG  1 
ATOM   312  N ND1 . HIS A 1 49  ? 4.940   -5.298  6.693   1.00 13.15 ? 539  HIS A ND1 1 
ATOM   313  C CD2 . HIS A 1 49  ? 5.632   -5.426  8.759   1.00 15.83 ? 539  HIS A CD2 1 
ATOM   314  C CE1 . HIS A 1 49  ? 4.132   -6.129  7.330   1.00 15.03 ? 539  HIS A CE1 1 
ATOM   315  N NE2 . HIS A 1 49  ? 4.536   -6.230  8.584   1.00 15.67 ? 539  HIS A NE2 1 
ATOM   316  N N   . PHE A 1 50  ? 6.481   -1.940  9.194   1.00 7.95  ? 540  PHE A N   1 
ATOM   317  C CA  . PHE A 1 50  ? 6.162   -1.075  10.336  1.00 6.47  ? 540  PHE A CA  1 
ATOM   318  C C   . PHE A 1 50  ? 6.692   0.329   10.107  1.00 4.81  ? 540  PHE A C   1 
ATOM   319  O O   . PHE A 1 50  ? 7.795   0.490   9.623   1.00 6.86  ? 540  PHE A O   1 
ATOM   320  C CB  . PHE A 1 50  ? 6.725   -1.625  11.656  1.00 6.99  ? 540  PHE A CB  1 
ATOM   321  C CG  . PHE A 1 50  ? 6.820   -0.580  12.732  1.00 7.87  ? 540  PHE A CG  1 
ATOM   322  C CD1 . PHE A 1 50  ? 5.715   -0.270  13.525  1.00 12.76 ? 540  PHE A CD1 1 
ATOM   323  C CD2 . PHE A 1 50  ? 7.985   0.165   12.877  1.00 8.27  ? 540  PHE A CD2 1 
ATOM   324  C CE1 . PHE A 1 50  ? 5.789   0.756   14.497  1.00 7.24  ? 540  PHE A CE1 1 
ATOM   325  C CE2 . PHE A 1 50  ? 8.074   1.171   13.843  1.00 10.71 ? 540  PHE A CE2 1 
ATOM   326  C CZ  . PHE A 1 50  ? 6.979   1.467   14.639  1.00 10.19 ? 540  PHE A CZ  1 
ATOM   327  N N   . LEU A 1 51  ? 5.924   1.357   10.470  1.00 4.83  ? 541  LEU A N   1 
ATOM   328  C CA  . LEU A 1 51  ? 6.383   2.696   10.276  1.00 4.97  ? 541  LEU A CA  1 
ATOM   329  C C   . LEU A 1 51  ? 5.879   3.517   11.428  1.00 7.12  ? 541  LEU A C   1 
ATOM   330  O O   . LEU A 1 51  ? 4.677   3.552   11.699  1.00 8.83  ? 541  LEU A O   1 
ATOM   331  C CB  . LEU A 1 51  ? 5.873   3.255   8.935   1.00 6.54  ? 541  LEU A CB  1 
ATOM   332  C CG  . LEU A 1 51  ? 6.126   4.738   8.622   1.00 13.56 ? 541  LEU A CG  1 
ATOM   333  C CD1 . LEU A 1 51  ? 7.590   4.993   8.407   1.00 9.86  ? 541  LEU A CD1 1 
ATOM   334  C CD2 . LEU A 1 51  ? 5.327   5.208   7.392   1.00 12.10 ? 541  LEU A CD2 1 
ATOM   335  N N   . ASP A 1 52  ? 6.816   4.116   12.138  1.00 8.49  ? 542  ASP A N   1 
ATOM   336  C CA  . ASP A 1 52  ? 6.502   5.009   13.264  1.00 5.33  ? 542  ASP A CA  1 
ATOM   337  C C   . ASP A 1 52  ? 5.961   6.289   12.654  1.00 10.68 ? 542  ASP A C   1 
ATOM   338  O O   . ASP A 1 52  ? 6.651   6.920   11.833  1.00 6.94  ? 542  ASP A O   1 
ATOM   339  C CB  . ASP A 1 52  ? 7.771   5.230   14.065  1.00 6.30  ? 542  ASP A CB  1 
ATOM   340  C CG  . ASP A 1 52  ? 7.588   6.156   15.281  1.00 13.33 ? 542  ASP A CG  1 
ATOM   341  O OD1 . ASP A 1 52  ? 6.573   6.877   15.376  1.00 10.16 ? 542  ASP A OD1 1 
ATOM   342  O OD2 . ASP A 1 52  ? 8.488   6.158   16.144  1.00 17.78 ? 542  ASP A OD2 1 
ATOM   343  N N   . PRO A 1 53  ? 4.721   6.670   13.031  1.00 9.06  ? 543  PRO A N   1 
ATOM   344  C CA  . PRO A 1 53  ? 4.137   7.869   12.451  1.00 8.74  ? 543  PRO A CA  1 
ATOM   345  C C   . PRO A 1 53  ? 4.860   9.160   12.830  1.00 13.21 ? 543  PRO A C   1 
ATOM   346  O O   . PRO A 1 53  ? 4.767   10.149  12.096  1.00 14.37 ? 543  PRO A O   1 
ATOM   347  C CB  . PRO A 1 53  ? 2.700   7.858   12.986  1.00 10.17 ? 543  PRO A CB  1 
ATOM   348  C CG  . PRO A 1 53  ? 2.718   7.025   14.163  1.00 14.92 ? 543  PRO A CG  1 
ATOM   349  C CD  . PRO A 1 53  ? 3.729   5.943   13.834  1.00 11.11 ? 543  PRO A CD  1 
ATOM   350  N N   . TYR A 1 54  ? 5.575   9.141   13.953  1.00 11.20 ? 544  TYR A N   1 
ATOM   351  C CA  . TYR A 1 54  ? 6.364   10.291  14.387  1.00 11.92 ? 544  TYR A CA  1 
ATOM   352  C C   . TYR A 1 54  ? 7.710   10.441  13.668  1.00 12.14 ? 544  TYR A C   1 
ATOM   353  O O   . TYR A 1 54  ? 8.284   11.530  13.682  1.00 16.07 ? 544  TYR A O   1 
ATOM   354  C CB  . TYR A 1 54  ? 6.576   10.212  15.901  1.00 14.11 ? 544  TYR A CB  1 
ATOM   355  C CG  . TYR A 1 54  ? 5.291   10.233  16.671  1.00 11.95 ? 544  TYR A CG  1 
ATOM   356  C CD1 . TYR A 1 54  ? 4.608   11.422  16.883  1.00 22.79 ? 544  TYR A CD1 1 
ATOM   357  C CD2 . TYR A 1 54  ? 4.757   9.064   17.208  1.00 18.21 ? 544  TYR A CD2 1 
ATOM   358  C CE1 . TYR A 1 54  ? 3.429   11.445  17.607  1.00 22.04 ? 544  TYR A CE1 1 
ATOM   359  C CE2 . TYR A 1 54  ? 3.594   9.080   17.940  1.00 15.61 ? 544  TYR A CE2 1 
ATOM   360  C CZ  . TYR A 1 54  ? 2.924   10.274  18.133  1.00 17.34 ? 544  TYR A CZ  1 
ATOM   361  O OH  . TYR A 1 54  ? 1.755   10.291  18.853  1.00 25.37 ? 544  TYR A OH  1 
ATOM   362  N N   . CYS A 1 55  ? 8.213   9.381   13.022  1.00 13.36 ? 545  CYS A N   1 
ATOM   363  C CA  . CYS A 1 55  ? 9.553   9.452   12.440  1.00 10.66 ? 545  CYS A CA  1 
ATOM   364  C C   . CYS A 1 55  ? 9.578   10.343  11.207  1.00 11.57 ? 545  CYS A C   1 
ATOM   365  O O   . CYS A 1 55  ? 8.541   10.580  10.583  1.00 11.26 ? 545  CYS A O   1 
ATOM   366  C CB  . CYS A 1 55  ? 10.115  8.066   12.122  1.00 11.59 ? 545  CYS A CB  1 
ATOM   367  S SG  . CYS A 1 55  ? 9.547   7.319   10.620  1.00 12.68 ? 545  CYS A SG  1 
ATOM   368  N N   . SER A 1 56  ? 10.767  10.858  10.879  1.00 10.98 ? 546  SER A N   1 
ATOM   369  C CA  . SER A 1 56  ? 10.926  11.783  9.753   1.00 9.32  ? 546  SER A CA  1 
ATOM   370  C C   . SER A 1 56  ? 10.552  11.162  8.395   1.00 12.61 ? 546  SER A C   1 
ATOM   371  O O   . SER A 1 56  ? 10.060  11.848  7.514   1.00 15.37 ? 546  SER A O   1 
ATOM   372  C CB  . SER A 1 56  ? 12.358  12.348  9.693   1.00 11.44 ? 546  SER A CB  1 
ATOM   373  O OG  . SER A 1 56  ? 13.304  11.315  9.524   1.00 18.91 ? 546  SER A OG  1 
ATOM   374  N N   . ALA A 1 57  ? 10.785  9.867   8.223   1.00 14.93 ? 547  ALA A N   1 
ATOM   375  C CA  . ALA A 1 57  ? 10.358  9.197   7.002   1.00 13.43 ? 547  ALA A CA  1 
ATOM   376  C C   . ALA A 1 57  ? 8.837   9.303   6.849   1.00 11.01 ? 547  ALA A C   1 
ATOM   377  O O   . ALA A 1 57  ? 8.341   9.566   5.762   1.00 8.45  ? 547  ALA A O   1 
ATOM   378  C CB  . ALA A 1 57  ? 10.811  7.732   7.005   1.00 15.31 ? 547  ALA A CB  1 
ATOM   379  N N   . SER A 1 58  ? 8.091   9.123   7.938   1.00 8.16  ? 548  SER A N   1 
ATOM   380  C CA  . SER A 1 58  ? 6.642   9.219   7.869   1.00 8.57  ? 548  SER A CA  1 
ATOM   381  C C   . SER A 1 58  ? 6.210   10.647  7.578   1.00 9.68  ? 548  SER A C   1 
ATOM   382  O O   . SER A 1 58  ? 5.387   10.896  6.675   1.00 10.39 ? 548  SER A O   1 
ATOM   383  C CB  . SER A 1 58  ? 6.010   8.747   9.182   1.00 11.25 ? 548  SER A CB  1 
ATOM   384  O OG  . SER A 1 58  ? 4.622   8.609   9.007   1.00 11.13 ? 548  SER A OG  1 
ATOM   385  N N   . VAL A 1 59  ? 6.765   11.592  8.337   1.00 10.50 ? 549  VAL A N   1 
ATOM   386  C CA  . VAL A 1 59  ? 6.458   13.001  8.148   1.00 12.45 ? 549  VAL A CA  1 
ATOM   387  C C   . VAL A 1 59  ? 6.713   13.428  6.698   1.00 14.91 ? 549  VAL A C   1 
ATOM   388  O O   . VAL A 1 59  ? 6.001   14.266  6.166   1.00 12.37 ? 549  VAL A O   1 
ATOM   389  C CB  . VAL A 1 59  ? 7.245   13.898  9.143   1.00 14.07 ? 549  VAL A CB  1 
ATOM   390  C CG1 . VAL A 1 59  ? 7.167   15.356  8.736   1.00 15.68 ? 549  VAL A CG1 1 
ATOM   391  C CG2 . VAL A 1 59  ? 6.708   13.687  10.573  1.00 16.60 ? 549  VAL A CG2 1 
ATOM   392  N N   . ALA A 1 60  ? 7.696   12.803  6.063   1.00 17.15 ? 550  ALA A N   1 
ATOM   393  C CA  . ALA A 1 60  ? 8.039   13.067  4.668   1.00 16.87 ? 550  ALA A CA  1 
ATOM   394  C C   . ALA A 1 60  ? 7.131   12.357  3.661   1.00 14.77 ? 550  ALA A C   1 
ATOM   395  O O   . ALA A 1 60  ? 7.227   12.620  2.459   1.00 19.82 ? 550  ALA A O   1 
ATOM   396  C CB  . ALA A 1 60  ? 9.527   12.717  4.427   1.00 11.83 ? 550  ALA A CB  1 
ATOM   397  N N   . GLY A 1 61  ? 6.277   11.445  4.142   1.00 12.15 ? 551  GLY A N   1 
ATOM   398  C CA  . GLY A 1 61  ? 5.215   10.830  3.343   1.00 10.09 ? 551  GLY A CA  1 
ATOM   399  C C   . GLY A 1 61  ? 5.434   9.368   2.968   1.00 11.57 ? 551  GLY A C   1 
ATOM   400  O O   . GLY A 1 61  ? 4.674   8.803   2.224   1.00 10.40 ? 551  GLY A O   1 
ATOM   401  N N   . ALA A 1 62  ? 6.480   8.754   3.500   1.00 13.15 ? 552  ALA A N   1 
ATOM   402  C CA  . ALA A 1 62  ? 6.617   7.313   3.415   1.00 12.33 ? 552  ALA A CA  1 
ATOM   403  C C   . ALA A 1 62  ? 5.397   6.707   4.097   1.00 12.73 ? 552  ALA A C   1 
ATOM   404  O O   . ALA A 1 62  ? 4.895   7.275   5.071   1.00 12.12 ? 552  ALA A O   1 
ATOM   405  C CB  . ALA A 1 62  ? 7.897   6.860   4.100   1.00 14.36 ? 552  ALA A CB  1 
ATOM   406  N N   . ARG A 1 63  ? 4.901   5.597   3.542   1.00 12.54 ? 553  ARG A N   1 
ATOM   407  C CA  . ARG A 1 63  ? 3.785   4.835   4.119   1.00 11.89 ? 553  ARG A CA  1 
ATOM   408  C C   . ARG A 1 63  ? 4.044   3.334   4.157   1.00 9.97  ? 553  ARG A C   1 
ATOM   409  O O   . ARG A 1 63  ? 4.842   2.795   3.398   1.00 12.08 ? 553  ARG A O   1 
ATOM   410  C CB  . ARG A 1 63  ? 2.491   5.089   3.331   1.00 13.87 ? 553  ARG A CB  1 
ATOM   411  C CG  . ARG A 1 63  ? 2.017   6.527   3.389   1.00 19.04 ? 553  ARG A CG  1 
ATOM   412  C CD  . ARG A 1 63  ? 1.640   6.926   4.811   1.00 30.39 ? 553  ARG A CD  1 
ATOM   413  N NE  . ARG A 1 63  ? 1.158   8.307   4.876   1.00 26.51 ? 553  ARG A NE  1 
ATOM   414  C CZ  . ARG A 1 63  ? 1.893   9.372   5.197   1.00 35.87 ? 553  ARG A CZ  1 
ATOM   415  N NH1 . ARG A 1 63  ? 3.179   9.259   5.497   1.00 25.23 ? 553  ARG A NH1 1 
ATOM   416  N NH2 . ARG A 1 63  ? 1.333   10.575  5.225   1.00 22.22 ? 553  ARG A NH2 1 
ATOM   417  N N   . GLU A 1 64  ? 3.344   2.670   5.072   1.00 10.18 ? 554  GLU A N   1 
ATOM   418  C CA  . GLU A 1 64  ? 3.378   1.222   5.148   1.00 10.68 ? 554  GLU A CA  1 
ATOM   419  C C   . GLU A 1 64  ? 3.034   0.618   3.785   1.00 11.56 ? 554  GLU A C   1 
ATOM   420  O O   . GLU A 1 64  ? 2.101   1.058   3.096   1.00 10.20 ? 554  GLU A O   1 
ATOM   421  C CB  . GLU A 1 64  ? 2.416   0.701   6.218   1.00 13.05 ? 554  GLU A CB  1 
ATOM   422  C CG  . GLU A 1 64  ? 2.644   1.285   7.595   1.00 10.97 ? 554  GLU A CG  1 
ATOM   423  C CD  . GLU A 1 64  ? 1.869   2.578   7.863   1.00 28.43 ? 554  GLU A CD  1 
ATOM   424  O OE1 . GLU A 1 64  ? 1.585   3.360   6.920   1.00 25.67 ? 554  GLU A OE1 1 
ATOM   425  O OE2 . GLU A 1 64  ? 1.564   2.824   9.051   1.00 22.55 ? 554  GLU A OE2 1 
ATOM   426  N N   . GLY A 1 65  ? 3.804   -0.384  3.388   1.00 7.88  ? 555  GLY A N   1 
ATOM   427  C CA  . GLY A 1 65  ? 3.598   -1.031  2.116   1.00 9.91  ? 555  GLY A CA  1 
ATOM   428  C C   . GLY A 1 65  ? 4.323   -0.399  0.950   1.00 10.19 ? 555  GLY A C   1 
ATOM   429  O O   . GLY A 1 65  ? 4.410   -1.016  -0.093  1.00 9.63  ? 555  GLY A O   1 
ATOM   430  N N   . ASP A 1 66  ? 4.866   0.807   1.105   1.00 11.32 ? 556  ASP A N   1 
ATOM   431  C CA  . ASP A 1 66  ? 5.661   1.417   0.012   1.00 6.19  ? 556  ASP A CA  1 
ATOM   432  C C   . ASP A 1 66  ? 6.868   0.573   -0.385  1.00 6.58  ? 556  ASP A C   1 
ATOM   433  O O   . ASP A 1 66  ? 7.521   -0.053  0.443   1.00 9.68  ? 556  ASP A O   1 
ATOM   434  C CB  . ASP A 1 66  ? 6.124   2.823   0.374   1.00 6.85  ? 556  ASP A CB  1 
ATOM   435  C CG  . ASP A 1 66  ? 4.995   3.833   0.344   1.00 13.88 ? 556  ASP A CG  1 
ATOM   436  O OD1 . ASP A 1 66  ? 3.871   3.473   -0.064  1.00 17.57 ? 556  ASP A OD1 1 
ATOM   437  O OD2 . ASP A 1 66  ? 5.227   4.976   0.769   1.00 15.36 ? 556  ASP A OD2 1 
ATOM   438  N N   . TYR A 1 67  ? 7.149   0.555   -1.678  1.00 2.85  ? 557  TYR A N   1 
ATOM   439  C CA  . TYR A 1 67  ? 8.320   -0.143  -2.173  1.00 4.45  ? 557  TYR A CA  1 
ATOM   440  C C   . TYR A 1 67  ? 9.456   0.840   -2.429  1.00 3.40  ? 557  TYR A C   1 
ATOM   441  O O   . TYR A 1 67  ? 9.250   1.856   -3.088  1.00 9.91  ? 557  TYR A O   1 
ATOM   442  C CB  . TYR A 1 67  ? 7.995   -0.830  -3.484  1.00 8.95  ? 557  TYR A CB  1 
ATOM   443  C CG  . TYR A 1 67  ? 6.859   -1.806  -3.364  1.00 9.53  ? 557  TYR A CG  1 
ATOM   444  C CD1 . TYR A 1 67  ? 7.092   -3.127  -3.017  1.00 21.00 ? 557  TYR A CD1 1 
ATOM   445  C CD2 . TYR A 1 67  ? 5.538   -1.402  -3.598  1.00 12.75 ? 557  TYR A CD2 1 
ATOM   446  C CE1 . TYR A 1 67  ? 6.044   -4.031  -2.912  1.00 28.02 ? 557  TYR A CE1 1 
ATOM   447  C CE2 . TYR A 1 67  ? 4.493   -2.296  -3.498  1.00 20.07 ? 557  TYR A CE2 1 
ATOM   448  C CZ  . TYR A 1 67  ? 4.754   -3.610  -3.155  1.00 24.27 ? 557  TYR A CZ  1 
ATOM   449  O OH  . TYR A 1 67  ? 3.729   -4.510  -3.036  1.00 38.39 ? 557  TYR A OH  1 
ATOM   450  N N   . ILE A 1 68  ? 10.647  0.505   -1.949  1.00 7.18  ? 558  ILE A N   1 
ATOM   451  C CA  . ILE A 1 68  ? 11.822  1.378   -2.086  1.00 5.44  ? 558  ILE A CA  1 
ATOM   452  C C   . ILE A 1 68  ? 12.499  1.059   -3.403  1.00 5.74  ? 558  ILE A C   1 
ATOM   453  O O   . ILE A 1 68  ? 12.934  -0.078  -3.644  1.00 11.73 ? 558  ILE A O   1 
ATOM   454  C CB  . ILE A 1 68  ? 12.836  1.237   -0.926  1.00 9.77  ? 558  ILE A CB  1 
ATOM   455  C CG1 . ILE A 1 68  ? 12.156  1.444   0.438   1.00 6.05  ? 558  ILE A CG1 1 
ATOM   456  C CG2 . ILE A 1 68  ? 14.028  2.276   -1.167  1.00 5.51  ? 558  ILE A CG2 1 
ATOM   457  C CD1 . ILE A 1 68  ? 12.845  0.717   1.631   1.00 9.21  ? 558  ILE A CD1 1 
ATOM   458  N N   . VAL A 1 69  ? 12.557  2.028   -4.287  1.00 5.66  ? 559  VAL A N   1 
ATOM   459  C CA  . VAL A 1 69  ? 13.075  1.733   -5.659  1.00 8.71  ? 559  VAL A CA  1 
ATOM   460  C C   . VAL A 1 69  ? 14.464  2.312   -5.898  1.00 5.70  ? 559  VAL A C   1 
ATOM   461  O O   . VAL A 1 69  ? 15.229  1.835   -6.744  1.00 6.71  ? 559  VAL A O   1 
ATOM   462  C CB  . VAL A 1 69  ? 12.068  2.192   -6.748  1.00 7.09  ? 559  VAL A CB  1 
ATOM   463  C CG1 . VAL A 1 69  ? 10.907  1.187   -6.802  1.00 5.93  ? 559  VAL A CG1 1 
ATOM   464  C CG2 . VAL A 1 69  ? 11.586  3.655   -6.471  1.00 11.03 ? 559  VAL A CG2 1 
ATOM   465  N N   . SER A 1 70  ? 14.821  3.322   -5.108  1.00 4.98  ? 560  SER A N   1 
ATOM   466  C CA  . SER A 1 70  ? 16.167  3.885   -5.172  1.00 5.29  ? 560  SER A CA  1 
ATOM   467  C C   . SER A 1 70  ? 16.487  4.620   -3.867  1.00 12.11 ? 560  SER A C   1 
ATOM   468  O O   . SER A 1 70  ? 15.585  5.051   -3.129  1.00 7.25  ? 560  SER A O   1 
ATOM   469  C CB  . SER A 1 70  ? 16.330  4.804   -6.391  1.00 9.66  ? 560  SER A CB  1 
ATOM   470  O OG  . SER A 1 70  ? 15.444  5.918   -6.355  1.00 7.46  ? 560  SER A OG  1 
ATOM   471  N N   . ILE A 1 71  ? 17.782  4.687   -3.597  1.00 8.88  ? 561  ILE A N   1 
ATOM   472  C CA  . ILE A 1 71  ? 18.364  5.444   -2.503  1.00 5.68  ? 561  ILE A CA  1 
ATOM   473  C C   . ILE A 1 71  ? 19.402  6.321   -3.200  1.00 8.08  ? 561  ILE A C   1 
ATOM   474  O O   . ILE A 1 71  ? 20.367  5.827   -3.789  1.00 6.23  ? 561  ILE A O   1 
ATOM   475  C CB  . ILE A 1 71  ? 18.996  4.538   -1.429  1.00 6.12  ? 561  ILE A CB  1 
ATOM   476  C CG1 . ILE A 1 71  ? 17.921  3.659   -0.721  1.00 6.85  ? 561  ILE A CG1 1 
ATOM   477  C CG2 . ILE A 1 71  ? 19.792  5.436   -0.409  1.00 3.17  ? 561  ILE A CG2 1 
ATOM   478  C CD1 . ILE A 1 71  ? 18.490  2.506   0.091   1.00 2.28  ? 561  ILE A CD1 1 
ATOM   479  N N   . GLN A 1 72  ? 19.171  7.617   -3.175  1.00 6.80  ? 562  GLN A N   1 
ATOM   480  C CA  . GLN A 1 72  ? 19.878  8.549   -4.055  1.00 10.75 ? 562  GLN A CA  1 
ATOM   481  C C   . GLN A 1 72  ? 19.902  7.951   -5.479  1.00 10.12 ? 562  GLN A C   1 
ATOM   482  O O   . GLN A 1 72  ? 18.871  7.571   -5.989  1.00 9.32  ? 562  GLN A O   1 
ATOM   483  C CB  . GLN A 1 72  ? 21.283  8.844   -3.535  1.00 8.13  ? 562  GLN A CB  1 
ATOM   484  C CG  . GLN A 1 72  ? 21.355  9.579   -2.168  1.00 5.71  ? 562  GLN A CG  1 
ATOM   485  C CD  . GLN A 1 72  ? 22.790  9.879   -1.718  1.00 13.47 ? 562  GLN A CD  1 
ATOM   486  O OE1 . GLN A 1 72  ? 23.763  9.392   -2.324  1.00 7.56  ? 562  GLN A OE1 1 
ATOM   487  N NE2 . GLN A 1 72  ? 22.931  10.661  -0.628  1.00 2.00  ? 562  GLN A NE2 1 
ATOM   488  N N   . LEU A 1 73  ? 21.066  7.829   -6.092  1.00 9.05  ? 563  LEU A N   1 
ATOM   489  C CA  . LEU A 1 73  ? 21.120  7.322   -7.457  1.00 12.08 ? 563  LEU A CA  1 
ATOM   490  C C   . LEU A 1 73  ? 21.549  5.857   -7.485  1.00 14.48 ? 563  LEU A C   1 
ATOM   491  O O   . LEU A 1 73  ? 22.028  5.373   -8.514  1.00 10.10 ? 563  LEU A O   1 
ATOM   492  C CB  . LEU A 1 73  ? 22.018  8.219   -8.319  1.00 14.05 ? 563  LEU A CB  1 
ATOM   493  C CG  . LEU A 1 73  ? 21.626  9.710   -8.433  1.00 15.68 ? 563  LEU A CG  1 
ATOM   494  C CD1 . LEU A 1 73  ? 22.554  10.441  -9.392  1.00 16.22 ? 563  LEU A CD1 1 
ATOM   495  C CD2 . LEU A 1 73  ? 20.168  9.917   -8.893  1.00 20.47 ? 563  LEU A CD2 1 
ATOM   496  N N   . VAL A 1 74  ? 21.361  5.152   -6.357  1.00 9.61  ? 564  VAL A N   1 
ATOM   497  C CA  . VAL A 1 74  ? 21.593  3.710   -6.289  1.00 12.78 ? 564  VAL A CA  1 
ATOM   498  C C   . VAL A 1 74  ? 20.259  3.009   -6.492  1.00 11.45 ? 564  VAL A C   1 
ATOM   499  O O   . VAL A 1 74  ? 19.264  3.287   -5.795  1.00 9.23  ? 564  VAL A O   1 
ATOM   500  C CB  . VAL A 1 74  ? 22.238  3.254   -4.927  1.00 13.49 ? 564  VAL A CB  1 
ATOM   501  C CG1 . VAL A 1 74  ? 22.363  1.734   -4.858  1.00 13.38 ? 564  VAL A CG1 1 
ATOM   502  C CG2 . VAL A 1 74  ? 23.644  3.897   -4.759  1.00 13.90 ? 564  VAL A CG2 1 
ATOM   503  N N   . ASP A 1 75  ? 20.222  2.136   -7.488  1.00 9.43  ? 565  ASP A N   1 
ATOM   504  C CA  . ASP A 1 75  ? 19.014  1.402   -7.802  1.00 13.05 ? 565  ASP A CA  1 
ATOM   505  C C   . ASP A 1 75  ? 18.816  0.354   -6.738  1.00 10.62 ? 565  ASP A C   1 
ATOM   506  O O   . ASP A 1 75  ? 19.747  -0.409  -6.439  1.00 7.98  ? 565  ASP A O   1 
ATOM   507  C CB  . ASP A 1 75  ? 19.138  0.743   -9.163  1.00 12.09 ? 565  ASP A CB  1 
ATOM   508  C CG  . ASP A 1 75  ? 17.825  0.149   -9.664  1.00 23.97 ? 565  ASP A CG  1 
ATOM   509  O OD1 . ASP A 1 75  ? 16.771  0.272   -8.995  1.00 16.96 ? 565  ASP A OD1 1 
ATOM   510  O OD2 . ASP A 1 75  ? 17.853  -0.433  -10.763 1.00 27.83 ? 565  ASP A OD2 1 
ATOM   511  N N   . CYS A 1 76  ? 17.601  0.289   -6.194  1.00 8.50  ? 566  CYS A N   1 
ATOM   512  C CA  . CYS A 1 76  ? 17.252  -0.695  -5.146  1.00 9.01  ? 566  CYS A CA  1 
ATOM   513  C C   . CYS A 1 76  ? 16.275  -1.765  -5.589  1.00 9.55  ? 566  CYS A C   1 
ATOM   514  O O   . CYS A 1 76  ? 15.915  -2.668  -4.798  1.00 8.93  ? 566  CYS A O   1 
ATOM   515  C CB  . CYS A 1 76  ? 16.650  0.005   -3.944  1.00 11.20 ? 566  CYS A CB  1 
ATOM   516  S SG  . CYS A 1 76  ? 17.870  0.917   -3.078  1.00 13.91 ? 566  CYS A SG  1 
ATOM   517  N N   . LYS A 1 77  ? 15.842  -1.672  -6.852  1.00 10.19 ? 567  LYS A N   1 
ATOM   518  C CA  . LYS A 1 77  ? 14.763  -2.531  -7.366  1.00 13.81 ? 567  LYS A CA  1 
ATOM   519  C C   . LYS A 1 77  ? 15.097  -3.996  -7.301  1.00 8.07  ? 567  LYS A C   1 
ATOM   520  O O   . LYS A 1 77  ? 14.200  -4.844  -7.088  1.00 11.10 ? 567  LYS A O   1 
ATOM   521  C CB  . LYS A 1 77  ? 14.362  -2.137  -8.807  1.00 15.28 ? 567  LYS A CB  1 
ATOM   522  C CG  . LYS A 1 77  ? 13.360  -0.973  -8.874  1.00 19.59 ? 567  LYS A CG  1 
ATOM   523  C CD  . LYS A 1 77  ? 12.950  -0.672  -10.330 1.00 23.70 ? 567  LYS A CD  1 
ATOM   524  C CE  . LYS A 1 77  ? 13.339  0.715   -10.795 1.00 33.25 ? 567  LYS A CE  1 
ATOM   525  N NZ  . LYS A 1 77  ? 12.366  1.756   -10.285 1.00 29.28 ? 567  LYS A NZ  1 
ATOM   526  N N   . TRP A 1 78  ? 16.374  -4.312  -7.475  1.00 9.07  ? 568  TRP A N   1 
ATOM   527  C CA  . TRP A 1 78  ? 16.823  -5.706  -7.475  1.00 16.26 ? 568  TRP A CA  1 
ATOM   528  C C   . TRP A 1 78  ? 17.581  -6.127  -6.228  1.00 13.44 ? 568  TRP A C   1 
ATOM   529  O O   . TRP A 1 78  ? 18.134  -7.227  -6.181  1.00 16.25 ? 568  TRP A O   1 
ATOM   530  C CB  . TRP A 1 78  ? 17.648  -5.985  -8.720  1.00 19.50 ? 568  TRP A CB  1 
ATOM   531  C CG  . TRP A 1 78  ? 16.945  -5.498  -9.961  1.00 25.13 ? 568  TRP A CG  1 
ATOM   532  C CD1 . TRP A 1 78  ? 16.946  -4.221  -10.459 1.00 25.77 ? 568  TRP A CD1 1 
ATOM   533  C CD2 . TRP A 1 78  ? 16.120  -6.270  -10.837 1.00 30.09 ? 568  TRP A CD2 1 
ATOM   534  N NE1 . TRP A 1 78  ? 16.181  -4.157  -11.595 1.00 36.58 ? 568  TRP A NE1 1 
ATOM   535  C CE2 . TRP A 1 78  ? 15.663  -5.401  -11.851 1.00 37.22 ? 568  TRP A CE2 1 
ATOM   536  C CE3 . TRP A 1 78  ? 15.736  -7.613  -10.872 1.00 34.67 ? 568  TRP A CE3 1 
ATOM   537  C CZ2 . TRP A 1 78  ? 14.839  -5.832  -12.886 1.00 37.04 ? 568  TRP A CZ2 1 
ATOM   538  C CZ3 . TRP A 1 78  ? 14.917  -8.044  -11.902 1.00 41.62 ? 568  TRP A CZ3 1 
ATOM   539  C CH2 . TRP A 1 78  ? 14.478  -7.154  -12.897 1.00 47.04 ? 568  TRP A CH2 1 
ATOM   540  N N   . LEU A 1 79  ? 17.572  -5.289  -5.200  1.00 9.69  ? 569  LEU A N   1 
ATOM   541  C CA  . LEU A 1 79  ? 18.314  -5.575  -3.970  1.00 7.65  ? 569  LEU A CA  1 
ATOM   542  C C   . LEU A 1 79  ? 17.491  -6.415  -2.971  1.00 10.48 ? 569  LEU A C   1 
ATOM   543  O O   . LEU A 1 79  ? 16.246  -6.393  -2.960  1.00 11.12 ? 569  LEU A O   1 
ATOM   544  C CB  . LEU A 1 79  ? 18.771  -4.273  -3.296  1.00 5.73  ? 569  LEU A CB  1 
ATOM   545  C CG  . LEU A 1 79  ? 19.711  -3.363  -4.092  1.00 8.07  ? 569  LEU A CG  1 
ATOM   546  C CD1 . LEU A 1 79  ? 20.201  -2.195  -3.280  1.00 2.00  ? 569  LEU A CD1 1 
ATOM   547  C CD2 . LEU A 1 79  ? 20.932  -4.116  -4.676  1.00 10.51 ? 569  LEU A CD2 1 
ATOM   548  N N   . THR A 1 80  ? 18.198  -7.177  -2.145  1.00 8.43  ? 570  THR A N   1 
ATOM   549  C CA  . THR A 1 80  ? 17.594  -7.875  -1.030  1.00 8.22  ? 570  THR A CA  1 
ATOM   550  C C   . THR A 1 80  ? 17.341  -6.950  0.161   1.00 7.63  ? 570  THR A C   1 
ATOM   551  O O   . THR A 1 80  ? 17.844  -5.812  0.247   1.00 6.37  ? 570  THR A O   1 
ATOM   552  C CB  . THR A 1 80  ? 18.490  -9.027  -0.564  1.00 8.25  ? 570  THR A CB  1 
ATOM   553  O OG1 . THR A 1 80  ? 19.681  -8.479  0.007   1.00 13.88 ? 570  THR A OG1 1 
ATOM   554  C CG2 . THR A 1 80  ? 18.866  -9.964  -1.716  1.00 11.03 ? 570  THR A CG2 1 
ATOM   555  N N   . LEU A 1 81  ? 16.529  -7.448  1.074   1.00 9.52  ? 571  LEU A N   1 
ATOM   556  C CA  . LEU A 1 81  ? 16.286  -6.819  2.353   1.00 6.65  ? 571  LEU A CA  1 
ATOM   557  C C   . LEU A 1 81  ? 17.590  -6.479  3.074   1.00 7.01  ? 571  LEU A C   1 
ATOM   558  O O   . LEU A 1 81  ? 17.790  -5.363  3.531   1.00 5.16  ? 571  LEU A O   1 
ATOM   559  C CB  . LEU A 1 81  ? 15.420  -7.744  3.223   1.00 5.67  ? 571  LEU A CB  1 
ATOM   560  C CG  . LEU A 1 81  ? 15.098  -7.275  4.622   1.00 6.14  ? 571  LEU A CG  1 
ATOM   561  C CD1 . LEU A 1 81  ? 14.383  -5.946  4.558   1.00 15.93 ? 571  LEU A CD1 1 
ATOM   562  C CD2 . LEU A 1 81  ? 14.254  -8.379  5.343   1.00 8.63  ? 571  LEU A CD2 1 
ATOM   563  N N   . SER A 1 82  ? 18.492  -7.452  3.146   1.00 8.84  ? 572  SER A N   1 
ATOM   564  C CA  . SER A 1 82  ? 19.769  -7.280  3.802   1.00 12.99 ? 572  SER A CA  1 
ATOM   565  C C   . SER A 1 82  ? 20.597  -6.143  3.164   1.00 4.35  ? 572  SER A C   1 
ATOM   566  O O   . SER A 1 82  ? 21.164  -5.295  3.863   1.00 5.99  ? 572  SER A O   1 
ATOM   567  C CB  . SER A 1 82  ? 20.552  -8.602  3.712   1.00 12.12 ? 572  SER A CB  1 
ATOM   568  O OG  . SER A 1 82  ? 21.844  -8.430  4.233   1.00 25.35 ? 572  SER A OG  1 
ATOM   569  N N   . GLU A 1 83  ? 20.667  -6.161  1.845   1.00 4.63  ? 573  GLU A N   1 
ATOM   570  C CA  . GLU A 1 83  ? 21.317  -5.100  1.082   1.00 4.36  ? 573  GLU A CA  1 
ATOM   571  C C   . GLU A 1 83  ? 20.726  -3.696  1.269   1.00 5.45  ? 573  GLU A C   1 
ATOM   572  O O   . GLU A 1 83  ? 21.453  -2.702  1.415   1.00 7.39  ? 573  GLU A O   1 
ATOM   573  C CB  . GLU A 1 83  ? 21.324  -5.461  -0.372  1.00 8.82  ? 573  GLU A CB  1 
ATOM   574  C CG  . GLU A 1 83  ? 22.163  -6.687  -0.648  1.00 6.67  ? 573  GLU A CG  1 
ATOM   575  C CD  . GLU A 1 83  ? 22.103  -7.087  -2.103  1.00 23.51 ? 573  GLU A CD  1 
ATOM   576  O OE1 . GLU A 1 83  ? 20.998  -7.165  -2.680  1.00 15.95 ? 573  GLU A OE1 1 
ATOM   577  O OE2 . GLU A 1 83  ? 23.173  -7.314  -2.675  1.00 19.59 ? 573  GLU A OE2 1 
ATOM   578  N N   . VAL A 1 84  ? 19.409  -3.601  1.256   1.00 2.47  ? 574  VAL A N   1 
ATOM   579  C CA  . VAL A 1 84  ? 18.793  -2.293  1.437   1.00 4.64  ? 574  VAL A CA  1 
ATOM   580  C C   . VAL A 1 84  ? 19.073  -1.829  2.852   1.00 6.22  ? 574  VAL A C   1 
ATOM   581  O O   . VAL A 1 84  ? 19.459  -0.702  3.049   1.00 2.49  ? 574  VAL A O   1 
ATOM   582  C CB  . VAL A 1 84  ? 17.307  -2.298  1.147   1.00 8.57  ? 574  VAL A CB  1 
ATOM   583  C CG1 . VAL A 1 84  ? 16.691  -0.912  1.615   1.00 3.11  ? 574  VAL A CG1 1 
ATOM   584  C CG2 . VAL A 1 84  ? 17.092  -2.569  -0.339  1.00 6.34  ? 574  VAL A CG2 1 
ATOM   585  N N   . MET A 1 85  ? 18.949  -2.719  3.836   1.00 9.20  ? 575  MET A N   1 
ATOM   586  C CA  . MET A 1 85  ? 19.320  -2.345  5.209   1.00 5.83  ? 575  MET A CA  1 
ATOM   587  C C   . MET A 1 85  ? 20.750  -1.792  5.325   1.00 7.44  ? 575  MET A C   1 
ATOM   588  O O   . MET A 1 85  ? 20.979  -0.752  5.937   1.00 2.81  ? 575  MET A O   1 
ATOM   589  C CB  A MET A 1 85  ? 19.121  -3.542  6.138   0.50 7.23  ? 575  MET A CB  1 
ATOM   590  C CB  B MET A 1 85  ? 19.175  -3.533  6.154   0.50 7.02  ? 575  MET A CB  1 
ATOM   591  C CG  A MET A 1 85  ? 19.464  -3.283  7.588   0.50 15.41 ? 575  MET A CG  1 
ATOM   592  C CG  B MET A 1 85  ? 17.765  -3.857  6.517   0.50 8.97  ? 575  MET A CG  1 
ATOM   593  S SD  A MET A 1 85  ? 18.787  -4.584  8.628   0.50 18.50 ? 575  MET A SD  1 
ATOM   594  S SD  B MET A 1 85  ? 17.678  -5.314  7.580   0.50 22.29 ? 575  MET A SD  1 
ATOM   595  C CE  A MET A 1 85  ? 17.083  -4.530  8.062   0.50 13.11 ? 575  MET A CE  1 
ATOM   596  C CE  B MET A 1 85  ? 18.783  -4.832  8.911   0.50 20.11 ? 575  MET A CE  1 
ATOM   597  N N   . LYS A 1 86  ? 21.717  -2.489  4.717   1.00 6.91  ? 576  LYS A N   1 
ATOM   598  C CA  . LYS A 1 86  ? 23.106  -2.050  4.760   1.00 4.83  ? 576  LYS A CA  1 
ATOM   599  C C   . LYS A 1 86  ? 23.292  -0.720  4.122   1.00 4.20  ? 576  LYS A C   1 
ATOM   600  O O   . LYS A 1 86  ? 23.929  0.133   4.717   1.00 10.47 ? 576  LYS A O   1 
ATOM   601  C CB  . LYS A 1 86  ? 24.026  -3.093  4.101   1.00 2.26  ? 576  LYS A CB  1 
ATOM   602  C CG  . LYS A 1 86  ? 24.226  -4.277  4.936   1.00 11.55 ? 576  LYS A CG  1 
ATOM   603  C CD  . LYS A 1 86  ? 24.912  -5.346  4.150   1.00 9.20  ? 576  LYS A CD  1 
ATOM   604  C CE  . LYS A 1 86  ? 25.100  -6.603  4.984   1.00 24.94 ? 576  LYS A CE  1 
ATOM   605  N NZ  . LYS A 1 86  ? 26.037  -7.515  4.312   1.00 24.48 ? 576  LYS A NZ  1 
ATOM   606  N N   . LEU A 1 87  ? 22.693  -0.486  2.954   1.00 5.60  ? 577  LEU A N   1 
ATOM   607  C CA  . LEU A 1 87  ? 22.682  0.861   2.377   1.00 8.46  ? 577  LEU A CA  1 
ATOM   608  C C   . LEU A 1 87  ? 22.134  1.933   3.317   1.00 4.58  ? 577  LEU A C   1 
ATOM   609  O O   . LEU A 1 87  ? 22.747  3.002   3.458   1.00 5.61  ? 577  LEU A O   1 
ATOM   610  C CB  . LEU A 1 87  ? 21.884  0.932   1.061   1.00 5.89  ? 577  LEU A CB  1 
ATOM   611  C CG  . LEU A 1 87  ? 22.671  0.368   -0.114  1.00 18.74 ? 577  LEU A CG  1 
ATOM   612  C CD1 . LEU A 1 87  ? 21.721  0.144   -1.317  1.00 12.82 ? 577  LEU A CD1 1 
ATOM   613  C CD2 . LEU A 1 87  ? 23.880  1.292   -0.452  1.00 16.44 ? 577  LEU A CD2 1 
ATOM   614  N N   . LEU A 1 88  ? 20.965  1.720   3.911   1.00 5.07  ? 578  LEU A N   1 
ATOM   615  C CA  . LEU A 1 88  ? 20.411  2.788   4.777   1.00 7.49  ? 578  LEU A CA  1 
ATOM   616  C C   . LEU A 1 88  ? 21.276  2.980   6.019   1.00 7.75  ? 578  LEU A C   1 
ATOM   617  O O   . LEU A 1 88  ? 21.432  4.140   6.503   1.00 8.45  ? 578  LEU A O   1 
ATOM   618  C CB  . LEU A 1 88  ? 18.975  2.485   5.208   1.00 8.84  ? 578  LEU A CB  1 
ATOM   619  C CG  . LEU A 1 88  ? 17.976  2.418   4.059   1.00 12.37 ? 578  LEU A CG  1 
ATOM   620  C CD1 . LEU A 1 88  ? 16.793  1.395   4.391   1.00 5.12  ? 578  LEU A CD1 1 
ATOM   621  C CD2 . LEU A 1 88  ? 17.503  3.870   3.831   1.00 3.66  ? 578  LEU A CD2 1 
ATOM   622  N N   . LYS A 1 89  ? 21.824  1.870   6.554   1.00 5.83  ? 579  LYS A N   1 
ATOM   623  C CA  . LYS A 1 89  ? 22.652  1.967   7.743   1.00 8.81  ? 579  LYS A CA  1 
ATOM   624  C C   . LYS A 1 89  ? 23.857  2.882   7.469   1.00 10.65 ? 579  LYS A C   1 
ATOM   625  O O   . LYS A 1 89  ? 24.238  3.679   8.325   1.00 10.02 ? 579  LYS A O   1 
ATOM   626  C CB  . LYS A 1 89  ? 23.107  0.620   8.276   1.00 8.85  ? 579  LYS A CB  1 
ATOM   627  C CG  . LYS A 1 89  ? 23.766  0.774   9.679   1.00 19.60 ? 579  LYS A CG  1 
ATOM   628  C CD  . LYS A 1 89  ? 23.669  -0.480  10.551  1.00 27.98 ? 579  LYS A CD  1 
ATOM   629  C CE  . LYS A 1 89  ? 24.522  -0.337  11.817  1.00 40.51 ? 579  LYS A CE  1 
ATOM   630  N NZ  . LYS A 1 89  ? 24.165  0.873   12.635  1.00 36.72 ? 579  LYS A NZ  1 
ATOM   631  N N   . SER A 1 90  ? 24.386  2.794   6.249   1.00 9.56  ? 580  SER A N   1 
ATOM   632  C CA  . SER A 1 90  ? 25.564  3.555   5.830   1.00 12.32 ? 580  SER A CA  1 
ATOM   633  C C   . SER A 1 90  ? 25.424  5.061   5.954   1.00 11.76 ? 580  SER A C   1 
ATOM   634  O O   . SER A 1 90  ? 26.436  5.760   5.929   1.00 12.81 ? 580  SER A O   1 
ATOM   635  C CB  . SER A 1 90  ? 25.937  3.208   4.376   1.00 11.44 ? 580  SER A CB  1 
ATOM   636  O OG  . SER A 1 90  ? 25.249  4.069   3.472   1.00 10.93 ? 580  SER A OG  1 
ATOM   637  N N   . PHE A 1 91  ? 24.196  5.575   6.037   1.00 7.33  ? 581  PHE A N   1 
ATOM   638  C CA  . PHE A 1 91  ? 23.980  7.035   6.116   1.00 12.18 ? 581  PHE A CA  1 
ATOM   639  C C   . PHE A 1 91  ? 24.164  7.582   7.528   1.00 14.00 ? 581  PHE A C   1 
ATOM   640  O O   . PHE A 1 91  ? 24.351  8.788   7.714   1.00 11.09 ? 581  PHE A O   1 
ATOM   641  C CB  . PHE A 1 91  ? 22.582  7.418   5.611   1.00 9.50  ? 581  PHE A CB  1 
ATOM   642  C CG  . PHE A 1 91  ? 22.448  7.400   4.128   1.00 11.68 ? 581  PHE A CG  1 
ATOM   643  C CD1 . PHE A 1 91  ? 22.591  8.563   3.407   1.00 9.60  ? 581  PHE A CD1 1 
ATOM   644  C CD2 . PHE A 1 91  ? 22.223  6.222   3.449   1.00 7.24  ? 581  PHE A CD2 1 
ATOM   645  C CE1 . PHE A 1 91  ? 22.491  8.561   2.050   1.00 5.12  ? 581  PHE A CE1 1 
ATOM   646  C CE2 . PHE A 1 91  ? 22.109  6.208   2.061   1.00 5.86  ? 581  PHE A CE2 1 
ATOM   647  C CZ  . PHE A 1 91  ? 22.259  7.371   1.358   1.00 13.07 ? 581  PHE A CZ  1 
ATOM   648  N N   . GLY A 1 92  ? 24.074  6.705   8.520   1.00 16.98 ? 582  GLY A N   1 
ATOM   649  C CA  . GLY A 1 92  ? 24.126  7.144   9.889   1.00 13.70 ? 582  GLY A CA  1 
ATOM   650  C C   . GLY A 1 92  ? 23.023  8.148   10.131  1.00 15.03 ? 582  GLY A C   1 
ATOM   651  O O   . GLY A 1 92  ? 21.856  7.895   9.817   1.00 14.24 ? 582  GLY A O   1 
ATOM   652  N N   . GLU A 1 93  ? 23.402  9.295   10.677  1.00 13.80 ? 583  GLU A N   1 
ATOM   653  C CA  . GLU A 1 93  ? 22.464  10.368  10.937  1.00 15.95 ? 583  GLU A CA  1 
ATOM   654  C C   . GLU A 1 93  ? 22.434  11.396  9.806   1.00 15.07 ? 583  GLU A C   1 
ATOM   655  O O   . GLU A 1 93  ? 21.772  12.419  9.906   1.00 18.35 ? 583  GLU A O   1 
ATOM   656  C CB  . GLU A 1 93  ? 22.822  11.049  12.260  1.00 19.80 ? 583  GLU A CB  1 
ATOM   657  C CG  . GLU A 1 93  ? 22.701  10.147  13.480  1.00 27.12 ? 583  GLU A CG  1 
ATOM   658  C CD  . GLU A 1 93  ? 22.793  10.930  14.793  1.00 42.24 ? 583  GLU A CD  1 
ATOM   659  O OE1 . GLU A 1 93  ? 22.979  12.171  14.757  1.00 37.41 ? 583  GLU A OE1 1 
ATOM   660  O OE2 . GLU A 1 93  ? 22.692  10.299  15.862  1.00 55.49 ? 583  GLU A OE2 1 
ATOM   661  N N   . ASP A 1 94  ? 23.129  11.136  8.714   1.00 14.89 ? 584  ASP A N   1 
ATOM   662  C CA  . ASP A 1 94  ? 23.081  12.096  7.616   1.00 18.99 ? 584  ASP A CA  1 
ATOM   663  C C   . ASP A 1 94  ? 21.761  11.998  6.829   1.00 16.89 ? 584  ASP A C   1 
ATOM   664  O O   . ASP A 1 94  ? 20.987  11.054  7.000   1.00 14.45 ? 584  ASP A O   1 
ATOM   665  C CB  . ASP A 1 94  ? 24.299  11.953  6.700   1.00 21.24 ? 584  ASP A CB  1 
ATOM   666  C CG  . ASP A 1 94  ? 25.594  12.461  7.340   1.00 28.14 ? 584  ASP A CG  1 
ATOM   667  O OD1 . ASP A 1 94  ? 25.554  13.403  8.166   1.00 41.11 ? 584  ASP A OD1 1 
ATOM   668  O OD2 . ASP A 1 94  ? 26.662  11.923  6.989   1.00 41.63 ? 584  ASP A OD2 1 
ATOM   669  N N   . GLU A 1 95  ? 21.521  13.008  5.992   1.00 12.13 ? 585  GLU A N   1 
ATOM   670  C CA  . GLU A 1 95  ? 20.334  13.111  5.162   1.00 14.41 ? 585  GLU A CA  1 
ATOM   671  C C   . GLU A 1 95  ? 20.248  11.921  4.221   1.00 11.06 ? 585  GLU A C   1 
ATOM   672  O O   . GLU A 1 95  ? 21.194  11.613  3.533   1.00 12.15 ? 585  GLU A O   1 
ATOM   673  C CB  . GLU A 1 95  ? 20.388  14.376  4.289   1.00 16.15 ? 585  GLU A CB  1 
ATOM   674  N N   . ILE A 1 96  ? 19.110  11.248  4.246   1.00 8.19  ? 586  ILE A N   1 
ATOM   675  C CA  . ILE A 1 96  ? 18.819  10.145  3.316   1.00 8.16  ? 586  ILE A CA  1 
ATOM   676  C C   . ILE A 1 96  ? 17.759  10.639  2.335   1.00 6.79  ? 586  ILE A C   1 
ATOM   677  O O   . ILE A 1 96  ? 16.821  11.385  2.704   1.00 10.17 ? 586  ILE A O   1 
ATOM   678  C CB  . ILE A 1 96  ? 18.258  8.922   4.053   1.00 7.71  ? 586  ILE A CB  1 
ATOM   679  C CG1 . ILE A 1 96  ? 19.189  8.491   5.190   1.00 13.68 ? 586  ILE A CG1 1 
ATOM   680  C CG2 . ILE A 1 96  ? 18.045  7.754   3.068   1.00 12.82 ? 586  ILE A CG2 1 
ATOM   681  C CD1 . ILE A 1 96  ? 18.587  7.357   6.052   1.00 14.56 ? 586  ILE A CD1 1 
ATOM   682  N N   . GLU A 1 97  ? 17.943  10.277  1.070   1.00 9.78  ? 587  GLU A N   1 
ATOM   683  C CA  . GLU A 1 97  ? 16.938  10.447  0.037   1.00 7.44  ? 587  GLU A CA  1 
ATOM   684  C C   . GLU A 1 97  ? 16.718  9.052   -0.505  1.00 12.29 ? 587  GLU A C   1 
ATOM   685  O O   . GLU A 1 97  ? 17.686  8.371   -0.839  1.00 7.29  ? 587  GLU A O   1 
ATOM   686  C CB  . GLU A 1 97  ? 17.404  11.405  -1.074  1.00 9.73  ? 587  GLU A CB  1 
ATOM   687  C CG  . GLU A 1 97  ? 16.302  11.813  -2.092  1.00 11.01 ? 587  GLU A CG  1 
ATOM   688  C CD  . GLU A 1 97  ? 16.046  10.754  -3.199  1.00 14.45 ? 587  GLU A CD  1 
ATOM   689  O OE1 . GLU A 1 97  ? 16.796  9.777   -3.274  1.00 15.86 ? 587  GLU A OE1 1 
ATOM   690  O OE2 . GLU A 1 97  ? 15.115  10.918  -4.012  1.00 22.62 ? 587  GLU A OE2 1 
ATOM   691  N N   . MET A 1 98  ? 15.459  8.620   -0.484  1.00 9.48  ? 588  MET A N   1 
ATOM   692  C CA  . MET A 1 98  ? 15.016  7.445   -1.181  1.00 10.34 ? 588  MET A CA  1 
ATOM   693  C C   . MET A 1 98  ? 13.787  7.744   -2.023  1.00 14.22 ? 588  MET A C   1 
ATOM   694  O O   . MET A 1 98  ? 13.041  8.698   -1.750  1.00 12.76 ? 588  MET A O   1 
ATOM   695  C CB  . MET A 1 98  ? 14.756  6.303   -0.207  1.00 11.11 ? 588  MET A CB  1 
ATOM   696  C CG  . MET A 1 98  ? 13.603  6.488   0.672   1.00 15.16 ? 588  MET A CG  1 
ATOM   697  S SD  . MET A 1 98  ? 13.520  5.095   1.808   1.00 16.64 ? 588  MET A SD  1 
ATOM   698  C CE  . MET A 1 98  ? 11.960  5.416   2.570   1.00 16.12 ? 588  MET A CE  1 
ATOM   699  N N   . LYS A 1 99  ? 13.597  6.962   -3.079  1.00 9.31  ? 589  LYS A N   1 
ATOM   700  C CA  . LYS A 1 99  ? 12.340  7.049   -3.796  1.00 8.31  ? 589  LYS A CA  1 
ATOM   701  C C   . LYS A 1 99  ? 11.510  5.806   -3.541  1.00 10.53 ? 589  LYS A C   1 
ATOM   702  O O   . LYS A 1 99  ? 11.996  4.653   -3.598  1.00 5.36  ? 589  LYS A O   1 
ATOM   703  C CB  . LYS A 1 99  ? 12.556  7.297   -5.288  1.00 10.19 ? 589  LYS A CB  1 
ATOM   704  C CG  . LYS A 1 99  ? 13.066  8.704   -5.579  1.00 11.74 ? 589  LYS A CG  1 
ATOM   705  C CD  . LYS A 1 99  ? 13.378  8.900   -7.050  1.00 20.47 ? 589  LYS A CD  1 
ATOM   706  C CE  . LYS A 1 99  ? 13.906  10.327  -7.315  1.00 23.95 ? 589  LYS A CE  1 
ATOM   707  N NZ  . LYS A 1 99  ? 15.224  10.585  -6.651  1.00 25.09 ? 589  LYS A NZ  1 
ATOM   708  N N   . VAL A 1 100 ? 10.241  6.061   -3.272  1.00 5.14  ? 590  VAL A N   1 
ATOM   709  C CA  . VAL A 1 100 ? 9.277   4.998   -3.027  1.00 9.22  ? 590  VAL A CA  1 
ATOM   710  C C   . VAL A 1 100 ? 8.094   5.047   -4.004  1.00 14.42 ? 590  VAL A C   1 
ATOM   711  O O   . VAL A 1 100 ? 7.704   6.114   -4.518  1.00 13.53 ? 590  VAL A O   1 
ATOM   712  C CB  . VAL A 1 100 ? 8.733   5.062   -1.597  1.00 11.20 ? 590  VAL A CB  1 
ATOM   713  C CG1 . VAL A 1 100 ? 9.809   4.735   -0.568  1.00 7.16  ? 590  VAL A CG1 1 
ATOM   714  C CG2 . VAL A 1 100 ? 8.095   6.431   -1.320  1.00 10.48 ? 590  VAL A CG2 1 
ATOM   715  N N   . VAL A 1 101 ? 7.490   3.887   -4.221  1.00 11.82 ? 591  VAL A N   1 
ATOM   716  C CA  . VAL A 1 101 ? 6.235   3.814   -4.958  1.00 13.45 ? 591  VAL A CA  1 
ATOM   717  C C   . VAL A 1 101 ? 5.217   3.065   -4.092  1.00 11.28 ? 591  VAL A C   1 
ATOM   718  O O   . VAL A 1 101 ? 5.564   2.096   -3.419  1.00 10.55 ? 591  VAL A O   1 
ATOM   719  C CB  . VAL A 1 101 ? 6.397   3.099   -6.302  1.00 12.27 ? 591  VAL A CB  1 
ATOM   720  C CG1 . VAL A 1 101 ? 7.309   3.889   -7.207  1.00 11.36 ? 591  VAL A CG1 1 
ATOM   721  C CG2 . VAL A 1 101 ? 6.933   1.681   -6.130  1.00 23.83 ? 591  VAL A CG2 1 
ATOM   722  N N   . SER A 1 102 ? 3.973   3.532   -4.089  1.00 8.35  ? 592  SER A N   1 
ATOM   723  C CA  . SER A 1 102 ? 2.928   2.875   -3.315  1.00 9.36  ? 592  SER A CA  1 
ATOM   724  C C   . SER A 1 102 ? 2.332   1.696   -4.085  1.00 13.74 ? 592  SER A C   1 
ATOM   725  O O   . SER A 1 102 ? 1.739   0.809   -3.477  1.00 18.09 ? 592  SER A O   1 
ATOM   726  C CB  . SER A 1 102 ? 1.846   3.890   -2.916  1.00 10.61 ? 592  SER A CB  1 
ATOM   727  O OG  . SER A 1 102 ? 2.362   4.860   -2.008  1.00 13.26 ? 592  SER A OG  1 
ATOM   728  N N   . LEU A 1 103 ? 2.457   1.706   -5.419  1.00 17.39 ? 593  LEU A N   1 
ATOM   729  C CA  . LEU A 1 103 ? 2.016   0.596   -6.280  1.00 18.65 ? 593  LEU A CA  1 
ATOM   730  C C   . LEU A 1 103 ? 3.113   0.185   -7.234  1.00 18.05 ? 593  LEU A C   1 
ATOM   731  O O   . LEU A 1 103 ? 3.635   1.013   -7.989  1.00 24.21 ? 593  LEU A O   1 
ATOM   732  C CB  . LEU A 1 103 ? 0.808   1.001   -7.124  1.00 20.16 ? 593  LEU A CB  1 
ATOM   733  C CG  . LEU A 1 103 ? -0.532  1.213   -6.450  1.00 22.17 ? 593  LEU A CG  1 
ATOM   734  C CD1 . LEU A 1 103 ? -1.492  1.809   -7.479  1.00 22.39 ? 593  LEU A CD1 1 
ATOM   735  C CD2 . LEU A 1 103 ? -1.046  -0.091  -5.898  1.00 20.16 ? 593  LEU A CD2 1 
ATOM   736  N N   . LEU A 1 104 ? 3.427   -1.100  -7.241  1.00 18.32 ? 594  LEU A N   1 
ATOM   737  C CA  . LEU A 1 104 ? 4.510   -1.616  -8.040  1.00 26.84 ? 594  LEU A CA  1 
ATOM   738  C C   . LEU A 1 104 ? 3.982   -2.086  -9.384  1.00 31.89 ? 594  LEU A C   1 
ATOM   739  O O   . LEU A 1 104 ? 3.434   -1.285  -10.142 1.00 39.93 ? 594  LEU A O   1 
ATOM   740  C CB  . LEU A 1 104 ? 5.198   -2.758  -7.301  1.00 28.23 ? 594  LEU A CB  1 
ATOM   741  C CG  . LEU A 1 104 ? 6.477   -3.285  -7.942  1.00 31.28 ? 594  LEU A CG  1 
ATOM   742  C CD1 . LEU A 1 104 ? 7.508   -2.173  -8.131  1.00 31.30 ? 594  LEU A CD1 1 
ATOM   743  C CD2 . LEU A 1 104 ? 7.009   -4.431  -7.083  1.00 20.99 ? 594  LEU A CD2 1 
ATOM   744  N N   . MET B 1 1   ? 23.213  12.922  22.373  1.00 34.33 ? -22  MET B N   1 
ATOM   745  C CA  . MET B 1 1   ? 22.751  11.808  21.489  1.00 35.57 ? -22  MET B CA  1 
ATOM   746  C C   . MET B 1 1   ? 21.219  11.650  21.536  1.00 35.56 ? -22  MET B C   1 
ATOM   747  O O   . MET B 1 1   ? 20.487  12.301  20.777  1.00 34.08 ? -22  MET B O   1 
ATOM   748  C CB  . MET B 1 1   ? 23.434  10.490  21.895  1.00 32.48 ? -22  MET B CB  1 
ATOM   749  N N   . HIS B 1 2   ? 20.755  10.802  22.451  1.00 34.53 ? -21  HIS B N   1 
ATOM   750  C CA  . HIS B 1 2   ? 19.344  10.469  22.584  1.00 29.99 ? -21  HIS B CA  1 
ATOM   751  C C   . HIS B 1 2   ? 18.554  11.608  23.248  1.00 30.62 ? -21  HIS B C   1 
ATOM   752  O O   . HIS B 1 2   ? 18.987  12.171  24.257  1.00 34.33 ? -21  HIS B O   1 
ATOM   753  C CB  . HIS B 1 2   ? 19.203  9.190   23.408  1.00 31.08 ? -21  HIS B CB  1 
ATOM   754  C CG  . HIS B 1 2   ? 17.802  8.890   23.835  1.00 29.51 ? -21  HIS B CG  1 
ATOM   755  N ND1 . HIS B 1 2   ? 16.908  8.221   23.028  1.00 22.27 ? -21  HIS B ND1 1 
ATOM   756  C CD2 . HIS B 1 2   ? 17.146  9.148   24.992  1.00 36.02 ? -21  HIS B CD2 1 
ATOM   757  C CE1 . HIS B 1 2   ? 15.758  8.089   23.666  1.00 32.73 ? -21  HIS B CE1 1 
ATOM   758  N NE2 . HIS B 1 2   ? 15.878  8.640   24.862  1.00 30.65 ? -21  HIS B NE2 1 
ATOM   759  N N   . HIS B 1 3   ? 17.401  11.939  22.669  1.00 23.38 ? -20  HIS B N   1 
ATOM   760  C CA  . HIS B 1 3   ? 16.453  12.876  23.284  1.00 21.72 ? -20  HIS B CA  1 
ATOM   761  C C   . HIS B 1 3   ? 15.162  12.138  23.600  1.00 24.24 ? -20  HIS B C   1 
ATOM   762  O O   . HIS B 1 3   ? 14.770  11.208  22.885  1.00 25.13 ? -20  HIS B O   1 
ATOM   763  C CB  . HIS B 1 3   ? 16.126  14.010  22.332  1.00 19.21 ? -20  HIS B CB  1 
ATOM   764  C CG  . HIS B 1 3   ? 17.256  14.949  22.100  1.00 18.72 ? -20  HIS B CG  1 
ATOM   765  N ND1 . HIS B 1 3   ? 18.352  14.619  21.336  1.00 24.78 ? -20  HIS B ND1 1 
ATOM   766  C CD2 . HIS B 1 3   ? 17.446  16.229  22.507  1.00 24.61 ? -20  HIS B CD2 1 
ATOM   767  C CE1 . HIS B 1 3   ? 19.178  15.653  21.290  1.00 33.23 ? -20  HIS B CE1 1 
ATOM   768  N NE2 . HIS B 1 3   ? 18.649  16.644  21.988  1.00 22.18 ? -20  HIS B NE2 1 
ATOM   769  N N   . HIS B 1 4   ? 14.506  12.546  24.679  1.00 26.56 ? -19  HIS B N   1 
ATOM   770  C CA  . HIS B 1 4   ? 13.170  12.062  24.960  1.00 27.15 ? -19  HIS B CA  1 
ATOM   771  C C   . HIS B 1 4   ? 12.210  12.901  24.142  1.00 29.84 ? -19  HIS B C   1 
ATOM   772  O O   . HIS B 1 4   ? 12.326  14.136  24.107  1.00 22.33 ? -19  HIS B O   1 
ATOM   773  C CB  . HIS B 1 4   ? 12.827  12.187  26.435  1.00 26.90 ? -19  HIS B CB  1 
ATOM   774  C CG  . HIS B 1 4   ? 11.454  11.698  26.774  1.00 31.76 ? -19  HIS B CG  1 
ATOM   775  N ND1 . HIS B 1 4   ? 11.095  10.371  26.685  1.00 25.97 ? -19  HIS B ND1 1 
ATOM   776  C CD2 . HIS B 1 4   ? 10.352  12.360  27.203  1.00 33.01 ? -19  HIS B CD2 1 
ATOM   777  C CE1 . HIS B 1 4   ? 9.832   10.234  27.046  1.00 33.29 ? -19  HIS B CE1 1 
ATOM   778  N NE2 . HIS B 1 4   ? 9.358   11.426  27.366  1.00 27.03 ? -19  HIS B NE2 1 
ATOM   779  N N   . HIS B 1 5   ? 11.279  12.217  23.476  1.00 27.66 ? -18  HIS B N   1 
ATOM   780  C CA  . HIS B 1 5   ? 10.215  12.862  22.730  1.00 27.31 ? -18  HIS B CA  1 
ATOM   781  C C   . HIS B 1 5   ? 8.896   12.531  23.390  1.00 24.55 ? -18  HIS B C   1 
ATOM   782  O O   . HIS B 1 5   ? 8.431   11.382  23.372  1.00 22.13 ? -18  HIS B O   1 
ATOM   783  C CB  . HIS B 1 5   ? 10.234  12.403  21.278  1.00 26.88 ? -18  HIS B CB  1 
ATOM   784  C CG  . HIS B 1 5   ? 11.425  12.897  20.524  1.00 33.29 ? -18  HIS B CG  1 
ATOM   785  N ND1 . HIS B 1 5   ? 11.605  14.230  20.215  1.00 34.21 ? -18  HIS B ND1 1 
ATOM   786  C CD2 . HIS B 1 5   ? 12.509  12.245  20.040  1.00 29.10 ? -18  HIS B CD2 1 
ATOM   787  C CE1 . HIS B 1 5   ? 12.741  14.373  19.556  1.00 41.61 ? -18  HIS B CE1 1 
ATOM   788  N NE2 . HIS B 1 5   ? 13.308  13.184  19.436  1.00 16.47 ? -18  HIS B NE2 1 
ATOM   789  N N   . HIS B 1 6   ? 8.297   13.553  23.974  1.00 24.33 ? -17  HIS B N   1 
ATOM   790  C CA  . HIS B 1 6   ? 7.042   13.392  24.681  1.00 25.49 ? -17  HIS B CA  1 
ATOM   791  C C   . HIS B 1 6   ? 5.841   13.340  23.728  1.00 23.99 ? -17  HIS B C   1 
ATOM   792  O O   . HIS B 1 6   ? 5.351   14.372  23.246  1.00 20.58 ? -17  HIS B O   1 
ATOM   793  C CB  . HIS B 1 6   ? 6.868   14.531  25.665  1.00 24.34 ? -17  HIS B CB  1 
ATOM   794  C CG  . HIS B 1 6   ? 5.671   14.382  26.537  1.00 22.72 ? -17  HIS B CG  1 
ATOM   795  N ND1 . HIS B 1 6   ? 5.616   13.473  27.570  1.00 14.01 ? -17  HIS B ND1 1 
ATOM   796  C CD2 . HIS B 1 6   ? 4.492   15.044  26.548  1.00 11.95 ? -17  HIS B CD2 1 
ATOM   797  C CE1 . HIS B 1 6   ? 4.450   13.575  28.177  1.00 16.75 ? -17  HIS B CE1 1 
ATOM   798  N NE2 . HIS B 1 6   ? 3.756   14.534  27.590  1.00 15.24 ? -17  HIS B NE2 1 
ATOM   799  N N   . HIS B 1 7   ? 5.386   12.119  23.470  1.00 22.65 ? -16  HIS B N   1 
ATOM   800  C CA  . HIS B 1 7   ? 4.144   11.864  22.761  1.00 19.66 ? -16  HIS B CA  1 
ATOM   801  C C   . HIS B 1 7   ? 3.777   10.392  22.902  1.00 21.41 ? -16  HIS B C   1 
ATOM   802  O O   . HIS B 1 7   ? 4.583   9.597   23.398  1.00 18.86 ? -16  HIS B O   1 
ATOM   803  C CB  . HIS B 1 7   ? 4.261   12.253  21.289  1.00 21.80 ? -16  HIS B CB  1 
ATOM   804  C CG  . HIS B 1 7   ? 5.459   11.678  20.607  1.00 13.40 ? -16  HIS B CG  1 
ATOM   805  N ND1 . HIS B 1 7   ? 5.677   10.321  20.503  1.00 23.25 ? -16  HIS B ND1 1 
ATOM   806  C CD2 . HIS B 1 7   ? 6.510   12.278  20.000  1.00 13.64 ? -16  HIS B CD2 1 
ATOM   807  C CE1 . HIS B 1 7   ? 6.801   10.110  19.843  1.00 20.59 ? -16  HIS B CE1 1 
ATOM   808  N NE2 . HIS B 1 7   ? 7.328   11.279  19.527  1.00 17.53 ? -16  HIS B NE2 1 
ATOM   809  N N   . SER B 1 8   ? 2.578   10.027  22.447  1.00 19.43 ? -15  SER B N   1 
ATOM   810  C CA  . SER B 1 8   ? 2.123   8.622   22.479  1.00 23.18 ? -15  SER B CA  1 
ATOM   811  C C   . SER B 1 8   ? 3.102   7.694   21.747  1.00 18.68 ? -15  SER B C   1 
ATOM   812  O O   . SER B 1 8   ? 3.876   8.125   20.884  1.00 14.96 ? -15  SER B O   1 
ATOM   813  C CB  . SER B 1 8   ? 0.739   8.480   21.849  1.00 18.80 ? -15  SER B CB  1 
ATOM   814  O OG  . SER B 1 8   ? 0.817   8.658   20.445  1.00 27.99 ? -15  SER B OG  1 
ATOM   815  N N   . SER B 1 9   ? 3.040   6.412   22.068  1.00 20.08 ? -14  SER B N   1 
ATOM   816  C CA  . SER B 1 9   ? 4.043   5.501   21.561  1.00 15.94 ? -14  SER B CA  1 
ATOM   817  C C   . SER B 1 9   ? 3.875   5.329   20.047  1.00 15.40 ? -14  SER B C   1 
ATOM   818  O O   . SER B 1 9   ? 2.832   4.888   19.567  1.00 13.50 ? -14  SER B O   1 
ATOM   819  C CB  . SER B 1 9   ? 3.968   4.156   22.274  1.00 19.11 ? -14  SER B CB  1 
ATOM   820  O OG  . SER B 1 9   ? 4.591   3.144   21.504  1.00 12.84 ? -14  SER B OG  1 
ATOM   821  N N   . GLY B 1 10  ? 4.915   5.696   19.305  1.00 10.67 ? -13  GLY B N   1 
ATOM   822  C CA  . GLY B 1 10  ? 4.938   5.519   17.854  1.00 11.07 ? -13  GLY B CA  1 
ATOM   823  C C   . GLY B 1 10  ? 4.885   4.041   17.504  1.00 11.98 ? -13  GLY B C   1 
ATOM   824  O O   . GLY B 1 10  ? 4.333   3.668   16.475  1.00 11.37 ? -13  GLY B O   1 
ATOM   825  N N   . VAL B 1 11  ? 5.429   3.189   18.375  1.00 11.35 ? -12  VAL B N   1 
ATOM   826  C CA  . VAL B 1 11  ? 5.403   1.756   18.114  1.00 10.68 ? -12  VAL B CA  1 
ATOM   827  C C   . VAL B 1 11  ? 3.962   1.249   18.296  1.00 10.50 ? -12  VAL B C   1 
ATOM   828  O O   . VAL B 1 11  ? 3.446   0.488   17.477  1.00 10.37 ? -12  VAL B O   1 
ATOM   829  C CB  . VAL B 1 11  ? 6.443   0.979   18.969  1.00 8.81  ? -12  VAL B CB  1 
ATOM   830  C CG1 . VAL B 1 11  ? 6.205   -0.476  18.892  1.00 3.01  ? -12  VAL B CG1 1 
ATOM   831  C CG2 . VAL B 1 11  ? 7.838   1.309   18.484  1.00 13.51 ? -12  VAL B CG2 1 
ATOM   832  N N   . ASP B 1 12  ? 3.292   1.712   19.340  1.00 10.57 ? -11  ASP B N   1 
ATOM   833  C CA  . ASP B 1 12  ? 1.883   1.354   19.522  1.00 13.37 ? -11  ASP B CA  1 
ATOM   834  C C   . ASP B 1 12  ? 1.070   1.739   18.274  1.00 12.93 ? -11  ASP B C   1 
ATOM   835  O O   . ASP B 1 12  ? 0.391   0.893   17.681  1.00 11.49 ? -11  ASP B O   1 
ATOM   836  C CB  . ASP B 1 12  ? 1.281   2.023   20.759  1.00 15.93 ? -11  ASP B CB  1 
ATOM   837  C CG  . ASP B 1 12  ? 1.744   1.401   22.045  1.00 16.66 ? -11  ASP B CG  1 
ATOM   838  O OD1 . ASP B 1 12  ? 2.403   0.340   22.027  1.00 20.54 ? -11  ASP B OD1 1 
ATOM   839  O OD2 . ASP B 1 12  ? 1.451   2.017   23.086  1.00 21.55 ? -11  ASP B OD2 1 
ATOM   840  N N   . LEU B 1 13  ? 1.191   2.988   17.852  1.00 10.88 ? -10  LEU B N   1 
ATOM   841  C CA  . LEU B 1 13  ? 0.385   3.493   16.754  1.00 10.37 ? -10  LEU B CA  1 
ATOM   842  C C   . LEU B 1 13  ? 0.709   2.764   15.458  1.00 9.19  ? -10  LEU B C   1 
ATOM   843  O O   . LEU B 1 13  ? -0.199  2.300   14.760  1.00 10.82 ? -10  LEU B O   1 
ATOM   844  C CB  . LEU B 1 13  ? 0.562   5.014   16.575  1.00 11.65 ? -10  LEU B CB  1 
ATOM   845  C CG  . LEU B 1 13  ? -0.004  5.859   17.702  1.00 19.41 ? -10  LEU B CG  1 
ATOM   846  C CD1 . LEU B 1 13  ? 0.053   7.362   17.369  1.00 22.36 ? -10  LEU B CD1 1 
ATOM   847  C CD2 . LEU B 1 13  ? -1.421  5.398   18.009  1.00 28.04 ? -10  LEU B CD2 1 
ATOM   848  N N   . GLY B 1 14  ? 2.004   2.672   15.150  1.00 9.75  ? -9   GLY B N   1 
ATOM   849  C CA  . GLY B 1 14  ? 2.467   2.058   13.927  1.00 11.34 ? -9   GLY B CA  1 
ATOM   850  C C   . GLY B 1 14  ? 2.073   0.606   13.818  1.00 8.90  ? -9   GLY B C   1 
ATOM   851  O O   . GLY B 1 14  ? 1.756   0.110   12.721  1.00 11.69 ? -9   GLY B O   1 
ATOM   852  N N   . THR B 1 15  ? 2.093   -0.118  14.936  1.00 7.18  ? -8   THR B N   1 
ATOM   853  C CA  . THR B 1 15  ? 1.757   -1.530  14.855  1.00 7.37  ? -8   THR B CA  1 
ATOM   854  C C   . THR B 1 15  ? 0.267   -1.710  14.745  1.00 10.83 ? -8   THR B C   1 
ATOM   855  O O   . THR B 1 15  ? -0.194  -2.691  14.151  1.00 14.40 ? -8   THR B O   1 
ATOM   856  C CB  . THR B 1 15  ? 2.350   -2.380  16.015  1.00 13.52 ? -8   THR B CB  1 
ATOM   857  O OG1 . THR B 1 15  ? 1.967   -1.827  17.284  1.00 8.29  ? -8   THR B OG1 1 
ATOM   858  C CG2 . THR B 1 15  ? 3.840   -2.419  15.890  1.00 11.02 ? -8   THR B CG2 1 
ATOM   859  N N   . GLU B 1 16  ? -0.490  -0.761  15.304  1.00 11.70 ? -7   GLU B N   1 
ATOM   860  C CA  . GLU B 1 16  ? -1.921  -0.743  15.160  1.00 16.86 ? -7   GLU B CA  1 
ATOM   861  C C   . GLU B 1 16  ? -2.285  -0.487  13.701  1.00 14.73 ? -7   GLU B C   1 
ATOM   862  O O   . GLU B 1 16  ? -3.182  -1.137  13.152  1.00 15.13 ? -7   GLU B O   1 
ATOM   863  C CB  . GLU B 1 16  ? -2.529  0.351   16.030  1.00 16.45 ? -7   GLU B CB  1 
ATOM   864  C CG  . GLU B 1 16  ? -4.044  0.287   16.086  1.00 28.20 ? -7   GLU B CG  1 
ATOM   865  C CD  . GLU B 1 16  ? -4.650  1.352   16.967  1.00 40.94 ? -7   GLU B CD  1 
ATOM   866  O OE1 . GLU B 1 16  ? -4.120  2.489   17.012  1.00 40.42 ? -7   GLU B OE1 1 
ATOM   867  O OE2 . GLU B 1 16  ? -5.677  1.048   17.604  1.00 46.61 ? -7   GLU B OE2 1 
ATOM   868  N N   . ASN B 1 17  ? -1.586  0.462   13.084  1.00 13.33 ? -6   ASN B N   1 
ATOM   869  C CA  . ASN B 1 17  ? -1.824  0.808   11.687  1.00 13.30 ? -6   ASN B CA  1 
ATOM   870  C C   . ASN B 1 17  ? -1.619  -0.442  10.835  1.00 15.69 ? -6   ASN B C   1 
ATOM   871  O O   . ASN B 1 17  ? -2.402  -0.762  9.950   1.00 13.96 ? -6   ASN B O   1 
ATOM   872  C CB  . ASN B 1 17  ? -0.891  1.953   11.252  1.00 15.13 ? -6   ASN B CB  1 
ATOM   873  C CG  . ASN B 1 17  ? -1.284  3.336   11.844  1.00 30.01 ? -6   ASN B CG  1 
ATOM   874  O OD1 . ASN B 1 17  ? -2.382  3.525   12.370  1.00 38.34 ? -6   ASN B OD1 1 
ATOM   875  N ND2 . ASN B 1 17  ? -0.370  4.311   11.726  1.00 31.22 ? -6   ASN B ND2 1 
ATOM   876  N N   . LEU B 1 18  ? -0.591  -1.197  11.171  1.00 15.02 ? -5   LEU B N   1 
ATOM   877  C CA  . LEU B 1 18  ? -0.216  -2.370  10.407  1.00 11.30 ? -5   LEU B CA  1 
ATOM   878  C C   . LEU B 1 18  ? -1.302  -3.441  10.491  1.00 14.65 ? -5   LEU B C   1 
ATOM   879  O O   . LEU B 1 18  ? -1.653  -4.109  9.490   1.00 17.59 ? -5   LEU B O   1 
ATOM   880  C CB  . LEU B 1 18  ? 1.143   -2.879  10.915  1.00 17.86 ? -5   LEU B CB  1 
ATOM   881  C CG  . LEU B 1 18  ? 2.110   -3.571  9.972   1.00 18.64 ? -5   LEU B CG  1 
ATOM   882  C CD1 . LEU B 1 18  ? 2.373   -2.753  8.714   1.00 8.48  ? -5   LEU B CD1 1 
ATOM   883  C CD2 . LEU B 1 18  ? 3.431   -3.897  10.716  1.00 17.70 ? -5   LEU B CD2 1 
ATOM   884  N N   . TYR B 1 19  ? -1.828  -3.632  11.694  1.00 12.70 ? -4   TYR B N   1 
ATOM   885  C CA  . TYR B 1 19  ? -2.957  -4.513  11.897  1.00 19.67 ? -4   TYR B CA  1 
ATOM   886  C C   . TYR B 1 19  ? -4.131  -4.110  10.996  1.00 19.77 ? -4   TYR B C   1 
ATOM   887  O O   . TYR B 1 19  ? -4.636  -4.949  10.242  1.00 18.59 ? -4   TYR B O   1 
ATOM   888  C CB  . TYR B 1 19  ? -3.358  -4.484  13.369  1.00 22.23 ? -4   TYR B CB  1 
ATOM   889  C CG  . TYR B 1 19  ? -4.330  -5.546  13.798  1.00 18.91 ? -4   TYR B CG  1 
ATOM   890  C CD1 . TYR B 1 19  ? -3.909  -6.871  13.983  1.00 24.05 ? -4   TYR B CD1 1 
ATOM   891  C CD2 . TYR B 1 19  ? -5.656  -5.234  14.053  1.00 30.31 ? -4   TYR B CD2 1 
ATOM   892  C CE1 . TYR B 1 19  ? -4.791  -7.848  14.399  1.00 24.75 ? -4   TYR B CE1 1 
ATOM   893  C CE2 . TYR B 1 19  ? -6.555  -6.209  14.472  1.00 31.52 ? -4   TYR B CE2 1 
ATOM   894  C CZ  . TYR B 1 19  ? -6.117  -7.516  14.643  1.00 38.61 ? -4   TYR B CZ  1 
ATOM   895  O OH  . TYR B 1 19  ? -7.003  -8.487  15.061  1.00 48.38 ? -4   TYR B OH  1 
ATOM   896  N N   . PHE B 1 20  ? -4.533  -2.834  11.062  1.00 18.49 ? -3   PHE B N   1 
ATOM   897  C CA  . PHE B 1 20  ? -5.618  -2.287  10.223  1.00 19.62 ? -3   PHE B CA  1 
ATOM   898  C C   . PHE B 1 20  ? -5.415  -2.606  8.738   1.00 20.56 ? -3   PHE B C   1 
ATOM   899  O O   . PHE B 1 20  ? -6.341  -3.078  8.065   1.00 20.23 ? -3   PHE B O   1 
ATOM   900  C CB  . PHE B 1 20  ? -5.739  -0.770  10.390  1.00 16.81 ? -3   PHE B CB  1 
ATOM   901  C CG  . PHE B 1 20  ? -6.783  -0.346  11.384  1.00 22.80 ? -3   PHE B CG  1 
ATOM   902  C CD1 . PHE B 1 20  ? -8.029  0.117   10.989  1.00 24.02 ? -3   PHE B CD1 1 
ATOM   903  C CD2 . PHE B 1 20  ? -6.496  -0.398  12.746  1.00 23.64 ? -3   PHE B CD2 1 
ATOM   904  C CE1 . PHE B 1 20  ? -8.981  0.497   11.932  1.00 28.35 ? -3   PHE B CE1 1 
ATOM   905  C CE2 . PHE B 1 20  ? -7.436  -0.005  13.702  1.00 25.52 ? -3   PHE B CE2 1 
ATOM   906  C CZ  . PHE B 1 20  ? -8.676  0.442   13.297  1.00 30.99 ? -3   PHE B CZ  1 
ATOM   907  N N   . GLN B 1 21  ? -4.208  -2.364  8.238   1.00 18.64 ? -2   GLN B N   1 
ATOM   908  C CA  . GLN B 1 21  ? -3.908  -2.547  6.813   1.00 16.25 ? -2   GLN B CA  1 
ATOM   909  C C   . GLN B 1 21  ? -3.770  -4.016  6.420   1.00 15.58 ? -2   GLN B C   1 
ATOM   910  O O   . GLN B 1 21  ? -3.910  -4.356  5.238   1.00 15.82 ? -2   GLN B O   1 
ATOM   911  C CB  . GLN B 1 21  ? -2.631  -1.803  6.427   1.00 18.32 ? -2   GLN B CB  1 
ATOM   912  C CG  . GLN B 1 21  ? -2.631  -0.313  6.733   1.00 23.69 ? -2   GLN B CG  1 
ATOM   913  C CD  . GLN B 1 21  ? -3.749  0.442   6.026   1.00 37.75 ? -2   GLN B CD  1 
ATOM   914  O OE1 . GLN B 1 21  ? -4.931  0.130   6.182   1.00 37.91 ? -2   GLN B OE1 1 
ATOM   915  N NE2 . GLN B 1 21  ? -3.373  1.457   5.253   1.00 48.62 ? -2   GLN B NE2 1 
ATOM   916  N N   . SER B 1 22  ? -3.515  -4.877  7.401   1.00 12.05 ? -1   SER B N   1 
ATOM   917  C CA  . SER B 1 22  ? -3.209  -6.282  7.145   1.00 15.38 ? -1   SER B CA  1 
ATOM   918  C C   . SER B 1 22  ? -4.394  -7.224  7.376   1.00 17.78 ? -1   SER B C   1 
ATOM   919  O O   . SER B 1 22  ? -4.458  -8.303  6.787   1.00 21.34 ? -1   SER B O   1 
ATOM   920  C CB  . SER B 1 22  ? -2.016  -6.723  8.010   1.00 17.68 ? -1   SER B CB  1 
ATOM   921  O OG  . SER B 1 22  ? -0.869  -5.968  7.670   1.00 19.13 ? -1   SER B OG  1 
ATOM   922  N N   . MET B 1 23  ? -5.330  -6.830  8.227   1.00 18.63 ? 0    MET B N   1 
ATOM   923  C CA  . MET B 1 23  ? -6.488  -7.683  8.502   1.00 21.79 ? 0    MET B CA  1 
ATOM   924  C C   . MET B 1 23  ? -7.583  -7.479  7.446   1.00 21.41 ? 0    MET B C   1 
ATOM   925  O O   . MET B 1 23  ? -7.943  -6.330  7.138   1.00 16.83 ? 0    MET B O   1 
ATOM   926  C CB  . MET B 1 23  ? -7.064  -7.399  9.891   1.00 22.95 ? 0    MET B CB  1 
ATOM   927  C CG  . MET B 1 23  ? -6.167  -7.855  11.033  1.00 29.01 ? 0    MET B CG  1 
ATOM   928  S SD  . MET B 1 23  ? -5.846  -9.641  11.062  1.00 43.59 ? 0    MET B SD  1 
ATOM   929  C CE  . MET B 1 23  ? -7.460  -10.258 11.550  1.00 31.30 ? 0    MET B CE  1 
ATOM   930  N N   . PRO B 1 24  ? -8.132  -8.596  6.911   1.00 20.95 ? 514  PRO B N   1 
ATOM   931  C CA  . PRO B 1 24  ? -9.222  -8.505  5.937   1.00 18.53 ? 514  PRO B CA  1 
ATOM   932  C C   . PRO B 1 24  ? -10.376 -7.622  6.436   1.00 17.96 ? 514  PRO B C   1 
ATOM   933  O O   . PRO B 1 24  ? -10.864 -7.793  7.560   1.00 16.34 ? 514  PRO B O   1 
ATOM   934  C CB  . PRO B 1 24  ? -9.667  -9.955  5.771   1.00 20.14 ? 514  PRO B CB  1 
ATOM   935  C CG  . PRO B 1 24  ? -8.438  -10.756 6.075   1.00 26.18 ? 514  PRO B CG  1 
ATOM   936  C CD  . PRO B 1 24  ? -7.730  -9.999  7.157   1.00 21.09 ? 514  PRO B CD  1 
ATOM   937  N N   . ARG B 1 25  ? -10.772 -6.662  5.615   1.00 9.85  ? 515  ARG B N   1 
ATOM   938  C CA  . ARG B 1 25  ? -11.945 -5.845  5.903   1.00 13.96 ? 515  ARG B CA  1 
ATOM   939  C C   . ARG B 1 25  ? -13.031 -5.936  4.833   1.00 11.86 ? 515  ARG B C   1 
ATOM   940  O O   . ARG B 1 25  ? -12.750 -5.964  3.642   1.00 8.29  ? 515  ARG B O   1 
ATOM   941  C CB  . ARG B 1 25  ? -11.556 -4.381  6.107   1.00 12.27 ? 515  ARG B CB  1 
ATOM   942  C CG  . ARG B 1 25  ? -11.057 -3.684  4.872   1.00 10.91 ? 515  ARG B CG  1 
ATOM   943  C CD  . ARG B 1 25  ? -10.487 -2.322  5.213   1.00 12.81 ? 515  ARG B CD  1 
ATOM   944  N NE  . ARG B 1 25  ? -10.271 -1.498  4.023   1.00 13.49 ? 515  ARG B NE  1 
ATOM   945  C CZ  . ARG B 1 25  ? -9.220  -1.588  3.212   1.00 11.66 ? 515  ARG B CZ  1 
ATOM   946  N NH1 . ARG B 1 25  ? -8.255  -2.478  3.421   1.00 14.13 ? 515  ARG B NH1 1 
ATOM   947  N NH2 . ARG B 1 25  ? -9.149  -0.792  2.154   1.00 12.33 ? 515  ARG B NH2 1 
ATOM   948  N N   . SER B 1 26  ? -14.269 -5.877  5.314   1.00 16.03 ? 516  SER B N   1 
ATOM   949  C CA  . SER B 1 26  ? -15.482 -6.079  4.538   1.00 13.37 ? 516  SER B CA  1 
ATOM   950  C C   . SER B 1 26  ? -15.916 -4.820  3.837   1.00 10.12 ? 516  SER B C   1 
ATOM   951  O O   . SER B 1 26  ? -16.057 -3.758  4.465   1.00 13.31 ? 516  SER B O   1 
ATOM   952  C CB  . SER B 1 26  ? -16.603 -6.555  5.486   1.00 19.17 ? 516  SER B CB  1 
ATOM   953  O OG  . SER B 1 26  ? -17.786 -6.885  4.769   1.00 17.01 ? 516  SER B OG  1 
ATOM   954  N N   . ILE B 1 27  ? -16.076 -4.930  2.523   1.00 7.55  ? 517  ILE B N   1 
ATOM   955  C CA  . ILE B 1 27  ? -16.497 -3.865  1.645   1.00 14.30 ? 517  ILE B CA  1 
ATOM   956  C C   . ILE B 1 27  ? -17.840 -4.305  1.050   1.00 16.83 ? 517  ILE B C   1 
ATOM   957  O O   . ILE B 1 27  ? -17.906 -5.295  0.330   1.00 15.50 ? 517  ILE B O   1 
ATOM   958  C CB  . ILE B 1 27  ? -15.477 -3.664  0.486   1.00 14.07 ? 517  ILE B CB  1 
ATOM   959  C CG1 . ILE B 1 27  ? -14.050 -3.457  1.018   1.00 21.93 ? 517  ILE B CG1 1 
ATOM   960  C CG2 . ILE B 1 27  ? -15.863 -2.473  -0.410  1.00 18.68 ? 517  ILE B CG2 1 
ATOM   961  C CD1 . ILE B 1 27  ? -13.924 -2.297  1.986   1.00 14.40 ? 517  ILE B CD1 1 
ATOM   962  N N   . ARG B 1 28  ? -18.913 -3.590  1.366   1.00 12.82 ? 518  ARG B N   1 
ATOM   963  C CA  . ARG B 1 28  ? -20.221 -3.885  0.775   1.00 12.96 ? 518  ARG B CA  1 
ATOM   964  C C   . ARG B 1 28  ? -20.568 -2.791  -0.218  1.00 16.33 ? 518  ARG B C   1 
ATOM   965  O O   . ARG B 1 28  ? -20.563 -1.598  0.119   1.00 11.48 ? 518  ARG B O   1 
ATOM   966  C CB  . ARG B 1 28  ? -21.304 -4.016  1.848   1.00 15.11 ? 518  ARG B CB  1 
ATOM   967  C CG  . ARG B 1 28  ? -21.249 -5.326  2.636   1.00 25.29 ? 518  ARG B CG  1 
ATOM   968  C CD  . ARG B 1 28  ? -22.460 -5.467  3.573   1.00 20.85 ? 518  ARG B CD  1 
ATOM   969  N N   . PHE B 1 29  ? -20.864 -3.196  -1.441  1.00 13.29 ? 519  PHE B N   1 
ATOM   970  C CA  . PHE B 1 29  ? -21.030 -2.260  -2.535  1.00 17.83 ? 519  PHE B CA  1 
ATOM   971  C C   . PHE B 1 29  ? -21.841 -2.855  -3.683  1.00 16.70 ? 519  PHE B C   1 
ATOM   972  O O   . PHE B 1 29  ? -22.175 -4.041  -3.696  1.00 16.21 ? 519  PHE B O   1 
ATOM   973  C CB  . PHE B 1 29  ? -19.658 -1.799  -3.048  1.00 16.59 ? 519  PHE B CB  1 
ATOM   974  C CG  . PHE B 1 29  ? -18.874 -2.875  -3.744  1.00 14.92 ? 519  PHE B CG  1 
ATOM   975  C CD1 . PHE B 1 29  ? -18.794 -2.911  -5.122  1.00 13.39 ? 519  PHE B CD1 1 
ATOM   976  C CD2 . PHE B 1 29  ? -18.219 -3.847  -3.026  1.00 13.76 ? 519  PHE B CD2 1 
ATOM   977  C CE1 . PHE B 1 29  ? -18.065 -3.872  -5.755  1.00 10.75 ? 519  PHE B CE1 1 
ATOM   978  C CE2 . PHE B 1 29  ? -17.490 -4.828  -3.664  1.00 15.55 ? 519  PHE B CE2 1 
ATOM   979  C CZ  . PHE B 1 29  ? -17.410 -4.834  -5.033  1.00 14.71 ? 519  PHE B CZ  1 
ATOM   980  N N   . THR B 1 30  ? -22.154 -1.995  -4.645  1.00 19.32 ? 520  THR B N   1 
ATOM   981  C CA  . THR B 1 30  ? -22.955 -2.364  -5.784  1.00 19.83 ? 520  THR B CA  1 
ATOM   982  C C   . THR B 1 30  ? -22.295 -1.821  -7.030  1.00 21.16 ? 520  THR B C   1 
ATOM   983  O O   . THR B 1 30  ? -21.616 -0.801  -6.974  1.00 21.37 ? 520  THR B O   1 
ATOM   984  C CB  . THR B 1 30  ? -24.362 -1.781  -5.667  1.00 20.91 ? 520  THR B CB  1 
ATOM   985  O OG1 . THR B 1 30  ? -24.276 -0.350  -5.524  1.00 29.16 ? 520  THR B OG1 1 
ATOM   986  C CG2 . THR B 1 30  ? -25.081 -2.404  -4.465  1.00 15.15 ? 520  THR B CG2 1 
ATOM   987  N N   . ALA B 1 31  ? -22.421 -2.566  -8.121  1.00 25.50 ? 521  ALA B N   1 
ATOM   988  C CA  . ALA B 1 31  ? -22.032 -2.081  -9.437  1.00 28.81 ? 521  ALA B CA  1 
ATOM   989  C C   . ALA B 1 31  ? -23.286 -1.546  -10.123 1.00 30.05 ? 521  ALA B C   1 
ATOM   990  O O   . ALA B 1 31  ? -23.956 -2.281  -10.844 1.00 34.51 ? 521  ALA B O   1 
ATOM   991  C CB  . ALA B 1 31  ? -21.423 -3.187  -10.251 1.00 26.19 ? 521  ALA B CB  1 
ATOM   992  N N   . GLU B 1 32  ? -23.605 -0.281  -9.866  1.00 30.95 ? 522  GLU B N   1 
ATOM   993  C CA  . GLU B 1 32  ? -24.732 0.412   -10.511 1.00 32.63 ? 522  GLU B CA  1 
ATOM   994  C C   . GLU B 1 32  ? -24.649 0.296   -12.037 1.00 31.96 ? 522  GLU B C   1 
ATOM   995  O O   . GLU B 1 32  ? -23.658 0.722   -12.641 1.00 35.67 ? 522  GLU B O   1 
ATOM   996  C CB  . GLU B 1 32  ? -24.748 1.891   -10.109 1.00 25.57 ? 522  GLU B CB  1 
ATOM   997  N N   . GLU B 1 33  ? -25.679 -0.302  -12.639 1.00 26.63 ? 523  GLU B N   1 
ATOM   998  C CA  . GLU B 1 33  ? -25.725 -0.587  -14.085 1.00 27.92 ? 523  GLU B CA  1 
ATOM   999  C C   . GLU B 1 33  ? -24.685 -1.604  -14.543 1.00 26.97 ? 523  GLU B C   1 
ATOM   1000 O O   . GLU B 1 33  ? -24.305 -1.606  -15.712 1.00 24.93 ? 523  GLU B O   1 
ATOM   1001 C CB  . GLU B 1 33  ? -25.594 0.705   -14.908 1.00 29.67 ? 523  GLU B CB  1 
ATOM   1002 N N   . GLY B 1 34  ? -24.238 -2.466  -13.631 1.00 25.19 ? 524  GLY B N   1 
ATOM   1003 C CA  . GLY B 1 34  ? -23.194 -3.455  -13.924 1.00 25.45 ? 524  GLY B CA  1 
ATOM   1004 C C   . GLY B 1 34  ? -21.776 -2.882  -14.013 1.00 21.41 ? 524  GLY B C   1 
ATOM   1005 O O   . GLY B 1 34  ? -20.804 -3.630  -14.255 1.00 18.45 ? 524  GLY B O   1 
ATOM   1006 N N   . ASP B 1 35  ? -21.675 -1.562  -13.834 1.00 11.29 ? 525  ASP B N   1 
ATOM   1007 C CA  . ASP B 1 35  ? -20.412 -0.809  -13.814 1.00 13.16 ? 525  ASP B CA  1 
ATOM   1008 C C   . ASP B 1 35  ? -19.767 -0.952  -12.403 1.00 12.23 ? 525  ASP B C   1 
ATOM   1009 O O   . ASP B 1 35  ? -20.289 -0.430  -11.423 1.00 14.67 ? 525  ASP B O   1 
ATOM   1010 C CB  . ASP B 1 35  ? -20.704 0.655   -14.098 1.00 11.46 ? 525  ASP B CB  1 
ATOM   1011 C CG  . ASP B 1 35  ? -19.459 1.481   -14.334 1.00 18.99 ? 525  ASP B CG  1 
ATOM   1012 O OD1 . ASP B 1 35  ? -18.344 0.918   -14.375 1.00 18.46 ? 525  ASP B OD1 1 
ATOM   1013 O OD2 . ASP B 1 35  ? -19.596 2.719   -14.465 1.00 38.04 ? 525  ASP B OD2 1 
ATOM   1014 N N   . LEU B 1 36  ? -18.663 -1.703  -12.327 1.00 9.93  ? 526  LEU B N   1 
ATOM   1015 C CA  . LEU B 1 36  ? -18.021 -2.044  -11.051 1.00 9.20  ? 526  LEU B CA  1 
ATOM   1016 C C   . LEU B 1 36  ? -17.252 -0.836  -10.506 1.00 9.06  ? 526  LEU B C   1 
ATOM   1017 O O   . LEU B 1 36  ? -17.162 -0.660  -9.307  1.00 14.82 ? 526  LEU B O   1 
ATOM   1018 C CB  . LEU B 1 36  ? -17.075 -3.233  -11.266 1.00 13.68 ? 526  LEU B CB  1 
ATOM   1019 C CG  . LEU B 1 36  ? -16.458 -3.980  -10.071 1.00 20.91 ? 526  LEU B CG  1 
ATOM   1020 C CD1 . LEU B 1 36  ? -17.433 -4.964  -9.423  1.00 15.95 ? 526  LEU B CD1 1 
ATOM   1021 C CD2 . LEU B 1 36  ? -15.208 -4.735  -10.531 1.00 12.71 ? 526  LEU B CD2 1 
ATOM   1022 N N   . GLY B 1 37  ? -16.724 0.003   -11.396 1.00 10.72 ? 527  GLY B N   1 
ATOM   1023 C CA  . GLY B 1 37  ? -15.998 1.202   -11.000 1.00 15.66 ? 527  GLY B CA  1 
ATOM   1024 C C   . GLY B 1 37  ? -14.522 1.017   -10.720 1.00 14.96 ? 527  GLY B C   1 
ATOM   1025 O O   . GLY B 1 37  ? -13.829 1.982   -10.359 1.00 12.72 ? 527  GLY B O   1 
ATOM   1026 N N   . PHE B 1 38  ? -14.016 -0.202  -10.873 1.00 7.47  ? 528  PHE B N   1 
ATOM   1027 C CA  . PHE B 1 38  ? -12.576 -0.414  -10.723 1.00 6.82  ? 528  PHE B CA  1 
ATOM   1028 C C   . PHE B 1 38  ? -12.080 -1.436  -11.692 1.00 6.45  ? 528  PHE B C   1 
ATOM   1029 O O   . PHE B 1 38  ? -12.852 -2.272  -12.122 1.00 7.70  ? 528  PHE B O   1 
ATOM   1030 C CB  . PHE B 1 38  ? -12.155 -0.786  -9.280  1.00 7.03  ? 528  PHE B CB  1 
ATOM   1031 C CG  . PHE B 1 38  ? -12.947 -1.888  -8.643  1.00 6.90  ? 528  PHE B CG  1 
ATOM   1032 C CD1 . PHE B 1 38  ? -12.490 -3.200  -8.679  1.00 12.12 ? 528  PHE B CD1 1 
ATOM   1033 C CD2 . PHE B 1 38  ? -14.126 -1.611  -7.972  1.00 10.75 ? 528  PHE B CD2 1 
ATOM   1034 C CE1 . PHE B 1 38  ? -13.190 -4.221  -8.061  1.00 14.75 ? 528  PHE B CE1 1 
ATOM   1035 C CE2 . PHE B 1 38  ? -14.858 -2.640  -7.350  1.00 9.47  ? 528  PHE B CE2 1 
ATOM   1036 C CZ  . PHE B 1 38  ? -14.392 -3.932  -7.389  1.00 18.04 ? 528  PHE B CZ  1 
ATOM   1037 N N   . THR B 1 39  ? -10.801 -1.355  -12.034 1.00 6.08  ? 529  THR B N   1 
ATOM   1038 C CA  . THR B 1 39  ? -10.141 -2.451  -12.733 1.00 5.92  ? 529  THR B CA  1 
ATOM   1039 C C   . THR B 1 39  ? -9.358  -3.317  -11.771 1.00 9.00  ? 529  THR B C   1 
ATOM   1040 O O   . THR B 1 39  ? -9.180  -2.997  -10.595 1.00 4.70  ? 529  THR B O   1 
ATOM   1041 C CB  . THR B 1 39  ? -9.231  -1.995  -13.874 1.00 4.43  ? 529  THR B CB  1 
ATOM   1042 O OG1 . THR B 1 39  ? -8.133  -1.246  -13.352 1.00 9.73  ? 529  THR B OG1 1 
ATOM   1043 C CG2 . THR B 1 39  ? -10.052 -1.156  -14.915 1.00 6.34  ? 529  THR B CG2 1 
ATOM   1044 N N   . LEU B 1 40  ? -8.924  -4.459  -12.276 1.00 5.35  ? 530  LEU B N   1 
ATOM   1045 C CA  . LEU B 1 40  ? -8.273  -5.482  -11.488 1.00 6.00  ? 530  LEU B CA  1 
ATOM   1046 C C   . LEU B 1 40  ? -6.960  -5.830  -12.172 1.00 3.78  ? 530  LEU B C   1 
ATOM   1047 O O   . LEU B 1 40  ? -6.816  -5.623  -13.372 1.00 4.02  ? 530  LEU B O   1 
ATOM   1048 C CB  . LEU B 1 40  ? -9.139  -6.748  -11.461 1.00 5.27  ? 530  LEU B CB  1 
ATOM   1049 C CG  . LEU B 1 40  ? -10.497 -6.642  -10.782 1.00 10.43 ? 530  LEU B CG  1 
ATOM   1050 C CD1 . LEU B 1 40  ? -11.312 -7.918  -11.005 1.00 16.56 ? 530  LEU B CD1 1 
ATOM   1051 C CD2 . LEU B 1 40  ? -10.304 -6.364  -9.308  1.00 14.10 ? 530  LEU B CD2 1 
ATOM   1052 N N   . ARG B 1 41  ? -6.031  -6.377  -11.411 1.00 7.16  ? 531  ARG B N   1 
ATOM   1053 C CA  . ARG B 1 41  ? -4.674  -6.652  -11.899 1.00 10.55 ? 531  ARG B CA  1 
ATOM   1054 C C   . ARG B 1 41  ? -4.070  -7.813  -11.135 1.00 10.30 ? 531  ARG B C   1 
ATOM   1055 O O   . ARG B 1 41  ? -4.344  -7.986  -9.960  1.00 8.12  ? 531  ARG B O   1 
ATOM   1056 C CB  . ARG B 1 41  ? -3.819  -5.394  -11.703 1.00 13.33 ? 531  ARG B CB  1 
ATOM   1057 C CG  . ARG B 1 41  ? -2.412  -5.491  -12.188 1.00 21.89 ? 531  ARG B CG  1 
ATOM   1058 C CD  . ARG B 1 41  ? -1.702  -4.140  -12.075 1.00 22.96 ? 531  ARG B CD  1 
ATOM   1059 N NE  . ARG B 1 41  ? -1.282  -3.805  -10.700 1.00 30.14 ? 531  ARG B NE  1 
ATOM   1060 C CZ  . ARG B 1 41  ? -0.211  -3.066  -10.391 1.00 35.50 ? 531  ARG B CZ  1 
ATOM   1061 N NH1 . ARG B 1 41  ? 0.569   -2.565  -11.343 1.00 35.36 ? 531  ARG B NH1 1 
ATOM   1062 N NH2 . ARG B 1 41  ? 0.093   -2.828  -9.121  1.00 34.72 ? 531  ARG B NH2 1 
ATOM   1063 N N   . GLY B 1 42  ? -3.260  -8.621  -11.814 1.00 11.47 ? 532  GLY B N   1 
ATOM   1064 C CA  . GLY B 1 42  ? -2.548  -9.701  -11.159 1.00 10.62 ? 532  GLY B CA  1 
ATOM   1065 C C   . GLY B 1 42  ? -3.425  -10.885 -10.805 1.00 12.87 ? 532  GLY B C   1 
ATOM   1066 O O   . GLY B 1 42  ? -4.636  -10.874 -11.061 1.00 11.31 ? 532  GLY B O   1 
ATOM   1067 N N   . ASN B 1 43  ? -2.797  -11.885 -10.184 1.00 14.51 ? 533  ASN B N   1 
ATOM   1068 C CA  . ASN B 1 43  ? -3.420  -13.163 -9.877  1.00 13.65 ? 533  ASN B CA  1 
ATOM   1069 C C   . ASN B 1 43  ? -3.072  -13.582 -8.457  1.00 12.98 ? 533  ASN B C   1 
ATOM   1070 O O   . ASN B 1 43  ? -1.960  -13.387 -7.993  1.00 11.47 ? 533  ASN B O   1 
ATOM   1071 C CB  . ASN B 1 43  ? -2.933  -14.255 -10.844 1.00 16.19 ? 533  ASN B CB  1 
ATOM   1072 C CG  . ASN B 1 43  ? -3.243  -13.937 -12.299 1.00 23.13 ? 533  ASN B CG  1 
ATOM   1073 O OD1 . ASN B 1 43  ? -4.391  -14.001 -12.743 1.00 17.38 ? 533  ASN B OD1 1 
ATOM   1074 N ND2 . ASN B 1 43  ? -2.209  -13.583 -13.050 1.00 28.04 ? 533  ASN B ND2 1 
ATOM   1075 N N   . ALA B 1 44  ? -4.033  -14.157 -7.759  1.00 12.65 ? 534  ALA B N   1 
ATOM   1076 C CA  . ALA B 1 44  ? -3.752  -14.949 -6.579  1.00 12.34 ? 534  ALA B CA  1 
ATOM   1077 C C   . ALA B 1 44  ? -2.870  -14.274 -5.536  1.00 13.37 ? 534  ALA B C   1 
ATOM   1078 O O   . ALA B 1 44  ? -1.758  -14.732 -5.267  1.00 13.70 ? 534  ALA B O   1 
ATOM   1079 C CB  . ALA B 1 44  ? -3.140  -16.300 -6.989  1.00 9.52  ? 534  ALA B CB  1 
ATOM   1080 N N   . PRO B 1 45  ? -3.373  -13.211 -4.908  1.00 12.61 ? 535  PRO B N   1 
ATOM   1081 C CA  . PRO B 1 45  ? -4.673  -12.627 -5.095  1.00 8.62  ? 535  PRO B CA  1 
ATOM   1082 C C   . PRO B 1 45  ? -4.662  -11.575 -6.181  1.00 10.25 ? 535  PRO B C   1 
ATOM   1083 O O   . PRO B 1 45  ? -3.594  -11.056 -6.565  1.00 10.08 ? 535  PRO B O   1 
ATOM   1084 C CB  . PRO B 1 45  ? -4.967  -11.982 -3.734  1.00 11.79 ? 535  PRO B CB  1 
ATOM   1085 C CG  . PRO B 1 45  ? -3.634  -11.617 -3.213  1.00 24.83 ? 535  PRO B CG  1 
ATOM   1086 C CD  . PRO B 1 45  ? -2.621  -12.545 -3.837  1.00 16.29 ? 535  PRO B CD  1 
ATOM   1087 N N   . VAL B 1 46  ? -5.861  -11.243 -6.635  1.00 6.98  ? 536  VAL B N   1 
ATOM   1088 C CA  . VAL B 1 46  ? -6.086  -10.147 -7.567  1.00 8.35  ? 536  VAL B CA  1 
ATOM   1089 C C   . VAL B 1 46  ? -6.146  -8.834  -6.788  1.00 10.05 ? 536  VAL B C   1 
ATOM   1090 O O   . VAL B 1 46  ? -6.647  -8.759  -5.664  1.00 11.09 ? 536  VAL B O   1 
ATOM   1091 C CB  . VAL B 1 46  ? -7.421  -10.321 -8.352  1.00 11.28 ? 536  VAL B CB  1 
ATOM   1092 C CG1 . VAL B 1 46  ? -7.577  -9.205  -9.356  1.00 7.74  ? 536  VAL B CG1 1 
ATOM   1093 C CG2 . VAL B 1 46  ? -7.452  -11.667 -9.060  1.00 8.59  ? 536  VAL B CG2 1 
ATOM   1094 N N   . GLN B 1 47  ? -5.658  -7.787  -7.429  1.00 5.55  ? 537  GLN B N   1 
ATOM   1095 C CA  . GLN B 1 47  ? -5.558  -6.462  -6.853  1.00 9.72  ? 537  GLN B CA  1 
ATOM   1096 C C   . GLN B 1 47  ? -6.502  -5.480  -7.545  1.00 10.41 ? 537  GLN B C   1 
ATOM   1097 O O   . GLN B 1 47  ? -6.677  -5.532  -8.763  1.00 7.62  ? 537  GLN B O   1 
ATOM   1098 C CB  . GLN B 1 47  ? -4.099  -6.020  -7.037  1.00 14.34 ? 537  GLN B CB  1 
ATOM   1099 C CG  . GLN B 1 47  ? -3.648  -4.916  -6.149  1.00 24.10 ? 537  GLN B CG  1 
ATOM   1100 C CD  . GLN B 1 47  ? -2.139  -4.728  -6.200  1.00 31.19 ? 537  GLN B CD  1 
ATOM   1101 O OE1 . GLN B 1 47  ? -1.515  -4.818  -7.262  1.00 26.02 ? 537  GLN B OE1 1 
ATOM   1102 N NE2 . GLN B 1 47  ? -1.553  -4.466  -5.053  1.00 25.24 ? 537  GLN B NE2 1 
ATOM   1103 N N   . VAL B 1 48  ? -7.138  -4.611  -6.768  1.00 5.55  ? 538  VAL B N   1 
ATOM   1104 C CA  . VAL B 1 48  ? -7.801  -3.408  -7.268  1.00 6.39  ? 538  VAL B CA  1 
ATOM   1105 C C   . VAL B 1 48  ? -6.747  -2.457  -7.875  1.00 14.07 ? 538  VAL B C   1 
ATOM   1106 O O   . VAL B 1 48  ? -5.729  -2.173  -7.253  1.00 13.05 ? 538  VAL B O   1 
ATOM   1107 C CB  . VAL B 1 48  ? -8.495  -2.666  -6.100  1.00 10.11 ? 538  VAL B CB  1 
ATOM   1108 C CG1 . VAL B 1 48  ? -9.094  -1.302  -6.537  1.00 7.95  ? 538  VAL B CG1 1 
ATOM   1109 C CG2 . VAL B 1 48  ? -9.557  -3.552  -5.454  1.00 7.33  ? 538  VAL B CG2 1 
ATOM   1110 N N   . HIS B 1 49  ? -6.956  -2.002  -9.107  1.00 11.73 ? 539  HIS B N   1 
ATOM   1111 C CA  . HIS B 1 49  ? -5.996  -1.127  -9.731  1.00 5.88  ? 539  HIS B CA  1 
ATOM   1112 C C   . HIS B 1 49  ? -6.636  0.247   -9.897  1.00 6.08  ? 539  HIS B C   1 
ATOM   1113 O O   . HIS B 1 49  ? -6.702  1.003   -8.929  1.00 11.87 ? 539  HIS B O   1 
ATOM   1114 C CB  . HIS B 1 49  ? -5.473  -1.738  -11.017 1.00 10.15 ? 539  HIS B CB  1 
ATOM   1115 C CG  . HIS B 1 49  ? -4.264  -1.051  -11.554 1.00 12.45 ? 539  HIS B CG  1 
ATOM   1116 N ND1 . HIS B 1 49  ? -3.054  -1.067  -10.901 1.00 13.31 ? 539  HIS B ND1 1 
ATOM   1117 C CD2 . HIS B 1 49  ? -4.076  -0.319  -12.682 1.00 16.40 ? 539  HIS B CD2 1 
ATOM   1118 C CE1 . HIS B 1 49  ? -2.167  -0.384  -11.612 1.00 15.13 ? 539  HIS B CE1 1 
ATOM   1119 N NE2 . HIS B 1 49  ? -2.765  0.079   -12.696 1.00 15.86 ? 539  HIS B NE2 1 
ATOM   1120 N N   . PHE B 1 50  ? -7.156  0.579   -11.071 1.00 7.83  ? 540  PHE B N   1 
ATOM   1121 C CA  . PHE B 1 50  ? -7.931  1.826   -11.213 1.00 5.66  ? 540  PHE B CA  1 
ATOM   1122 C C   . PHE B 1 50  ? -9.186  1.804   -10.346 1.00 4.88  ? 540  PHE B C   1 
ATOM   1123 O O   . PHE B 1 50  ? -9.898  0.805   -10.312 1.00 6.24  ? 540  PHE B O   1 
ATOM   1124 C CB  . PHE B 1 50  ? -8.322  2.095   -12.684 1.00 7.08  ? 540  PHE B CB  1 
ATOM   1125 C CG  . PHE B 1 50  ? -9.465  3.048   -12.820 1.00 7.50  ? 540  PHE B CG  1 
ATOM   1126 C CD1 . PHE B 1 50  ? -9.232  4.428   -12.819 1.00 12.67 ? 540  PHE B CD1 1 
ATOM   1127 C CD2 . PHE B 1 50  ? -10.774 2.588   -12.832 1.00 7.73  ? 540  PHE B CD2 1 
ATOM   1128 C CE1 . PHE B 1 50  ? -10.298 5.331   -12.886 1.00 7.16  ? 540  PHE B CE1 1 
ATOM   1129 C CE2 . PHE B 1 50  ? -11.853 3.479   -12.891 1.00 11.10 ? 540  PHE B CE2 1 
ATOM   1130 C CZ  . PHE B 1 50  ? -11.604 4.859   -12.921 1.00 9.77  ? 540  PHE B CZ  1 
ATOM   1131 N N   . LEU B 1 51  ? -9.508  2.920   -9.687  1.00 5.25  ? 541  LEU B N   1 
ATOM   1132 C CA  . LEU B 1 51  ? -10.666 2.964   -8.866  1.00 4.97  ? 541  LEU B CA  1 
ATOM   1133 C C   . LEU B 1 51  ? -11.315 4.335   -8.981  1.00 7.53  ? 541  LEU B C   1 
ATOM   1134 O O   . LEU B 1 51  ? -10.709 5.354   -8.715  1.00 8.27  ? 541  LEU B O   1 
ATOM   1135 C CB  . LEU B 1 51  ? -10.297 2.653   -7.414  1.00 6.92  ? 541  LEU B CB  1 
ATOM   1136 C CG  . LEU B 1 51  ? -11.385 2.782   -6.337  1.00 13.13 ? 541  LEU B CG  1 
ATOM   1137 C CD1 . LEU B 1 51  ? -12.396 1.653   -6.434  1.00 9.28  ? 541  LEU B CD1 1 
ATOM   1138 C CD2 . LEU B 1 51  ? -10.801 2.790   -4.899  1.00 12.19 ? 541  LEU B CD2 1 
ATOM   1139 N N   . ASP B 1 52  ? -12.549 4.332   -9.439  1.00 8.86  ? 542  ASP B N   1 
ATOM   1140 C CA  . ASP B 1 52  ? -13.319 5.567   -9.584  1.00 6.39  ? 542  ASP B CA  1 
ATOM   1141 C C   . ASP B 1 52  ? -13.676 6.020   -8.194  1.00 10.25 ? 542  ASP B C   1 
ATOM   1142 O O   . ASP B 1 52  ? -14.300 5.271   -7.453  1.00 8.25  ? 542  ASP B O   1 
ATOM   1143 C CB  . ASP B 1 52  ? -14.545 5.268   -10.407 1.00 6.88  ? 542  ASP B CB  1 
ATOM   1144 C CG  . ASP B 1 52  ? -15.418 6.489   -10.679 1.00 13.74 ? 542  ASP B CG  1 
ATOM   1145 O OD1 . ASP B 1 52  ? -15.399 7.504   -9.933  1.00 10.45 ? 542  ASP B OD1 1 
ATOM   1146 O OD2 . ASP B 1 52  ? -16.146 6.415   -11.693 1.00 18.22 ? 542  ASP B OD2 1 
ATOM   1147 N N   . PRO B 1 53  ? -13.255 7.240   -7.812  1.00 9.82  ? 543  PRO B N   1 
ATOM   1148 C CA  . PRO B 1 53  ? -13.528 7.681   -6.439  1.00 8.66  ? 543  PRO B CA  1 
ATOM   1149 C C   . PRO B 1 53  ? -15.017 7.910   -6.158  1.00 13.43 ? 543  PRO B C   1 
ATOM   1150 O O   . PRO B 1 53  ? -15.428 7.944   -4.999  1.00 14.38 ? 543  PRO B O   1 
ATOM   1151 C CB  . PRO B 1 53  ? -12.760 9.000   -6.331  1.00 9.73  ? 543  PRO B CB  1 
ATOM   1152 C CG  . PRO B 1 53  ? -12.574 9.459   -7.725  1.00 14.94 ? 543  PRO B CG  1 
ATOM   1153 C CD  . PRO B 1 53  ? -12.352 8.176   -8.495  1.00 11.26 ? 543  PRO B CD  1 
ATOM   1154 N N   . TYR B 1 54  ? -15.825 8.039   -7.206  1.00 10.82 ? 544  TYR B N   1 
ATOM   1155 C CA  . TYR B 1 54  ? -17.269 8.173   -7.026  1.00 12.03 ? 544  TYR B CA  1 
ATOM   1156 C C   . TYR B 1 54  ? -18.018 6.844   -6.888  1.00 12.45 ? 544  TYR B C   1 
ATOM   1157 O O   . TYR B 1 54  ? -19.174 6.851   -6.497  1.00 15.72 ? 544  TYR B O   1 
ATOM   1158 C CB  . TYR B 1 54  ? -17.867 8.978   -8.179  1.00 14.56 ? 544  TYR B CB  1 
ATOM   1159 C CG  . TYR B 1 54  ? -17.312 10.368  -8.292  1.00 11.96 ? 544  TYR B CG  1 
ATOM   1160 C CD1 . TYR B 1 54  ? -17.736 11.381  -7.441  1.00 23.56 ? 544  TYR B CD1 1 
ATOM   1161 C CD2 . TYR B 1 54  ? -16.361 10.677  -9.257  1.00 19.04 ? 544  TYR B CD2 1 
ATOM   1162 C CE1 . TYR B 1 54  ? -17.220 12.669  -7.548  1.00 22.44 ? 544  TYR B CE1 1 
ATOM   1163 C CE2 . TYR B 1 54  ? -15.857 11.957  -9.381  1.00 16.23 ? 544  TYR B CE2 1 
ATOM   1164 C CZ  . TYR B 1 54  ? -16.289 12.950  -8.528  1.00 18.15 ? 544  TYR B CZ  1 
ATOM   1165 O OH  . TYR B 1 54  ? -15.763 14.214  -8.650  1.00 25.56 ? 544  TYR B OH  1 
ATOM   1166 N N   . CYS B 1 55  ? -17.385 5.708   -7.207  1.00 13.35 ? 545  CYS B N   1 
ATOM   1167 C CA  . CYS B 1 55  ? -18.091 4.443   -7.111  1.00 9.84  ? 545  CYS B CA  1 
ATOM   1168 C C   . CYS B 1 55  ? -18.323 4.000   -5.673  1.00 11.88 ? 545  CYS B C   1 
ATOM   1169 O O   . CYS B 1 55  ? -17.680 4.516   -4.734  1.00 11.81 ? 545  CYS B O   1 
ATOM   1170 C CB  . CYS B 1 55  ? -17.401 3.336   -7.911  1.00 11.68 ? 545  CYS B CB  1 
ATOM   1171 S SG  . CYS B 1 55  ? -16.009 2.576   -7.123  1.00 13.53 ? 545  CYS B SG  1 
ATOM   1172 N N   . SER B 1 56  ? -19.292 3.093   -5.503  1.00 9.53  ? 546  SER B N   1 
ATOM   1173 C CA  . SER B 1 56  ? -19.692 2.605   -4.175  1.00 10.16 ? 546  SER B CA  1 
ATOM   1174 C C   . SER B 1 56  ? -18.565 1.829   -3.506  1.00 12.08 ? 546  SER B C   1 
ATOM   1175 O O   . SER B 1 56  ? -18.403 1.906   -2.310  1.00 14.87 ? 546  SER B O   1 
ATOM   1176 C CB  . SER B 1 56  ? -20.992 1.762   -4.229  1.00 10.71 ? 546  SER B CB  1 
ATOM   1177 O OG  . SER B 1 56  ? -20.842 0.624   -5.090  1.00 17.49 ? 546  SER B OG  1 
ATOM   1178 N N   . ALA B 1 57  ? -17.768 1.089   -4.276  1.00 14.88 ? 547  ALA B N   1 
ATOM   1179 C CA  . ALA B 1 57  ? -16.610 0.404   -3.708  1.00 13.21 ? 547  ALA B CA  1 
ATOM   1180 C C   . ALA B 1 57  ? -15.638 1.415   -3.074  1.00 11.00 ? 547  ALA B C   1 
ATOM   1181 O O   . ALA B 1 57  ? -15.094 1.194   -1.982  1.00 8.90  ? 547  ALA B O   1 
ATOM   1182 C CB  . ALA B 1 57  ? -15.898 -0.441  -4.764  1.00 15.12 ? 547  ALA B CB  1 
ATOM   1183 N N   . SER B 1 58  ? -15.421 2.539   -3.737  1.00 7.83  ? 548  SER B N   1 
ATOM   1184 C CA  . SER B 1 58  ? -14.548 3.549   -3.169  1.00 8.45  ? 548  SER B CA  1 
ATOM   1185 C C   . SER B 1 58  ? -15.176 4.134   -1.915  1.00 10.01 ? 548  SER B C   1 
ATOM   1186 O O   . SER B 1 58  ? -14.526 4.240   -0.882  1.00 10.27 ? 548  SER B O   1 
ATOM   1187 C CB  . SER B 1 58  ? -14.276 4.659   -4.170  1.00 11.31 ? 548  SER B CB  1 
ATOM   1188 O OG  . SER B 1 58  ? -13.345 5.565   -3.652  1.00 11.18 ? 548  SER B OG  1 
ATOM   1189 N N   . VAL B 1 59  ? -16.443 4.527   -2.010  1.00 10.48 ? 549  VAL B N   1 
ATOM   1190 C CA  . VAL B 1 59  ? -17.125 5.095   -0.868  1.00 12.37 ? 549  VAL B CA  1 
ATOM   1191 C C   . VAL B 1 59  ? -17.083 4.122   0.335   1.00 14.90 ? 549  VAL B C   1 
ATOM   1192 O O   . VAL B 1 59  ? -16.957 4.531   1.488   1.00 12.20 ? 549  VAL B O   1 
ATOM   1193 C CB  . VAL B 1 59  ? -18.575 5.513   -1.226  1.00 14.35 ? 549  VAL B CB  1 
ATOM   1194 C CG1 . VAL B 1 59  ? -19.361 5.765   0.028   1.00 15.48 ? 549  VAL B CG1 1 
ATOM   1195 C CG2 . VAL B 1 59  ? -18.570 6.745   -2.136  1.00 17.02 ? 549  VAL B CG2 1 
ATOM   1196 N N   . ALA B 1 60  ? -17.115 2.831   0.056   1.00 17.12 ? 550  ALA B N   1 
ATOM   1197 C CA  . ALA B 1 60  ? -17.037 1.812   1.102   1.00 16.74 ? 550  ALA B CA  1 
ATOM   1198 C C   . ALA B 1 60  ? -15.607 1.623   1.663   1.00 14.22 ? 550  ALA B C   1 
ATOM   1199 O O   . ALA B 1 60  ? -15.408 0.952   2.684   1.00 18.76 ? 550  ALA B O   1 
ATOM   1200 C CB  . ALA B 1 60  ? -17.607 0.455   0.565   1.00 11.86 ? 550  ALA B CB  1 
ATOM   1201 N N   . GLY B 1 61  ? -14.614 2.212   0.994   1.00 11.50 ? 551  GLY B N   1 
ATOM   1202 C CA  . GLY B 1 61  ? -13.268 2.280   1.522   1.00 9.65  ? 551  GLY B CA  1 
ATOM   1203 C C   . GLY B 1 61  ? -12.241 1.409   0.828   1.00 11.47 ? 551  GLY B C   1 
ATOM   1204 O O   . GLY B 1 61  ? -11.114 1.330   1.293   1.00 10.97 ? 551  GLY B O   1 
ATOM   1205 N N   . ALA B 1 62  ? -12.632 0.766   -0.271  1.00 12.08 ? 552  ALA B N   1 
ATOM   1206 C CA  . ALA B 1 62  ? -11.697 0.094   -1.141  1.00 12.19 ? 552  ALA B CA  1 
ATOM   1207 C C   . ALA B 1 62  ? -10.688 1.149   -1.584  1.00 12.72 ? 552  ALA B C   1 
ATOM   1208 O O   . ALA B 1 62  ? -11.032 2.346   -1.670  1.00 12.82 ? 552  ALA B O   1 
ATOM   1209 C CB  . ALA B 1 62  ? -12.430 -0.514  -2.347  1.00 14.07 ? 552  ALA B CB  1 
ATOM   1210 N N   . ARG B 1 63  ? -9.444  0.718   -1.786  1.00 12.62 ? 553  ARG B N   1 
ATOM   1211 C CA  . ARG B 1 63  ? -8.393  1.569   -2.328  1.00 11.94 ? 553  ARG B CA  1 
ATOM   1212 C C   . ARG B 1 63  ? -7.560  0.891   -3.406  1.00 10.34 ? 553  ARG B C   1 
ATOM   1213 O O   . ARG B 1 63  ? -7.432  -0.329  -3.460  1.00 12.18 ? 553  ARG B O   1 
ATOM   1214 C CB  . ARG B 1 63  ? -7.478  2.045   -1.210  1.00 14.18 ? 553  ARG B CB  1 
ATOM   1215 C CG  . ARG B 1 63  ? -8.184  2.921   -0.195  1.00 19.20 ? 553  ARG B CG  1 
ATOM   1216 N N   . GLU B 1 64  ? -6.960  1.717   -4.251  1.00 10.41 ? 554  GLU B N   1 
ATOM   1217 C CA  . GLU B 1 64  ? -6.012  1.232   -5.237  1.00 10.61 ? 554  GLU B CA  1 
ATOM   1218 C C   . GLU B 1 64  ? -4.907  0.368   -4.586  1.00 11.34 ? 554  GLU B C   1 
ATOM   1219 O O   . GLU B 1 64  ? -4.370  0.686   -3.533  1.00 10.20 ? 554  GLU B O   1 
ATOM   1220 C CB  . GLU B 1 64  ? -5.383  2.398   -6.012  1.00 12.71 ? 554  GLU B CB  1 
ATOM   1221 C CG  . GLU B 1 64  ? -6.385  3.323   -6.689  1.00 11.18 ? 554  GLU B CG  1 
ATOM   1222 C CD  . GLU B 1 64  ? -6.856  4.481   -5.833  1.00 28.41 ? 554  GLU B CD  1 
ATOM   1223 O OE1 . GLU B 1 64  ? -6.842  4.373   -4.578  1.00 25.92 ? 554  GLU B OE1 1 
ATOM   1224 O OE2 . GLU B 1 64  ? -7.270  5.497   -6.435  1.00 21.72 ? 554  GLU B OE2 1 
ATOM   1225 N N   . GLY B 1 65  ? -4.596  -0.754  -5.208  1.00 7.95  ? 555  GLY B N   1 
ATOM   1226 C CA  . GLY B 1 65  ? -3.614  -1.657  -4.646  1.00 9.85  ? 555  GLY B CA  1 
ATOM   1227 C C   . GLY B 1 65  ? -4.157  -2.672  -3.651  1.00 10.26 ? 555  GLY B C   1 
ATOM   1228 O O   . GLY B 1 65  ? -3.459  -3.627  -3.371  1.00 8.62  ? 555  GLY B O   1 
ATOM   1229 N N   . ASP B 1 66  ? -5.379  -2.492  -3.125  1.00 10.17 ? 556  ASP B N   1 
ATOM   1230 C CA  . ASP B 1 66  ? -5.986  -3.518  -2.224  1.00 6.46  ? 556  ASP B CA  1 
ATOM   1231 C C   . ASP B 1 66  ? -6.067  -4.897  -2.875  1.00 6.65  ? 556  ASP B C   1 
ATOM   1232 O O   . ASP B 1 66  ? -6.326  -5.031  -4.092  1.00 10.28 ? 556  ASP B O   1 
ATOM   1233 C CB  . ASP B 1 66  ? -7.368  -3.104  -1.748  1.00 6.44  ? 556  ASP B CB  1 
ATOM   1234 C CG  . ASP B 1 66  ? -7.312  -1.962  -0.764  1.00 13.87 ? 556  ASP B CG  1 
ATOM   1235 O OD1 . ASP B 1 66  ? -6.191  -1.583  -0.361  1.00 17.52 ? 556  ASP B OD1 1 
ATOM   1236 O OD2 . ASP B 1 66  ? -8.380  -1.430  -0.422  1.00 15.20 ? 556  ASP B OD2 1 
ATOM   1237 N N   . TYR B 1 67  ? -5.815  -5.930  -2.081  1.00 4.07  ? 557  TYR B N   1 
ATOM   1238 C CA  . TYR B 1 67  ? -5.912  -7.291  -2.561  1.00 4.44  ? 557  TYR B CA  1 
ATOM   1239 C C   . TYR B 1 67  ? -7.259  -7.874  -2.143  1.00 3.99  ? 557  TYR B C   1 
ATOM   1240 O O   . TYR B 1 67  ? -7.656  -7.715  -0.999  1.00 9.12  ? 557  TYR B O   1 
ATOM   1241 C CB  . TYR B 1 67  ? -4.798  -8.160  -1.967  1.00 9.32  ? 557  TYR B CB  1 
ATOM   1242 C CG  . TYR B 1 67  ? -3.412  -7.642  -2.267  1.00 9.87  ? 557  TYR B CG  1 
ATOM   1243 C CD1 . TYR B 1 67  ? -2.761  -8.006  -3.435  1.00 21.06 ? 557  TYR B CD1 1 
ATOM   1244 C CD2 . TYR B 1 67  ? -2.783  -6.727  -1.410  1.00 12.87 ? 557  TYR B CD2 1 
ATOM   1245 C CE1 . TYR B 1 67  ? -1.505  -7.520  -3.730  1.00 27.88 ? 557  TYR B CE1 1 
ATOM   1246 C CE2 . TYR B 1 67  ? -1.526  -6.237  -1.701  1.00 20.15 ? 557  TYR B CE2 1 
ATOM   1247 C CZ  . TYR B 1 67  ? -0.894  -6.642  -2.859  1.00 24.19 ? 557  TYR B CZ  1 
ATOM   1248 O OH  . TYR B 1 67  ? 0.352   -6.160  -3.154  1.00 38.52 ? 557  TYR B OH  1 
ATOM   1249 N N   . ILE B 1 68  ? -7.930  -8.546  -3.068  1.00 7.50  ? 558  ILE B N   1 
ATOM   1250 C CA  . ILE B 1 68  ? -9.257  -9.151  -2.800  1.00 4.08  ? 558  ILE B CA  1 
ATOM   1251 C C   . ILE B 1 68  ? -9.018  -10.534 -2.270  1.00 6.46  ? 558  ILE B C   1 
ATOM   1252 O O   . ILE B 1 68  ? -8.418  -11.379 -2.957  1.00 10.78 ? 558  ILE B O   1 
ATOM   1253 C CB  . ILE B 1 68  ? -10.163 -9.174  -4.067  1.00 9.56  ? 558  ILE B CB  1 
ATOM   1254 C CG1 . ILE B 1 68  ? -10.322 -7.746  -4.636  1.00 6.05  ? 558  ILE B CG1 1 
ATOM   1255 C CG2 . ILE B 1 68  ? -11.573 -9.791  -3.688  1.00 5.99  ? 558  ILE B CG2 1 
ATOM   1256 C CD1 . ILE B 1 68  ? -10.661 -7.666  -6.076  1.00 9.72  ? 558  ILE B CD1 1 
ATOM   1257 N N   . VAL B 1 69  ? -9.459  -10.801 -1.051  1.00 5.87  ? 559  VAL B N   1 
ATOM   1258 C CA  . VAL B 1 69  ? -9.129  -12.115 -0.466  1.00 8.37  ? 559  VAL B CA  1 
ATOM   1259 C C   . VAL B 1 69  ? -10.346 -13.027 -0.413  1.00 4.96  ? 559  VAL B C   1 
ATOM   1260 O O   . VAL B 1 69  ? -10.203 -14.259 -0.417  1.00 7.18  ? 559  VAL B O   1 
ATOM   1261 C CB  . VAL B 1 69  ? -8.463  -11.960 0.902   1.00 7.67  ? 559  VAL B CB  1 
ATOM   1262 C CG1 . VAL B 1 69  ? -7.028  -11.458 0.701   1.00 5.72  ? 559  VAL B CG1 1 
ATOM   1263 C CG2 . VAL B 1 69  ? -9.285  -10.997 1.769   1.00 10.95 ? 559  VAL B CG2 1 
ATOM   1264 N N   . SER B 1 70  ? -11.533 -12.415 -0.405  1.00 4.87  ? 560  SER B N   1 
ATOM   1265 C CA  . SER B 1 70  ? -12.801 -13.150 -0.464  1.00 6.09  ? 560  SER B CA  1 
ATOM   1266 C C   . SER B 1 70  ? -13.954 -12.311 -1.013  1.00 11.98 ? 560  SER B C   1 
ATOM   1267 O O   . SER B 1 70  ? -13.928 -11.073 -0.961  1.00 7.43  ? 560  SER B O   1 
ATOM   1268 C CB  . SER B 1 70  ? -13.145 -13.730 0.913   1.00 10.50 ? 560  SER B CB  1 
ATOM   1269 O OG  . SER B 1 70  ? -13.314 -12.717 1.859   1.00 7.24  ? 560  SER B OG  1 
ATOM   1270 N N   . ILE B 1 71  ? -14.919 -13.020 -1.609  1.00 8.93  ? 561  ILE B N   1 
ATOM   1271 C CA  . ILE B 1 71  ? -16.189 -12.467 -2.066  1.00 5.13  ? 561  ILE B CA  1 
ATOM   1272 C C   . ILE B 1 71  ? -17.245 -13.297 -1.363  1.00 8.23  ? 561  ILE B C   1 
ATOM   1273 O O   . ILE B 1 71  ? -17.299 -14.514 -1.532  1.00 6.65  ? 561  ILE B O   1 
ATOM   1274 C CB  . ILE B 1 71  ? -16.311 -12.542 -3.642  1.00 5.72  ? 561  ILE B CB  1 
ATOM   1275 C CG1 . ILE B 1 71  ? -15.254 -11.645 -4.307  1.00 6.80  ? 561  ILE B CG1 1 
ATOM   1276 C CG2 . ILE B 1 71  ? -17.739 -12.132 -4.110  1.00 2.66  ? 561  ILE B CG2 1 
ATOM   1277 C CD1 . ILE B 1 71  ? -15.085 -11.925 -5.791  1.00 2.00  ? 561  ILE B CD1 1 
ATOM   1278 N N   . GLN B 1 72  ? -18.020 -12.664 -0.492  1.00 6.11  ? 562  GLN B N   1 
ATOM   1279 C CA  . GLN B 1 72  ? -18.818 -13.406 0.478   1.00 11.15 ? 562  GLN B CA  1 
ATOM   1280 C C   . GLN B 1 72  ? -17.959 -14.522 1.097   1.00 10.12 ? 562  GLN B C   1 
ATOM   1281 O O   . GLN B 1 72  ? -16.896 -14.232 1.608   1.00 9.59  ? 562  GLN B O   1 
ATOM   1282 C CB  . GLN B 1 72  ? -20.101 -13.943 -0.144  1.00 8.35  ? 562  GLN B CB  1 
ATOM   1283 C CG  . GLN B 1 72  ? -21.093 -12.848 -0.648  1.00 6.65  ? 562  GLN B CG  1 
ATOM   1284 C CD  . GLN B 1 72  ? -22.363 -13.414 -1.281  1.00 12.88 ? 562  GLN B CD  1 
ATOM   1285 O OE1 . GLN B 1 72  ? -22.478 -14.633 -1.494  1.00 7.90  ? 562  GLN B OE1 1 
ATOM   1286 N NE2 . GLN B 1 72  ? -23.338 -12.524 -1.573  1.00 2.06  ? 562  GLN B NE2 1 
ATOM   1287 N N   . LEU B 1 73  ? -18.422 -15.768 1.082   1.00 9.31  ? 563  LEU B N   1 
ATOM   1288 C CA  . LEU B 1 73  ? -17.675 -16.828 1.719   1.00 12.23 ? 563  LEU B CA  1 
ATOM   1289 C C   . LEU B 1 73  ? -16.924 -17.653 0.696   1.00 14.29 ? 563  LEU B C   1 
ATOM   1290 O O   . LEU B 1 73  ? -16.530 -18.763 1.017   1.00 10.61 ? 563  LEU B O   1 
ATOM   1291 C CB  . LEU B 1 73  ? -18.590 -17.701 2.605   1.00 14.11 ? 563  LEU B CB  1 
ATOM   1292 C CG  . LEU B 1 73  ? -19.335 -16.985 3.761   1.00 15.70 ? 563  LEU B CG  1 
ATOM   1293 C CD1 . LEU B 1 73  ? -20.157 -17.970 4.599   1.00 16.52 ? 563  LEU B CD1 1 
ATOM   1294 C CD2 . LEU B 1 73  ? -18.390 -16.213 4.685   1.00 20.45 ? 563  LEU B CD2 1 
ATOM   1295 N N   . VAL B 1 74  ? -16.695 -17.092 -0.504  1.00 10.15 ? 564  VAL B N   1 
ATOM   1296 C CA  . VAL B 1 74  ? -15.855 -17.721 -1.535  1.00 12.81 ? 564  VAL B CA  1 
ATOM   1297 C C   . VAL B 1 74  ? -14.455 -17.158 -1.391  1.00 12.23 ? 564  VAL B C   1 
ATOM   1298 O O   . VAL B 1 74  ? -14.256 -15.927 -1.375  1.00 8.77  ? 564  VAL B O   1 
ATOM   1299 C CB  . VAL B 1 74  ? -16.369 -17.468 -2.997  1.00 13.63 ? 564  VAL B CB  1 
ATOM   1300 C CG1 . VAL B 1 74  ? -15.364 -18.025 -4.036  1.00 13.08 ? 564  VAL B CG1 1 
ATOM   1301 C CG2 . VAL B 1 74  ? -17.761 -18.110 -3.205  1.00 13.88 ? 564  VAL B CG2 1 
ATOM   1302 N N   . ASP B 1 75  ? -13.491 -18.065 -1.251  1.00 9.65  ? 565  ASP B N   1 
ATOM   1303 C CA  . ASP B 1 75  ? -12.108 -17.682 -1.102  1.00 13.01 ? 565  ASP B CA  1 
ATOM   1304 C C   . ASP B 1 75  ? -11.584 -17.236 -2.452  1.00 11.42 ? 565  ASP B C   1 
ATOM   1305 O O   . ASP B 1 75  ? -11.714 -17.975 -3.432  1.00 9.02  ? 565  ASP B O   1 
ATOM   1306 C CB  . ASP B 1 75  ? -11.286 -18.877 -0.614  1.00 11.96 ? 565  ASP B CB  1 
ATOM   1307 C CG  . ASP B 1 75  ? -9.855  -18.506 -0.223  1.00 24.12 ? 565  ASP B CG  1 
ATOM   1308 O OD1 . ASP B 1 75  ? -9.484  -17.302 -0.230  1.00 17.51 ? 565  ASP B OD1 1 
ATOM   1309 O OD2 . ASP B 1 75  ? -9.101  -19.447 0.102   1.00 28.01 ? 565  ASP B OD2 1 
ATOM   1310 N N   . CYS B 1 76  ? -10.954 -16.069 -2.487  1.00 8.22  ? 566  CYS B N   1 
ATOM   1311 C CA  . CYS B 1 76  ? -10.379 -15.530 -3.732  1.00 9.15  ? 566  CYS B CA  1 
ATOM   1312 C C   . CYS B 1 76  ? -8.861  -15.530 -3.778  1.00 9.30  ? 566  CYS B C   1 
ATOM   1313 O O   . CYS B 1 76  ? -8.283  -15.062 -4.778  1.00 7.63  ? 566  CYS B O   1 
ATOM   1314 C CB  . CYS B 1 76  ? -10.855 -14.097 -3.959  1.00 11.40 ? 566  CYS B CB  1 
ATOM   1315 S SG  . CYS B 1 76  ? -12.586 -14.098 -4.365  1.00 12.88 ? 566  CYS B SG  1 
ATOM   1316 N N   . LYS B 1 77  ? -8.241  -15.994 -2.681  1.00 10.57 ? 567  LYS B N   1 
ATOM   1317 C CA  . LYS B 1 77  ? -6.793  -15.864 -2.480  1.00 14.26 ? 567  LYS B CA  1 
ATOM   1318 C C   . LYS B 1 77  ? -6.001  -16.539 -3.569  1.00 8.53  ? 567  LYS B C   1 
ATOM   1319 O O   . LYS B 1 77  ? -4.939  -16.026 -3.955  1.00 11.10 ? 567  LYS B O   1 
ATOM   1320 C CB  . LYS B 1 77  ? -6.342  -16.361 -1.093  1.00 15.67 ? 567  LYS B CB  1 
ATOM   1321 C CG  . LYS B 1 77  ? -6.452  -15.291 -0.009  1.00 19.89 ? 567  LYS B CG  1 
ATOM   1322 C CD  . LYS B 1 77  ? -5.902  -15.810 1.336   1.00 24.19 ? 567  LYS B CD  1 
ATOM   1323 C CE  . LYS B 1 77  ? -6.958  -15.902 2.412   1.00 33.17 ? 567  LYS B CE  1 
ATOM   1324 N NZ  . LYS B 1 77  ? -7.224  -14.559 3.018   1.00 29.25 ? 567  LYS B NZ  1 
ATOM   1325 N N   . TRP B 1 78  ? -6.523  -17.657 -4.079  1.00 10.27 ? 568  TRP B N   1 
ATOM   1326 C CA  . TRP B 1 78  ? -5.833  -18.430 -5.106  1.00 16.47 ? 568  TRP B CA  1 
ATOM   1327 C C   . TRP B 1 78  ? -6.410  -18.308 -6.505  1.00 13.58 ? 568  TRP B C   1 
ATOM   1328 O O   . TRP B 1 78  ? -5.990  -19.038 -7.399  1.00 15.77 ? 568  TRP B O   1 
ATOM   1329 C CB  . TRP B 1 78  ? -5.783  -19.894 -4.691  1.00 19.36 ? 568  TRP B CB  1 
ATOM   1330 C CG  . TRP B 1 78  ? -5.275  -20.039 -3.286  1.00 25.42 ? 568  TRP B CG  1 
ATOM   1331 C CD1 . TRP B 1 78  ? -6.002  -19.910 -2.120  1.00 25.84 ? 568  TRP B CD1 1 
ATOM   1332 C CD2 . TRP B 1 78  ? -3.927  -20.296 -2.890  1.00 30.37 ? 568  TRP B CD2 1 
ATOM   1333 N NE1 . TRP B 1 78  ? -5.182  -20.085 -1.036  1.00 36.66 ? 568  TRP B NE1 1 
ATOM   1334 C CE2 . TRP B 1 78  ? -3.906  -20.327 -1.477  1.00 37.31 ? 568  TRP B CE2 1 
ATOM   1335 C CE3 . TRP B 1 78  ? -2.737  -20.506 -3.590  1.00 34.68 ? 568  TRP B CE3 1 
ATOM   1336 C CZ2 . TRP B 1 78  ? -2.739  -20.563 -0.759  1.00 37.30 ? 568  TRP B CZ2 1 
ATOM   1337 C CZ3 . TRP B 1 78  ? -1.580  -20.748 -2.876  1.00 41.73 ? 568  TRP B CZ3 1 
ATOM   1338 C CH2 . TRP B 1 78  ? -1.588  -20.775 -1.473  1.00 47.11 ? 568  TRP B CH2 1 
ATOM   1339 N N   . LEU B 1 79  ? -7.317  -17.352 -6.712  1.00 10.68 ? 569  LEU B N   1 
ATOM   1340 C CA  . LEU B 1 79  ? -8.040  -17.214 -7.984  1.00 7.83  ? 569  LEU B CA  1 
ATOM   1341 C C   . LEU B 1 79  ? -7.281  -16.314 -8.941  1.00 10.20 ? 569  LEU B C   1 
ATOM   1342 O O   . LEU B 1 79  ? -6.555  -15.412 -8.509  1.00 11.47 ? 569  LEU B O   1 
ATOM   1343 C CB  . LEU B 1 79  ? -9.439  -16.609 -7.734  1.00 5.36  ? 569  LEU B CB  1 
ATOM   1344 C CG  . LEU B 1 79  ? -10.414 -17.437 -6.912  1.00 7.56  ? 569  LEU B CG  1 
ATOM   1345 C CD1 . LEU B 1 79  ? -11.822 -16.849 -6.899  1.00 2.25  ? 569  LEU B CD1 1 
ATOM   1346 C CD2 . LEU B 1 79  ? -10.515 -18.885 -7.372  1.00 10.35 ? 569  LEU B CD2 1 
ATOM   1347 N N   . THR B 1 80  ? -7.406  -16.587 -10.240 1.00 8.23  ? 570  THR B N   1 
ATOM   1348 C CA  . THR B 1 80  ? -6.907  -15.669 -11.256 1.00 8.87  ? 570  THR B CA  1 
ATOM   1349 C C   . THR B 1 80  ? -7.781  -14.410 -11.453 1.00 7.73  ? 570  THR B C   1 
ATOM   1350 O O   . THR B 1 80  ? -8.942  -14.333 -11.042 1.00 6.98  ? 570  THR B O   1 
ATOM   1351 C CB  . THR B 1 80  ? -6.808  -16.370 -12.611 1.00 8.21  ? 570  THR B CB  1 
ATOM   1352 O OG1 . THR B 1 80  ? -8.129  -16.623 -13.112 1.00 14.27 ? 570  THR B OG1 1 
ATOM   1353 C CG2 . THR B 1 80  ? -6.000  -17.688 -12.496 1.00 11.15 ? 570  THR B CG2 1 
ATOM   1354 N N   . LEU B 1 81  ? -7.193  -13.424 -12.137 1.00 10.71 ? 571  LEU B N   1 
ATOM   1355 C CA  . LEU B 1 81  ? -7.890  -12.214 -12.540 1.00 7.48  ? 571  LEU B CA  1 
ATOM   1356 C C   . LEU B 1 81  ? -9.191  -12.565 -13.262 1.00 7.36  ? 571  LEU B C   1 
ATOM   1357 O O   . LEU B 1 81  ? -10.223 -12.014 -12.959 1.00 6.16  ? 571  LEU B O   1 
ATOM   1358 C CB  . LEU B 1 81  ? -6.994  -11.377 -13.460 1.00 6.16  ? 571  LEU B CB  1 
ATOM   1359 C CG  . LEU B 1 81  ? -7.558  -10.096 -14.042 1.00 7.27  ? 571  LEU B CG  1 
ATOM   1360 C CD1 . LEU B 1 81  ? -7.977  -9.136  -12.929 1.00 16.39 ? 571  LEU B CD1 1 
ATOM   1361 C CD2 . LEU B 1 81  ? -6.536  -9.462  -15.014 1.00 8.47  ? 571  LEU B CD2 1 
ATOM   1362 N N   . SER B 1 82  ? -9.121  -13.511 -14.204 1.00 9.16  ? 572  SER B N   1 
ATOM   1363 C CA  . SER B 1 82  ? -10.283 -13.914 -14.981 1.00 13.04 ? 572  SER B CA  1 
ATOM   1364 C C   . SER B 1 82  ? -11.389 -14.489 -14.086 1.00 4.44  ? 572  SER B C   1 
ATOM   1365 O O   . SER B 1 82  ? -12.572 -14.138 -14.226 1.00 8.02  ? 572  SER B O   1 
ATOM   1366 C CB  . SER B 1 82  ? -9.851  -14.947 -16.023 1.00 12.18 ? 572  SER B CB  1 
ATOM   1367 O OG  . SER B 1 82  ? -10.957 -15.388 -16.748 1.00 25.44 ? 572  SER B OG  1 
ATOM   1368 N N   . GLU B 1 83  ? -11.001 -15.344 -13.151 1.00 4.16  ? 573  GLU B N   1 
ATOM   1369 C CA  . GLU B 1 83  ? -11.932 -15.928 -12.190 1.00 4.64  ? 573  GLU B CA  1 
ATOM   1370 C C   . GLU B 1 83  ? -12.607 -14.924 -11.247 1.00 5.93  ? 573  GLU B C   1 
ATOM   1371 O O   . GLU B 1 83  ? -13.826 -14.979 -10.985 1.00 7.43  ? 573  GLU B O   1 
ATOM   1372 C CB  . GLU B 1 83  ? -11.226 -16.988 -11.408 1.00 9.11  ? 573  GLU B CB  1 
ATOM   1373 C CG  . GLU B 1 83  ? -10.826 -18.153 -12.301 1.00 7.17  ? 573  GLU B CG  1 
ATOM   1374 C CD  . GLU B 1 83  ? -9.985  -19.153 -11.569 1.00 23.55 ? 573  GLU B CD  1 
ATOM   1375 O OE1 . GLU B 1 83  ? -9.032  -18.761 -10.866 1.00 16.25 ? 573  GLU B OE1 1 
ATOM   1376 O OE2 . GLU B 1 83  ? -10.279 -20.348 -11.702 1.00 20.56 ? 573  GLU B OE2 1 
ATOM   1377 N N   . VAL B 1 84  ? -11.817 -13.997 -10.751 1.00 4.00  ? 574  VAL B N   1 
ATOM   1378 C CA  . VAL B 1 84  ? -12.382 -12.966 -9.890  1.00 4.11  ? 574  VAL B CA  1 
ATOM   1379 C C   . VAL B 1 84  ? -13.341 -12.095 -10.659 1.00 6.45  ? 574  VAL B C   1 
ATOM   1380 O O   . VAL B 1 84  ? -14.415 -11.790 -10.178 1.00 2.38  ? 574  VAL B O   1 
ATOM   1381 C CB  . VAL B 1 84  ? -11.303 -12.106 -9.222  1.00 8.92  ? 574  VAL B CB  1 
ATOM   1382 C CG1 . VAL B 1 84  ? -12.013 -10.894 -8.514  1.00 2.12  ? 574  VAL B CG1 1 
ATOM   1383 C CG2 . VAL B 1 84  ? -10.520 -12.927 -8.238  1.00 6.68  ? 574  VAL B CG2 1 
ATOM   1384 N N   . MET B 1 85  ? -12.975 -11.706 -11.877 1.00 8.74  ? 575  MET B N   1 
ATOM   1385 C CA  . MET B 1 85  ? -13.898 -10.973 -12.731 1.00 6.59  ? 575  MET B CA  1 
ATOM   1386 C C   . MET B 1 85  ? -15.219 -11.727 -12.933 1.00 7.94  ? 575  MET B C   1 
ATOM   1387 O O   . MET B 1 85  ? -16.295 -11.145 -12.796 1.00 3.90  ? 575  MET B O   1 
ATOM   1388 C CB  A MET B 1 85  ? -13.235 -10.663 -14.074 0.50 7.10  ? 575  MET B CB  1 
ATOM   1389 C CB  B MET B 1 85  ? -13.282 -10.679 -14.100 0.50 6.89  ? 575  MET B CB  1 
ATOM   1390 C CG  A MET B 1 85  ? -14.102 -9.912  -15.055 0.50 15.40 ? 575  MET B CG  1 
ATOM   1391 C CG  B MET B 1 85  ? -12.264 -9.583  -14.110 0.50 8.93  ? 575  MET B CG  1 
ATOM   1392 S SD  A MET B 1 85  ? -13.067 -9.290  -16.389 0.50 18.17 ? 575  MET B SD  1 
ATOM   1393 S SD  B MET B 1 85  ? -11.566 -9.402  -15.771 0.50 22.41 ? 575  MET B SD  1 
ATOM   1394 C CE  A MET B 1 85  ? -11.897 -8.390  -15.366 0.50 13.19 ? 575  MET B CE  1 
ATOM   1395 C CE  B MET B 1 85  ? -13.046 -9.142  -16.742 0.50 20.01 ? 575  MET B CE  1 
ATOM   1396 N N   . LYS B 1 86  ? -15.149 -13.026 -13.228 1.00 6.05  ? 576  LYS B N   1 
ATOM   1397 C CA  . LYS B 1 86  ? -16.375 -13.790 -13.442 1.00 4.57  ? 576  LYS B CA  1 
ATOM   1398 C C   . LYS B 1 86  ? -17.238 -13.874 -12.201 1.00 4.76  ? 576  LYS B C   1 
ATOM   1399 O O   . LYS B 1 86  ? -18.454 -13.690 -12.278 1.00 11.03 ? 576  LYS B O   1 
ATOM   1400 C CB  . LYS B 1 86  ? -16.060 -15.187 -13.953 1.00 2.09  ? 576  LYS B CB  1 
ATOM   1401 C CG  . LYS B 1 86  ? -15.631 -15.206 -15.365 1.00 12.23 ? 576  LYS B CG  1 
ATOM   1402 C CD  . LYS B 1 86  ? -15.045 -16.548 -15.711 1.00 9.18  ? 576  LYS B CD  1 
ATOM   1403 C CE  . LYS B 1 86  ? -14.584 -16.586 -17.148 1.00 24.80 ? 576  LYS B CE  1 
ATOM   1404 N NZ  . LYS B 1 86  ? -14.331 -17.973 -17.557 1.00 24.84 ? 576  LYS B NZ  1 
ATOM   1405 N N   . LEU B 1 87  ? -16.625 -14.085 -11.045 1.00 6.22  ? 577  LEU B N   1 
ATOM   1406 C CA  . LEU B 1 87  ? -17.357 -13.968 -9.783  1.00 8.18  ? 577  LEU B CA  1 
ATOM   1407 C C   . LEU B 1 87  ? -18.060 -12.622 -9.580  1.00 4.86  ? 577  LEU B C   1 
ATOM   1408 O O   . LEU B 1 87  ? -19.246 -12.582 -9.234  1.00 4.68  ? 577  LEU B O   1 
ATOM   1409 C CB  . LEU B 1 87  ? -16.441 -14.225 -8.585  1.00 6.63  ? 577  LEU B CB  1 
ATOM   1410 C CG  . LEU B 1 87  ? -16.178 -15.712 -8.363  1.00 19.07 ? 577  LEU B CG  1 
ATOM   1411 C CD1 . LEU B 1 87  ? -15.028 -15.896 -7.350  1.00 12.85 ? 577  LEU B CD1 1 
ATOM   1412 C CD2 . LEU B 1 87  ? -17.496 -16.441 -7.925  1.00 16.54 ? 577  LEU B CD2 1 
ATOM   1413 N N   . LEU B 1 88  ? -17.349 -11.511 -9.745  1.00 5.02  ? 578  LEU B N   1 
ATOM   1414 C CA  . LEU B 1 88  ? -18.007 -10.225 -9.557  1.00 7.45  ? 578  LEU B CA  1 
ATOM   1415 C C   . LEU B 1 88  ? -19.079 -9.992  -10.607 1.00 7.49  ? 578  LEU B C   1 
ATOM   1416 O O   . LEU B 1 88  ? -20.109 -9.394  -10.301 1.00 8.28  ? 578  LEU B O   1 
ATOM   1417 C CB  . LEU B 1 88  ? -17.008 -9.051  -9.564  1.00 8.39  ? 578  LEU B CB  1 
ATOM   1418 C CG  . LEU B 1 88  ? -15.961 -9.123  -8.474  1.00 12.05 ? 578  LEU B CG  1 
ATOM   1419 C CD1 . LEU B 1 88  ? -14.596 -8.464  -8.965  1.00 5.51  ? 578  LEU B CD1 1 
ATOM   1420 C CD2 . LEU B 1 88  ? -16.586 -8.524  -7.203  1.00 3.97  ? 578  LEU B CD2 1 
ATOM   1421 N N   . LYS B 1 89  ? -18.852 -10.442 -11.854 1.00 6.37  ? 579  LYS B N   1 
ATOM   1422 C CA  . LYS B 1 89  ? -19.848 -10.185 -12.873 1.00 9.47  ? 579  LYS B CA  1 
ATOM   1423 C C   . LYS B 1 89  ? -21.190 -10.868 -12.487 1.00 10.74 ? 579  LYS B C   1 
ATOM   1424 O O   . LYS B 1 89  ? -22.266 -10.312 -12.688 1.00 10.52 ? 579  LYS B O   1 
ATOM   1425 C CB  . LYS B 1 89  ? -19.384 -10.610 -14.257 1.00 8.47  ? 579  LYS B CB  1 
ATOM   1426 C CG  . LYS B 1 89  ? -20.352 -10.099 -15.338 1.00 19.48 ? 579  LYS B CG  1 
ATOM   1427 C CD  . LYS B 1 89  ? -19.716 -9.922  -16.708 1.00 27.70 ? 579  LYS B CD  1 
ATOM   1428 C CE  . LYS B 1 89  ? -20.780 -9.653  -17.773 1.00 40.46 ? 579  LYS B CE  1 
ATOM   1429 N NZ  . LYS B 1 89  ? -21.658 -8.474  -17.451 1.00 36.37 ? 579  LYS B NZ  1 
ATOM   1430 N N   . SER B 1 90  ? -21.072 -12.029 -11.856 1.00 9.90  ? 580  SER B N   1 
ATOM   1431 C CA  . SER B 1 90  ? -22.209 -12.853 -11.455 1.00 13.03 ? 580  SER B CA  1 
ATOM   1432 C C   . SER B 1 90  ? -23.219 -12.147 -10.543 1.00 11.86 ? 580  SER B C   1 
ATOM   1433 O O   . SER B 1 90  ? -24.373 -12.587 -10.447 1.00 13.25 ? 580  SER B O   1 
ATOM   1434 C CB  . SER B 1 90  ? -21.703 -14.134 -10.766 1.00 11.73 ? 580  SER B CB  1 
ATOM   1435 O OG  . SER B 1 90  ? -21.499 -13.881 -9.368  1.00 11.54 ? 580  SER B OG  1 
ATOM   1436 N N   . PHE B 1 91  ? -22.810 -11.072 -9.861  1.00 8.21  ? 581  PHE B N   1 
ATOM   1437 C CA  . PHE B 1 91  ? -23.700 -10.363 -8.945  1.00 11.95 ? 581  PHE B CA  1 
ATOM   1438 C C   . PHE B 1 91  ? -24.649 -9.421  -9.663  1.00 14.18 ? 581  PHE B C   1 
ATOM   1439 O O   . PHE B 1 91  ? -25.646 -8.961  -9.093  1.00 11.71 ? 581  PHE B O   1 
ATOM   1440 C CB  . PHE B 1 91  ? -22.872 -9.576  -7.899  1.00 9.38  ? 581  PHE B CB  1 
ATOM   1441 C CG  . PHE B 1 91  ? -22.275 -10.433 -6.822  1.00 11.45 ? 581  PHE B CG  1 
ATOM   1442 C CD1 . PHE B 1 91  ? -22.938 -10.612 -5.633  1.00 10.27 ? 581  PHE B CD1 1 
ATOM   1443 C CD2 . PHE B 1 91  ? -21.078 -11.096 -7.011  1.00 7.95  ? 581  PHE B CD2 1 
ATOM   1444 C CE1 . PHE B 1 91  ? -22.438 -11.373 -4.662  1.00 4.95  ? 581  PHE B CE1 1 
ATOM   1445 C CE2 . PHE B 1 91  ? -20.555 -11.880 -6.007  1.00 6.69  ? 581  PHE B CE2 1 
ATOM   1446 C CZ  . PHE B 1 91  ? -21.243 -12.038 -4.828  1.00 13.11 ? 581  PHE B CZ  1 
ATOM   1447 N N   . GLY B 1 92  ? -24.308 -9.053  -10.896 1.00 17.00 ? 582  GLY B N   1 
ATOM   1448 C CA  . GLY B 1 92  ? -25.082 -8.063  -11.578 1.00 13.63 ? 582  GLY B CA  1 
ATOM   1449 C C   . GLY B 1 92  ? -25.164 -6.819  -10.738 1.00 15.11 ? 582  GLY B C   1 
ATOM   1450 O O   . GLY B 1 92  ? -24.146 -6.293  -10.293 1.00 14.41 ? 582  GLY B O   1 
ATOM   1451 N N   . GLU B 1 93  ? -26.377 -6.322  -10.545 1.00 13.66 ? 583  GLU B N   1 
ATOM   1452 C CA  . GLU B 1 93  ? -26.586 -5.100  -9.763  1.00 16.30 ? 583  GLU B CA  1 
ATOM   1453 C C   . GLU B 1 93  ? -26.943 -5.418  -8.316  1.00 15.31 ? 583  GLU B C   1 
ATOM   1454 O O   . GLU B 1 93  ? -27.306 -4.514  -7.560  1.00 18.24 ? 583  GLU B O   1 
ATOM   1455 C CB  . GLU B 1 93  ? -27.713 -4.266  -10.367 1.00 19.40 ? 583  GLU B CB  1 
ATOM   1456 C CG  . GLU B 1 93  ? -27.427 -3.720  -11.753 1.00 27.12 ? 583  GLU B CG  1 
ATOM   1457 C CD  . GLU B 1 93  ? -28.424 -2.657  -12.178 1.00 42.34 ? 583  GLU B CD  1 
ATOM   1458 O OE1 . GLU B 1 93  ? -29.376 -2.364  -11.417 1.00 37.39 ? 583  GLU B OE1 1 
ATOM   1459 O OE2 . GLU B 1 93  ? -28.261 -2.116  -13.287 1.00 55.68 ? 583  GLU B OE2 1 
ATOM   1460 N N   . ASP B 1 94  ? -26.840 -6.678  -7.922  1.00 14.41 ? 584  ASP B N   1 
ATOM   1461 C CA  . ASP B 1 94  ? -27.096 -7.015  -6.513  1.00 18.77 ? 584  ASP B CA  1 
ATOM   1462 C C   . ASP B 1 94  ? -25.911 -6.682  -5.591  1.00 17.03 ? 584  ASP B C   1 
ATOM   1463 O O   . ASP B 1 94  ? -24.787 -6.488  -6.058  1.00 14.54 ? 584  ASP B O   1 
ATOM   1464 C CB  . ASP B 1 94  ? -27.480 -8.484  -6.375  1.00 21.18 ? 584  ASP B CB  1 
ATOM   1465 C CG  . ASP B 1 94  ? -28.873 -8.797  -6.930  1.00 28.24 ? 584  ASP B CG  1 
ATOM   1466 O OD1 . ASP B 1 94  ? -29.767 -7.911  -6.915  1.00 41.06 ? 584  ASP B OD1 1 
ATOM   1467 O OD2 . ASP B 1 94  ? -29.077 -9.955  -7.349  1.00 41.68 ? 584  ASP B OD2 1 
ATOM   1468 N N   . GLU B 1 95  ? -26.186 -6.641  -4.282  1.00 12.55 ? 585  GLU B N   1 
ATOM   1469 C CA  . GLU B 1 95  ? -25.209 -6.321  -3.262  1.00 14.79 ? 585  GLU B CA  1 
ATOM   1470 C C   . GLU B 1 95  ? -24.022 -7.279  -3.345  1.00 11.75 ? 585  GLU B C   1 
ATOM   1471 O O   . GLU B 1 95  ? -24.195 -8.496  -3.374  1.00 11.21 ? 585  GLU B O   1 
ATOM   1472 C CB  . GLU B 1 95  ? -25.815 -6.446  -1.862  1.00 16.25 ? 585  GLU B CB  1 
ATOM   1473 C CG  . GLU B 1 95  ? -24.975 -5.744  -0.787  1.00 36.27 ? 585  GLU B CG  1 
ATOM   1474 C CD  . GLU B 1 95  ? -25.538 -5.887  0.626   1.00 31.85 ? 585  GLU B CD  1 
ATOM   1475 O OE1 . GLU B 1 95  ? -26.544 -6.615  0.816   1.00 58.74 ? 585  GLU B OE1 1 
ATOM   1476 O OE2 . GLU B 1 95  ? -24.965 -5.266  1.545   1.00 51.18 ? 585  GLU B OE2 1 
ATOM   1477 N N   . ILE B 1 96  ? -22.828 -6.700  -3.423  1.00 9.32  ? 586  ILE B N   1 
ATOM   1478 C CA  . ILE B 1 96  ? -21.574 -7.462  -3.369  1.00 8.00  ? 586  ILE B CA  1 
ATOM   1479 C C   . ILE B 1 96  ? -20.927 -7.178  -1.996  1.00 7.20  ? 586  ILE B C   1 
ATOM   1480 O O   . ILE B 1 96  ? -20.920 -6.031  -1.514  1.00 11.10 ? 586  ILE B O   1 
ATOM   1481 C CB  . ILE B 1 96  ? -20.607 -7.047  -4.483  1.00 8.59  ? 586  ILE B CB  1 
ATOM   1482 C CG1 . ILE B 1 96  ? -21.278 -7.161  -5.854  1.00 13.38 ? 586  ILE B CG1 1 
ATOM   1483 C CG2 . ILE B 1 96  ? -19.358 -7.922  -4.448  1.00 13.49 ? 586  ILE B CG2 1 
ATOM   1484 C CD1 . ILE B 1 96  ? -20.400 -6.708  -7.037  1.00 14.65 ? 586  ILE B CD1 1 
ATOM   1485 N N   . GLU B 1 97  ? -20.445 -8.241  -1.359  1.00 10.36 ? 587  GLU B N   1 
ATOM   1486 C CA  . GLU B 1 97  ? -19.562 -8.143  -0.205  1.00 7.65  ? 587  GLU B CA  1 
ATOM   1487 C C   . GLU B 1 97  ? -18.258 -8.798  -0.643  1.00 13.35 ? 587  GLU B C   1 
ATOM   1488 O O   . GLU B 1 97  ? -18.277 -9.900  -1.164  1.00 7.60  ? 587  GLU B O   1 
ATOM   1489 C CB  . GLU B 1 97  ? -20.160 -8.828  1.032   1.00 10.13 ? 587  GLU B CB  1 
ATOM   1490 C CG  . GLU B 1 97  ? -19.380 -8.581  2.345   1.00 11.02 ? 587  GLU B CG  1 
ATOM   1491 C CD  . GLU B 1 97  ? -18.146 -9.496  2.533   1.00 14.32 ? 587  GLU B CD  1 
ATOM   1492 O OE1 . GLU B 1 97  ? -17.951 -10.457 1.739   1.00 16.85 ? 587  GLU B OE1 1 
ATOM   1493 O OE2 . GLU B 1 97  ? -17.384 -9.278  3.499   1.00 22.74 ? 587  GLU B OE2 1 
ATOM   1494 N N   . MET B 1 98  ? -17.153 -8.059  -0.527  1.00 9.75  ? 588  MET B N   1 
ATOM   1495 C CA  . MET B 1 98  ? -15.827 -8.641  -0.635  1.00 10.15 ? 588  MET B CA  1 
ATOM   1496 C C   . MET B 1 98  ? -14.997 -8.193  0.573   1.00 14.35 ? 588  MET B C   1 
ATOM   1497 O O   . MET B 1 98  ? -15.326 -7.186  1.247   1.00 13.10 ? 588  MET B O   1 
ATOM   1498 C CB  . MET B 1 98  ? -15.169 -8.251  -1.947  1.00 11.11 ? 588  MET B CB  1 
ATOM   1499 C CG  . MET B 1 98  ? -14.841 -6.847  -2.099  1.00 15.03 ? 588  MET B CG  1 
ATOM   1500 S SD  . MET B 1 98  ? -14.143 -6.615  -3.735  1.00 17.06 ? 588  MET B SD  1 
ATOM   1501 C CE  . MET B 1 98  ? -13.687 -4.886  -3.643  1.00 16.50 ? 588  MET B CE  1 
ATOM   1502 N N   . LYS B 1 99  ? -13.979 -8.987  0.882   1.00 10.16 ? 589  LYS B N   1 
ATOM   1503 C CA  . LYS B 1 99  ? -12.980 -8.592  1.833   1.00 8.29  ? 589  LYS B CA  1 
ATOM   1504 C C   . LYS B 1 99  ? -11.664 -8.312  1.137   1.00 10.11 ? 589  LYS B C   1 
ATOM   1505 O O   . LYS B 1 99  ? -11.212 -9.064  0.270   1.00 5.05  ? 589  LYS B O   1 
ATOM   1506 C CB  . LYS B 1 99  ? -12.804 -9.648  2.931   1.00 9.41  ? 589  LYS B CB  1 
ATOM   1507 C CG  . LYS B 1 99  ? -13.998 -9.694  3.883   1.00 11.94 ? 589  LYS B CG  1 
ATOM   1508 C CD  . LYS B 1 99  ? -13.863 -10.747 4.937   1.00 20.67 ? 589  LYS B CD  1 
ATOM   1509 C CE  . LYS B 1 99  ? -15.096 -10.785 5.853   1.00 24.00 ? 589  LYS B CE  1 
ATOM   1510 N NZ  . LYS B 1 99  ? -16.341 -11.209 5.124   1.00 25.57 ? 589  LYS B NZ  1 
ATOM   1511 N N   . VAL B 1 100 ? -11.062 -7.211  1.536   1.00 4.91  ? 590  VAL B N   1 
ATOM   1512 C CA  . VAL B 1 100 ? -9.808  -6.752  0.994   1.00 9.59  ? 590  VAL B CA  1 
ATOM   1513 C C   . VAL B 1 100 ? -8.776  -6.526  2.085   1.00 14.84 ? 590  VAL B C   1 
ATOM   1514 O O   . VAL B 1 100 ? -9.116  -6.292  3.268   1.00 12.38 ? 590  VAL B O   1 
ATOM   1515 C CB  . VAL B 1 100 ? -9.971  -5.441  0.191   1.00 11.37 ? 590  VAL B CB  1 
ATOM   1516 C CG1 . VAL B 1 100 ? -10.804 -5.669  -1.085  1.00 7.19  ? 590  VAL B CG1 1 
ATOM   1517 C CG2 . VAL B 1 100 ? -10.552 -4.350  1.070   1.00 10.60 ? 590  VAL B CG2 1 
ATOM   1518 N N   . VAL B 1 101 ? -7.509  -6.608  1.686   1.00 11.53 ? 591  VAL B N   1 
ATOM   1519 C CA  . VAL B 1 101 ? -6.416  -6.214  2.554   1.00 13.42 ? 591  VAL B CA  1 
ATOM   1520 C C   . VAL B 1 101 ? -5.565  -5.207  1.811   1.00 10.82 ? 591  VAL B C   1 
ATOM   1521 O O   . VAL B 1 101 ? -5.380  -5.308  0.599   1.00 9.81  ? 591  VAL B O   1 
ATOM   1522 C CB  . VAL B 1 101 ? -5.569  -7.411  3.029   1.00 12.10 ? 591  VAL B CB  1 
ATOM   1523 C CG1 . VAL B 1 101 ? -6.376  -8.286  3.903   1.00 11.18 ? 591  VAL B CG1 1 
ATOM   1524 C CG2 . VAL B 1 101 ? -4.995  -8.213  1.840   1.00 23.54 ? 591  VAL B CG2 1 
ATOM   1525 N N   . SER B 1 102 ? -5.051  -4.226  2.537   1.00 7.33  ? 592  SER B N   1 
ATOM   1526 C CA  . SER B 1 102 ? -4.155  -3.242  1.930   1.00 9.03  ? 592  SER B CA  1 
ATOM   1527 C C   . SER B 1 102 ? -2.685  -3.662  1.921   1.00 14.29 ? 592  SER B C   1 
ATOM   1528 O O   . SER B 1 102 ? -1.908  -3.141  1.111   1.00 17.89 ? 592  SER B O   1 
ATOM   1529 C CB  . SER B 1 102 ? -4.343  -1.889  2.592   1.00 10.99 ? 592  SER B CB  1 
ATOM   1530 O OG  . SER B 1 102 ? -5.625  -1.380  2.276   1.00 12.55 ? 592  SER B OG  1 
ATOM   1531 N N   . LEU B 1 103 ? -2.325  -4.581  2.822   1.00 17.48 ? 593  LEU B N   1 
ATOM   1532 C CA  . LEU B 1 103 ? -1.011  -5.212  2.870   1.00 19.20 ? 593  LEU B CA  1 
ATOM   1533 C C   . LEU B 1 103 ? -1.157  -6.709  2.917   1.00 18.10 ? 593  LEU B C   1 
ATOM   1534 O O   . LEU B 1 103 ? -1.855  -7.237  3.778   1.00 24.41 ? 593  LEU B O   1 
ATOM   1535 C CB  . LEU B 1 103 ? -0.261  -4.801  4.135   1.00 19.88 ? 593  LEU B CB  1 
ATOM   1536 C CG  . LEU B 1 103 ? 0.267   -3.387  4.208   1.00 22.67 ? 593  LEU B CG  1 
ATOM   1537 C CD1 . LEU B 1 103 ? 0.836   -3.150  5.605   1.00 22.53 ? 593  LEU B CD1 1 
ATOM   1538 C CD2 . LEU B 1 103 ? 1.322   -3.173  3.149   1.00 20.19 ? 593  LEU B CD2 1 
ATOM   1539 N N   . LEU B 1 104 ? -0.463  -7.400  2.027   1.00 22.65 ? 594  LEU B N   1 
ATOM   1540 C CA  . LEU B 1 104 ? -0.621  -8.833  1.896   1.00 27.19 ? 594  LEU B CA  1 
ATOM   1541 C C   . LEU B 1 104 ? 0.485   -9.562  2.641   1.00 32.83 ? 594  LEU B C   1 
ATOM   1542 O O   . LEU B 1 104 ? 0.578   -9.460  3.859   1.00 38.11 ? 594  LEU B O   1 
ATOM   1543 C CB  . LEU B 1 104 ? -0.616  -9.218  0.422   1.00 29.93 ? 594  LEU B CB  1 
ATOM   1544 C CG  . LEU B 1 104 ? -0.786  -10.709 0.126   1.00 32.89 ? 594  LEU B CG  1 
ATOM   1545 C CD1 . LEU B 1 104 ? -2.110  -11.244 0.665   1.00 31.89 ? 594  LEU B CD1 1 
ATOM   1546 C CD2 . LEU B 1 104 ? -0.663  -10.952 -1.364  1.00 23.60 ? 594  LEU B CD2 1 
HETATM 1547 O O   . HOH C 2 .   ? -7.423  4.934   -9.200  1.00 8.18  ? 2001 HOH A O   1 
HETATM 1548 O O   . HOH C 2 .   ? 4.289   6.636   -5.505  1.00 25.60 ? 2002 HOH A O   1 
HETATM 1549 O O   . HOH C 2 .   ? 4.626   9.732   -7.613  1.00 34.30 ? 2003 HOH A O   1 
HETATM 1550 O O   . HOH C 2 .   ? 23.093  -10.874 -1.817  1.00 35.32 ? 2004 HOH A O   1 
HETATM 1551 O O   . HOH C 2 .   ? 20.127  -11.693 1.914   1.00 34.31 ? 2005 HOH A O   1 
HETATM 1552 O O   . HOH C 2 .   ? 9.378   13.376  -5.406  1.00 23.07 ? 2006 HOH A O   1 
HETATM 1553 O O   . HOH C 2 .   ? 7.659   13.204  -2.131  1.00 32.01 ? 2007 HOH A O   1 
HETATM 1554 O O   . HOH C 2 .   ? 18.773  15.026  -1.594  1.00 29.15 ? 2008 HOH A O   1 
HETATM 1555 O O   . HOH C 2 .   ? 10.625  14.346  1.401   1.00 18.28 ? 2009 HOH A O   1 
HETATM 1556 O O   . HOH C 2 .   ? 20.896  3.590   10.785  1.00 32.71 ? 2010 HOH A O   1 
HETATM 1557 O O   . HOH C 2 .   ? 12.378  3.463   18.036  1.00 21.21 ? 2011 HOH A O   1 
HETATM 1558 O O   . HOH C 2 .   ? 13.717  8.127   13.707  1.00 19.11 ? 2012 HOH A O   1 
HETATM 1559 O O   . HOH C 2 .   ? 12.836  8.280   9.896   1.00 10.54 ? 2013 HOH A O   1 
HETATM 1560 O O   . HOH C 2 .   ? 14.647  -1.295  9.680   1.00 6.24  ? 2014 HOH A O   1 
HETATM 1561 O O   . HOH C 2 .   ? 11.171  -9.980  4.748   1.00 8.79  ? 2015 HOH A O   1 
HETATM 1562 O O   . HOH C 2 .   ? 9.565   -9.668  -4.102  1.00 29.80 ? 2016 HOH A O   1 
HETATM 1563 O O   . HOH C 2 .   ? 8.666   -6.623  -1.174  1.00 17.84 ? 2017 HOH A O   1 
HETATM 1564 O O   . HOH C 2 .   ? 11.155  6.306   15.449  1.00 25.21 ? 2018 HOH A O   1 
HETATM 1565 O O   . HOH C 2 .   ? 8.471   7.924   18.059  1.00 31.44 ? 2019 HOH A O   1 
HETATM 1566 O O   . HOH C 2 .   ? 3.497   10.861  9.762   1.00 26.94 ? 2020 HOH A O   1 
HETATM 1567 O O   . HOH C 2 .   ? 2.554   6.972   9.008   1.00 17.31 ? 2021 HOH A O   1 
HETATM 1568 O O   . HOH C 2 .   ? 3.405   12.656  6.580   1.00 33.51 ? 2022 HOH A O   1 
HETATM 1569 O O   . HOH C 2 .   ? 1.782   2.083   0.728   1.00 19.23 ? 2023 HOH A O   1 
HETATM 1570 O O   . HOH C 2 .   ? 2.413   4.320   10.546  1.00 14.13 ? 2024 HOH A O   1 
HETATM 1571 O O   . HOH C 2 .   ? 14.520  5.605   -8.897  1.00 22.08 ? 2025 HOH A O   1 
HETATM 1572 O O   . HOH C 2 .   ? 20.883  11.672  0.685   1.00 14.62 ? 2026 HOH A O   1 
HETATM 1573 O O   . HOH C 2 .   ? 18.854  -2.838  -7.628  1.00 12.89 ? 2027 HOH A O   1 
HETATM 1574 O O   . HOH C 2 .   ? 14.304  -2.414  -2.659  1.00 8.65  ? 2028 HOH A O   1 
HETATM 1575 O O   . HOH C 2 .   ? 12.557  -5.881  -9.700  1.00 30.18 ? 2029 HOH A O   1 
HETATM 1576 O O   . HOH C 2 .   ? 21.767  -10.299 0.402   1.00 18.78 ? 2030 HOH A O   1 
HETATM 1577 O O   . HOH C 2 .   ? 23.435  -8.956  2.255   1.00 18.94 ? 2031 HOH A O   1 
HETATM 1578 O O   . HOH C 2 .   ? 18.047  -10.361 2.856   1.00 10.32 ? 2032 HOH A O   1 
HETATM 1579 O O   . HOH C 2 .   ? 24.848  -5.792  -4.708  1.00 25.25 ? 2033 HOH A O   1 
HETATM 1580 O O   . HOH C 2 .   ? 20.951  -8.689  -4.862  1.00 23.07 ? 2034 HOH A O   1 
HETATM 1581 O O   . HOH C 2 .   ? 26.107  -0.524  6.335   1.00 11.54 ? 2035 HOH A O   1 
HETATM 1582 O O   . HOH C 2 .   ? 20.898  5.332   8.885   1.00 13.74 ? 2036 HOH A O   1 
HETATM 1583 O O   . HOH C 2 .   ? 24.186  1.772   15.311  1.00 20.97 ? 2037 HOH A O   1 
HETATM 1584 O O   . HOH C 2 .   ? 25.747  6.377   2.308   1.00 13.17 ? 2038 HOH A O   1 
HETATM 1585 O O   . HOH C 2 .   ? 26.218  9.919   10.776  1.00 28.88 ? 2039 HOH A O   1 
HETATM 1586 O O   . HOH C 2 .   ? 19.884  13.922  0.441   1.00 30.19 ? 2040 HOH A O   1 
HETATM 1587 O O   . HOH C 2 .   ? 20.042  9.601   8.919   1.00 15.39 ? 2041 HOH A O   1 
HETATM 1588 O O   . HOH C 2 .   ? 22.609  15.317  7.070   1.00 25.28 ? 2042 HOH A O   1 
HETATM 1589 O O   . HOH C 2 .   ? 24.128  11.676  2.940   1.00 23.00 ? 2043 HOH A O   1 
HETATM 1590 O O   . HOH C 2 .   ? 16.454  8.292   -4.944  1.00 9.86  ? 2044 HOH A O   1 
HETATM 1591 O O   . HOH C 2 .   ? 16.899  9.164   -7.721  1.00 28.52 ? 2045 HOH A O   1 
HETATM 1592 O O   . HOH C 2 .   ? 5.165   1.724   -9.975  1.00 29.16 ? 2046 HOH A O   1 
HETATM 1593 O O   . HOH C 2 .   ? 2.330   13.138  8.965   0.50 15.65 ? 2047 HOH A O   1 
HETATM 1594 O O   . HOH D 2 .   ? -4.731  2.661   11.969  1.00 20.66 ? 2001 HOH B O   1 
HETATM 1595 O O   . HOH D 2 .   ? 3.126   0.783   10.518  1.00 8.48  ? 2002 HOH B O   1 
HETATM 1596 O O   . HOH D 2 .   ? 9.876   10.961  17.957  1.00 36.05 ? 2003 HOH B O   1 
HETATM 1597 O O   . HOH D 2 .   ? 6.982   11.334  28.072  1.00 30.36 ? 2004 HOH B O   1 
HETATM 1598 O O   . HOH D 2 .   ? -7.443  -4.335  5.512   1.00 10.10 ? 2005 HOH B O   1 
HETATM 1599 O O   . HOH D 2 .   ? -22.909 -9.177  3.613   1.00 23.75 ? 2006 HOH B O   1 
HETATM 1600 O O   . HOH D 2 .   ? -12.823 -0.146  3.937   1.00 15.86 ? 2007 HOH B O   1 
HETATM 1601 O O   . HOH D 2 .   ? -14.530 -1.957  5.897   1.00 17.20 ? 2008 HOH B O   1 
HETATM 1602 O O   . HOH D 2 .   ? -14.923 -5.496  7.994   1.00 22.10 ? 2009 HOH B O   1 
HETATM 1603 O O   . HOH D 2 .   ? -18.686 -1.677  3.543   1.00 14.54 ? 2010 HOH B O   1 
HETATM 1604 O O   . HOH D 2 .   ? -20.848 -6.236  -13.618 1.00 24.21 ? 2011 HOH B O   1 
HETATM 1605 O O   . HOH D 2 .   ? -20.567 1.231   -9.607  1.00 30.21 ? 2012 HOH B O   1 
HETATM 1606 O O   . HOH D 2 .   ? -18.458 0.016   -7.064  1.00 10.28 ? 2013 HOH B O   1 
HETATM 1607 O O   . HOH D 2 .   ? -12.980 -4.707  -13.591 1.00 14.60 ? 2014 HOH B O   1 
HETATM 1608 O O   . HOH D 2 .   ? -6.076  -0.716  -14.905 1.00 20.50 ? 2015 HOH B O   1 
HETATM 1609 O O   . HOH D 2 .   ? -4.934  -3.829  -14.793 1.00 34.03 ? 2016 HOH B O   1 
HETATM 1610 O O   . HOH D 2 .   ? -3.177  -8.452  -14.594 1.00 12.75 ? 2017 HOH B O   1 
HETATM 1611 O O   . HOH D 2 .   ? -3.138  -15.550 -14.712 1.00 34.44 ? 2018 HOH B O   1 
HETATM 1612 O O   . HOH D 2 .   ? -1.755  -9.516  -7.500  1.00 24.38 ? 2019 HOH B O   1 
HETATM 1613 O O   . HOH D 2 .   ? -16.517 3.986   -13.154 1.00 22.26 ? 2020 HOH B O   1 
HETATM 1614 O O   . HOH D 2 .   ? -21.076 2.095   -7.382  1.00 15.09 ? 2021 HOH B O   1 
HETATM 1615 O O   . HOH D 2 .   ? -10.840 6.279   -4.263  1.00 15.63 ? 2022 HOH B O   1 
HETATM 1616 O O   . HOH D 2 .   ? -17.156 0.164   4.617   1.00 21.61 ? 2023 HOH B O   1 
HETATM 1617 O O   . HOH D 2 .   ? -11.669 4.525   -0.633  1.00 23.46 ? 2024 HOH B O   1 
HETATM 1618 O O   . HOH D 2 .   ? -9.471  6.657   -6.629  1.00 12.30 ? 2025 HOH B O   1 
HETATM 1619 O O   . HOH D 2 .   ? -3.914  -0.514  -0.988  1.00 17.89 ? 2026 HOH B O   1 
HETATM 1620 O O   . HOH D 2 .   ? -12.047 -13.784 3.980   1.00 23.86 ? 2027 HOH B O   1 
HETATM 1621 O O   . HOH D 2 .   ? -23.297 -9.824  -0.965  1.00 9.22  ? 2028 HOH B O   1 
HETATM 1622 O O   . HOH D 2 .   ? -9.107  -22.295 -0.890  1.00 25.93 ? 2029 HOH B O   1 
HETATM 1623 O O   . HOH D 2 .   ? -12.932 -20.437 -4.591  1.00 20.01 ? 2030 HOH B O   1 
HETATM 1624 O O   . HOH D 2 .   ? -8.157  -12.477 -5.486  1.00 8.47  ? 2031 HOH B O   1 
HETATM 1625 O O   . HOH D 2 .   ? -9.043  -18.958 -3.781  1.00 19.42 ? 2032 HOH B O   1 
HETATM 1626 O O   . HOH D 2 .   ? -8.527  -18.337 -15.148 1.00 16.32 ? 2033 HOH B O   1 
HETATM 1627 O O   . HOH D 2 .   ? -6.674  -16.900 -16.300 1.00 24.96 ? 2034 HOH B O   1 
HETATM 1628 O O   . HOH D 2 .   ? -6.740  -14.447 -15.549 1.00 15.47 ? 2035 HOH B O   1 
HETATM 1629 O O   . HOH D 2 .   ? -10.980 -17.879 -16.145 1.00 25.32 ? 2036 HOH B O   1 
HETATM 1630 O O   . HOH D 2 .   ? -7.109  -20.423 -9.906  1.00 30.87 ? 2037 HOH B O   1 
HETATM 1631 O O   . HOH D 2 .   ? -9.384  -21.744 -9.895  1.00 30.45 ? 2038 HOH B O   1 
HETATM 1632 O O   . HOH D 2 .   ? -19.967 -14.429 -14.321 1.00 7.84  ? 2039 HOH B O   1 
HETATM 1633 O O   . HOH D 2 .   ? -21.249 -7.100  -11.274 1.00 14.02 ? 2040 HOH B O   1 
HETATM 1634 O O   . HOH D 2 .   ? -23.645 -5.168  -8.038  1.00 16.04 ? 2041 HOH B O   1 
HETATM 1635 O O   . HOH D 2 .   ? -25.962 -10.890 -3.832  1.00 16.67 ? 2042 HOH B O   1 
HETATM 1636 O O   . HOH D 2 .   ? -24.161 -8.775  0.811   1.00 29.69 ? 2043 HOH B O   1 
HETATM 1637 O O   . HOH D 2 .   ? -15.921 -11.810 2.209   1.00 16.64 ? 2044 HOH B O   1 
HETATM 1638 O O   . HOH D 2 .   ? -16.271 -13.551 4.823   1.00 33.84 ? 2045 HOH B O   1 
HETATM 1639 O O   . HOH D 2 .   ? -2.811  -9.490  4.891   1.00 29.20 ? 2046 HOH B O   1 
# 
loop_
_pdbx_poly_seq_scheme.asym_id 
_pdbx_poly_seq_scheme.entity_id 
_pdbx_poly_seq_scheme.seq_id 
_pdbx_poly_seq_scheme.mon_id 
_pdbx_poly_seq_scheme.ndb_seq_num 
_pdbx_poly_seq_scheme.pdb_seq_num 
_pdbx_poly_seq_scheme.auth_seq_num 
_pdbx_poly_seq_scheme.pdb_mon_id 
_pdbx_poly_seq_scheme.auth_mon_id 
_pdbx_poly_seq_scheme.pdb_strand_id 
_pdbx_poly_seq_scheme.pdb_ins_code 
_pdbx_poly_seq_scheme.hetero 
A 1 1   MET 1   -22 ?   ?   ?   A . n 
A 1 2   HIS 2   -21 ?   ?   ?   A . n 
A 1 3   HIS 3   -20 ?   ?   ?   A . n 
A 1 4   HIS 4   -19 ?   ?   ?   A . n 
A 1 5   HIS 5   -18 ?   ?   ?   A . n 
A 1 6   HIS 6   -17 ?   ?   ?   A . n 
A 1 7   HIS 7   -16 ?   ?   ?   A . n 
A 1 8   SER 8   -15 -15 SER SER A . n 
A 1 9   SER 9   -14 -14 SER SER A . n 
A 1 10  GLY 10  -13 -13 GLY GLY A . n 
A 1 11  VAL 11  -12 -12 VAL VAL A . n 
A 1 12  ASP 12  -11 -11 ASP ASP A . n 
A 1 13  LEU 13  -10 -10 LEU LEU A . n 
A 1 14  GLY 14  -9  -9  GLY GLY A . n 
A 1 15  THR 15  -8  -8  THR THR A . n 
A 1 16  GLU 16  -7  -7  GLU GLU A . n 
A 1 17  ASN 17  -6  -6  ASN ASN A . n 
A 1 18  LEU 18  -5  -5  LEU LEU A . n 
A 1 19  TYR 19  -4  -4  TYR TYR A . n 
A 1 20  PHE 20  -3  -3  PHE PHE A . n 
A 1 21  GLN 21  -2  -2  GLN GLN A . n 
A 1 22  SER 22  -1  -1  SER SER A . n 
A 1 23  MET 23  0   0   MET MET A . n 
A 1 24  PRO 24  514 514 PRO PRO A . n 
A 1 25  ARG 25  515 515 ARG ARG A . n 
A 1 26  SER 26  516 516 SER SER A . n 
A 1 27  ILE 27  517 517 ILE ILE A . n 
A 1 28  ARG 28  518 518 ARG ARG A . n 
A 1 29  PHE 29  519 519 PHE PHE A . n 
A 1 30  THR 30  520 520 THR THR A . n 
A 1 31  ALA 31  521 521 ALA ALA A . n 
A 1 32  GLU 32  522 522 GLU GLU A . n 
A 1 33  GLU 33  523 523 GLU GLU A . n 
A 1 34  GLY 34  524 524 GLY GLY A . n 
A 1 35  ASP 35  525 525 ASP ASP A . n 
A 1 36  LEU 36  526 526 LEU LEU A . n 
A 1 37  GLY 37  527 527 GLY GLY A . n 
A 1 38  PHE 38  528 528 PHE PHE A . n 
A 1 39  THR 39  529 529 THR THR A . n 
A 1 40  LEU 40  530 530 LEU LEU A . n 
A 1 41  ARG 41  531 531 ARG ARG A . n 
A 1 42  GLY 42  532 532 GLY GLY A . n 
A 1 43  ASN 43  533 533 ASN ASN A . n 
A 1 44  ALA 44  534 534 ALA ALA A . n 
A 1 45  PRO 45  535 535 PRO PRO A . n 
A 1 46  VAL 46  536 536 VAL VAL A . n 
A 1 47  GLN 47  537 537 GLN GLN A . n 
A 1 48  VAL 48  538 538 VAL VAL A . n 
A 1 49  HIS 49  539 539 HIS HIS A . n 
A 1 50  PHE 50  540 540 PHE PHE A . n 
A 1 51  LEU 51  541 541 LEU LEU A . n 
A 1 52  ASP 52  542 542 ASP ASP A . n 
A 1 53  PRO 53  543 543 PRO PRO A . n 
A 1 54  TYR 54  544 544 TYR TYR A . n 
A 1 55  CYS 55  545 545 CYS CYS A . n 
A 1 56  SER 56  546 546 SER SER A . n 
A 1 57  ALA 57  547 547 ALA ALA A . n 
A 1 58  SER 58  548 548 SER SER A . n 
A 1 59  VAL 59  549 549 VAL VAL A . n 
A 1 60  ALA 60  550 550 ALA ALA A . n 
A 1 61  GLY 61  551 551 GLY GLY A . n 
A 1 62  ALA 62  552 552 ALA ALA A . n 
A 1 63  ARG 63  553 553 ARG ARG A . n 
A 1 64  GLU 64  554 554 GLU GLU A . n 
A 1 65  GLY 65  555 555 GLY GLY A . n 
A 1 66  ASP 66  556 556 ASP ASP A . n 
A 1 67  TYR 67  557 557 TYR TYR A . n 
A 1 68  ILE 68  558 558 ILE ILE A . n 
A 1 69  VAL 69  559 559 VAL VAL A . n 
A 1 70  SER 70  560 560 SER SER A . n 
A 1 71  ILE 71  561 561 ILE ILE A . n 
A 1 72  GLN 72  562 562 GLN GLN A . n 
A 1 73  LEU 73  563 563 LEU LEU A . n 
A 1 74  VAL 74  564 564 VAL VAL A . n 
A 1 75  ASP 75  565 565 ASP ASP A . n 
A 1 76  CYS 76  566 566 CYS CYS A . n 
A 1 77  LYS 77  567 567 LYS LYS A . n 
A 1 78  TRP 78  568 568 TRP TRP A . n 
A 1 79  LEU 79  569 569 LEU LEU A . n 
A 1 80  THR 80  570 570 THR THR A . n 
A 1 81  LEU 81  571 571 LEU LEU A . n 
A 1 82  SER 82  572 572 SER SER A . n 
A 1 83  GLU 83  573 573 GLU GLU A . n 
A 1 84  VAL 84  574 574 VAL VAL A . n 
A 1 85  MET 85  575 575 MET MET A . n 
A 1 86  LYS 86  576 576 LYS LYS A . n 
A 1 87  LEU 87  577 577 LEU LEU A . n 
A 1 88  LEU 88  578 578 LEU LEU A . n 
A 1 89  LYS 89  579 579 LYS LYS A . n 
A 1 90  SER 90  580 580 SER SER A . n 
A 1 91  PHE 91  581 581 PHE PHE A . n 
A 1 92  GLY 92  582 582 GLY GLY A . n 
A 1 93  GLU 93  583 583 GLU GLU A . n 
A 1 94  ASP 94  584 584 ASP ASP A . n 
A 1 95  GLU 95  585 585 GLU GLU A . n 
A 1 96  ILE 96  586 586 ILE ILE A . n 
A 1 97  GLU 97  587 587 GLU GLU A . n 
A 1 98  MET 98  588 588 MET MET A . n 
A 1 99  LYS 99  589 589 LYS LYS A . n 
A 1 100 VAL 100 590 590 VAL VAL A . n 
A 1 101 VAL 101 591 591 VAL VAL A . n 
A 1 102 SER 102 592 592 SER SER A . n 
A 1 103 LEU 103 593 593 LEU LEU A . n 
A 1 104 LEU 104 594 594 LEU LEU A . n 
A 1 105 ASP 105 595 ?   ?   ?   A . n 
A 1 106 GLU 106 596 ?   ?   ?   A . n 
A 1 107 VAL 107 597 ?   ?   ?   A . n 
A 1 108 THR 108 598 ?   ?   ?   A . n 
A 1 109 PHE 109 599 ?   ?   ?   A . n 
B 1 1   MET 1   -22 -22 MET MET B . n 
B 1 2   HIS 2   -21 -21 HIS HIS B . n 
B 1 3   HIS 3   -20 -20 HIS HIS B . n 
B 1 4   HIS 4   -19 -19 HIS HIS B . n 
B 1 5   HIS 5   -18 -18 HIS HIS B . n 
B 1 6   HIS 6   -17 -17 HIS HIS B . n 
B 1 7   HIS 7   -16 -16 HIS HIS B . n 
B 1 8   SER 8   -15 -15 SER SER B . n 
B 1 9   SER 9   -14 -14 SER SER B . n 
B 1 10  GLY 10  -13 -13 GLY GLY B . n 
B 1 11  VAL 11  -12 -12 VAL VAL B . n 
B 1 12  ASP 12  -11 -11 ASP ASP B . n 
B 1 13  LEU 13  -10 -10 LEU LEU B . n 
B 1 14  GLY 14  -9  -9  GLY GLY B . n 
B 1 15  THR 15  -8  -8  THR THR B . n 
B 1 16  GLU 16  -7  -7  GLU GLU B . n 
B 1 17  ASN 17  -6  -6  ASN ASN B . n 
B 1 18  LEU 18  -5  -5  LEU LEU B . n 
B 1 19  TYR 19  -4  -4  TYR TYR B . n 
B 1 20  PHE 20  -3  -3  PHE PHE B . n 
B 1 21  GLN 21  -2  -2  GLN GLN B . n 
B 1 22  SER 22  -1  -1  SER SER B . n 
B 1 23  MET 23  0   0   MET MET B . n 
B 1 24  PRO 24  514 514 PRO PRO B . n 
B 1 25  ARG 25  515 515 ARG ARG B . n 
B 1 26  SER 26  516 516 SER SER B . n 
B 1 27  ILE 27  517 517 ILE ILE B . n 
B 1 28  ARG 28  518 518 ARG ARG B . n 
B 1 29  PHE 29  519 519 PHE PHE B . n 
B 1 30  THR 30  520 520 THR THR B . n 
B 1 31  ALA 31  521 521 ALA ALA B . n 
B 1 32  GLU 32  522 522 GLU GLU B . n 
B 1 33  GLU 33  523 523 GLU GLU B . n 
B 1 34  GLY 34  524 524 GLY GLY B . n 
B 1 35  ASP 35  525 525 ASP ASP B . n 
B 1 36  LEU 36  526 526 LEU LEU B . n 
B 1 37  GLY 37  527 527 GLY GLY B . n 
B 1 38  PHE 38  528 528 PHE PHE B . n 
B 1 39  THR 39  529 529 THR THR B . n 
B 1 40  LEU 40  530 530 LEU LEU B . n 
B 1 41  ARG 41  531 531 ARG ARG B . n 
B 1 42  GLY 42  532 532 GLY GLY B . n 
B 1 43  ASN 43  533 533 ASN ASN B . n 
B 1 44  ALA 44  534 534 ALA ALA B . n 
B 1 45  PRO 45  535 535 PRO PRO B . n 
B 1 46  VAL 46  536 536 VAL VAL B . n 
B 1 47  GLN 47  537 537 GLN GLN B . n 
B 1 48  VAL 48  538 538 VAL VAL B . n 
B 1 49  HIS 49  539 539 HIS HIS B . n 
B 1 50  PHE 50  540 540 PHE PHE B . n 
B 1 51  LEU 51  541 541 LEU LEU B . n 
B 1 52  ASP 52  542 542 ASP ASP B . n 
B 1 53  PRO 53  543 543 PRO PRO B . n 
B 1 54  TYR 54  544 544 TYR TYR B . n 
B 1 55  CYS 55  545 545 CYS CYS B . n 
B 1 56  SER 56  546 546 SER SER B . n 
B 1 57  ALA 57  547 547 ALA ALA B . n 
B 1 58  SER 58  548 548 SER SER B . n 
B 1 59  VAL 59  549 549 VAL VAL B . n 
B 1 60  ALA 60  550 550 ALA ALA B . n 
B 1 61  GLY 61  551 551 GLY GLY B . n 
B 1 62  ALA 62  552 552 ALA ALA B . n 
B 1 63  ARG 63  553 553 ARG ARG B . n 
B 1 64  GLU 64  554 554 GLU GLU B . n 
B 1 65  GLY 65  555 555 GLY GLY B . n 
B 1 66  ASP 66  556 556 ASP ASP B . n 
B 1 67  TYR 67  557 557 TYR TYR B . n 
B 1 68  ILE 68  558 558 ILE ILE B . n 
B 1 69  VAL 69  559 559 VAL VAL B . n 
B 1 70  SER 70  560 560 SER SER B . n 
B 1 71  ILE 71  561 561 ILE ILE B . n 
B 1 72  GLN 72  562 562 GLN GLN B . n 
B 1 73  LEU 73  563 563 LEU LEU B . n 
B 1 74  VAL 74  564 564 VAL VAL B . n 
B 1 75  ASP 75  565 565 ASP ASP B . n 
B 1 76  CYS 76  566 566 CYS CYS B . n 
B 1 77  LYS 77  567 567 LYS LYS B . n 
B 1 78  TRP 78  568 568 TRP TRP B . n 
B 1 79  LEU 79  569 569 LEU LEU B . n 
B 1 80  THR 80  570 570 THR THR B . n 
B 1 81  LEU 81  571 571 LEU LEU B . n 
B 1 82  SER 82  572 572 SER SER B . n 
B 1 83  GLU 83  573 573 GLU GLU B . n 
B 1 84  VAL 84  574 574 VAL VAL B . n 
B 1 85  MET 85  575 575 MET MET B . n 
B 1 86  LYS 86  576 576 LYS LYS B . n 
B 1 87  LEU 87  577 577 LEU LEU B . n 
B 1 88  LEU 88  578 578 LEU LEU B . n 
B 1 89  LYS 89  579 579 LYS LYS B . n 
B 1 90  SER 90  580 580 SER SER B . n 
B 1 91  PHE 91  581 581 PHE PHE B . n 
B 1 92  GLY 92  582 582 GLY GLY B . n 
B 1 93  GLU 93  583 583 GLU GLU B . n 
B 1 94  ASP 94  584 584 ASP ASP B . n 
B 1 95  GLU 95  585 585 GLU GLU B . n 
B 1 96  ILE 96  586 586 ILE ILE B . n 
B 1 97  GLU 97  587 587 GLU GLU B . n 
B 1 98  MET 98  588 588 MET MET B . n 
B 1 99  LYS 99  589 589 LYS LYS B . n 
B 1 100 VAL 100 590 590 VAL VAL B . n 
B 1 101 VAL 101 591 591 VAL VAL B . n 
B 1 102 SER 102 592 592 SER SER B . n 
B 1 103 LEU 103 593 593 LEU LEU B . n 
B 1 104 LEU 104 594 594 LEU LEU B . n 
B 1 105 ASP 105 595 ?   ?   ?   B . n 
B 1 106 GLU 106 596 ?   ?   ?   B . n 
B 1 107 VAL 107 597 ?   ?   ?   B . n 
B 1 108 THR 108 598 ?   ?   ?   B . n 
B 1 109 PHE 109 599 ?   ?   ?   B . n 
# 
loop_
_pdbx_nonpoly_scheme.asym_id 
_pdbx_nonpoly_scheme.entity_id 
_pdbx_nonpoly_scheme.mon_id 
_pdbx_nonpoly_scheme.ndb_seq_num 
_pdbx_nonpoly_scheme.pdb_seq_num 
_pdbx_nonpoly_scheme.auth_seq_num 
_pdbx_nonpoly_scheme.pdb_mon_id 
_pdbx_nonpoly_scheme.auth_mon_id 
_pdbx_nonpoly_scheme.pdb_strand_id 
_pdbx_nonpoly_scheme.pdb_ins_code 
C 2 HOH 1  2001 2001 HOH HOH A . 
C 2 HOH 2  2002 2002 HOH HOH A . 
C 2 HOH 3  2003 2003 HOH HOH A . 
C 2 HOH 4  2004 2004 HOH HOH A . 
C 2 HOH 5  2005 2005 HOH HOH A . 
C 2 HOH 6  2006 2006 HOH HOH A . 
C 2 HOH 7  2007 2007 HOH HOH A . 
C 2 HOH 8  2008 2008 HOH HOH A . 
C 2 HOH 9  2009 2009 HOH HOH A . 
C 2 HOH 10 2010 2010 HOH HOH A . 
C 2 HOH 11 2011 2011 HOH HOH A . 
C 2 HOH 12 2012 2012 HOH HOH A . 
C 2 HOH 13 2013 2013 HOH HOH A . 
C 2 HOH 14 2014 2014 HOH HOH A . 
C 2 HOH 15 2015 2015 HOH HOH A . 
C 2 HOH 16 2016 2016 HOH HOH A . 
C 2 HOH 17 2017 2017 HOH HOH A . 
C 2 HOH 18 2018 2018 HOH HOH A . 
C 2 HOH 19 2019 2019 HOH HOH A . 
C 2 HOH 20 2020 2020 HOH HOH A . 
C 2 HOH 21 2021 2021 HOH HOH A . 
C 2 HOH 22 2022 2022 HOH HOH A . 
C 2 HOH 23 2023 2023 HOH HOH A . 
C 2 HOH 24 2024 2024 HOH HOH A . 
C 2 HOH 25 2025 2025 HOH HOH A . 
C 2 HOH 26 2026 2026 HOH HOH A . 
C 2 HOH 27 2027 2027 HOH HOH A . 
C 2 HOH 28 2028 2028 HOH HOH A . 
C 2 HOH 29 2029 2029 HOH HOH A . 
C 2 HOH 30 2030 2030 HOH HOH A . 
C 2 HOH 31 2031 2031 HOH HOH A . 
C 2 HOH 32 2032 2032 HOH HOH A . 
C 2 HOH 33 2033 2033 HOH HOH A . 
C 2 HOH 34 2034 2034 HOH HOH A . 
C 2 HOH 35 2035 2035 HOH HOH A . 
C 2 HOH 36 2036 2036 HOH HOH A . 
C 2 HOH 37 2037 2037 HOH HOH A . 
C 2 HOH 38 2038 2038 HOH HOH A . 
C 2 HOH 39 2039 2039 HOH HOH A . 
C 2 HOH 40 2040 2040 HOH HOH A . 
C 2 HOH 41 2041 2041 HOH HOH A . 
C 2 HOH 42 2042 2042 HOH HOH A . 
C 2 HOH 43 2043 2043 HOH HOH A . 
C 2 HOH 44 2044 2044 HOH HOH A . 
C 2 HOH 45 2045 2045 HOH HOH A . 
C 2 HOH 46 2046 2046 HOH HOH A . 
C 2 HOH 47 2047 2047 HOH HOH A . 
D 2 HOH 1  2001 2001 HOH HOH B . 
D 2 HOH 2  2002 2002 HOH HOH B . 
D 2 HOH 3  2003 2003 HOH HOH B . 
D 2 HOH 4  2004 2004 HOH HOH B . 
D 2 HOH 5  2005 2005 HOH HOH B . 
D 2 HOH 6  2006 2006 HOH HOH B . 
D 2 HOH 7  2007 2007 HOH HOH B . 
D 2 HOH 8  2008 2008 HOH HOH B . 
D 2 HOH 9  2009 2009 HOH HOH B . 
D 2 HOH 10 2010 2010 HOH HOH B . 
D 2 HOH 11 2011 2011 HOH HOH B . 
D 2 HOH 12 2012 2012 HOH HOH B . 
D 2 HOH 13 2013 2013 HOH HOH B . 
D 2 HOH 14 2014 2014 HOH HOH B . 
D 2 HOH 15 2015 2015 HOH HOH B . 
D 2 HOH 16 2016 2016 HOH HOH B . 
D 2 HOH 17 2017 2017 HOH HOH B . 
D 2 HOH 18 2018 2018 HOH HOH B . 
D 2 HOH 19 2019 2019 HOH HOH B . 
D 2 HOH 20 2020 2020 HOH HOH B . 
D 2 HOH 21 2021 2021 HOH HOH B . 
D 2 HOH 22 2022 2022 HOH HOH B . 
D 2 HOH 23 2023 2023 HOH HOH B . 
D 2 HOH 24 2024 2024 HOH HOH B . 
D 2 HOH 25 2025 2025 HOH HOH B . 
D 2 HOH 26 2026 2026 HOH HOH B . 
D 2 HOH 27 2027 2027 HOH HOH B . 
D 2 HOH 28 2028 2028 HOH HOH B . 
D 2 HOH 29 2029 2029 HOH HOH B . 
D 2 HOH 30 2030 2030 HOH HOH B . 
D 2 HOH 31 2031 2031 HOH HOH B . 
D 2 HOH 32 2032 2032 HOH HOH B . 
D 2 HOH 33 2033 2033 HOH HOH B . 
D 2 HOH 34 2034 2034 HOH HOH B . 
D 2 HOH 35 2035 2035 HOH HOH B . 
D 2 HOH 36 2036 2036 HOH HOH B . 
D 2 HOH 37 2037 2037 HOH HOH B . 
D 2 HOH 38 2038 2038 HOH HOH B . 
D 2 HOH 39 2039 2039 HOH HOH B . 
D 2 HOH 40 2040 2040 HOH HOH B . 
D 2 HOH 41 2041 2041 HOH HOH B . 
D 2 HOH 42 2042 2042 HOH HOH B . 
D 2 HOH 43 2043 2043 HOH HOH B . 
D 2 HOH 44 2044 2044 HOH HOH B . 
D 2 HOH 45 2045 2045 HOH HOH B . 
D 2 HOH 46 2046 2046 HOH HOH B . 
# 
loop_
_pdbx_struct_assembly.id 
_pdbx_struct_assembly.details 
_pdbx_struct_assembly.method_details 
_pdbx_struct_assembly.oligomeric_details 
_pdbx_struct_assembly.oligomeric_count 
1 software_defined_assembly PQS dimeric   2 
2 author_defined_assembly   ?   monomeric 1 
3 author_defined_assembly   ?   monomeric 1 
# 
loop_
_pdbx_struct_assembly_gen.assembly_id 
_pdbx_struct_assembly_gen.oper_expression 
_pdbx_struct_assembly_gen.asym_id_list 
1 1 A,B,C,D 
2 1 A,C     
3 1 B,D     
# 
loop_
_pdbx_struct_assembly_prop.biol_id 
_pdbx_struct_assembly_prop.type 
_pdbx_struct_assembly_prop.value 
_pdbx_struct_assembly_prop.details 
1 'ABSA (A^2)' 1230  ? 
1 MORE         -22.3 ? 
1 'SSA (A^2)'  13270 ? 
# 
_pdbx_struct_oper_list.id                   1 
_pdbx_struct_oper_list.type                 'identity operation' 
_pdbx_struct_oper_list.name                 1_555 
_pdbx_struct_oper_list.symmetry_operation   x,y,z 
_pdbx_struct_oper_list.matrix[1][1]         1.0000000000 
_pdbx_struct_oper_list.matrix[1][2]         0.0000000000 
_pdbx_struct_oper_list.matrix[1][3]         0.0000000000 
_pdbx_struct_oper_list.vector[1]            0.0000000000 
_pdbx_struct_oper_list.matrix[2][1]         0.0000000000 
_pdbx_struct_oper_list.matrix[2][2]         1.0000000000 
_pdbx_struct_oper_list.matrix[2][3]         0.0000000000 
_pdbx_struct_oper_list.vector[2]            0.0000000000 
_pdbx_struct_oper_list.matrix[3][1]         0.0000000000 
_pdbx_struct_oper_list.matrix[3][2]         0.0000000000 
_pdbx_struct_oper_list.matrix[3][3]         1.0000000000 
_pdbx_struct_oper_list.vector[3]            0.0000000000 
# 
_pdbx_struct_special_symmetry.id              1 
_pdbx_struct_special_symmetry.PDB_model_num   1 
_pdbx_struct_special_symmetry.auth_asym_id    A 
_pdbx_struct_special_symmetry.auth_comp_id    HOH 
_pdbx_struct_special_symmetry.auth_seq_id     2047 
_pdbx_struct_special_symmetry.PDB_ins_code    ? 
_pdbx_struct_special_symmetry.label_asym_id   C 
_pdbx_struct_special_symmetry.label_comp_id   HOH 
_pdbx_struct_special_symmetry.label_seq_id    . 
# 
loop_
_pdbx_audit_revision_history.ordinal 
_pdbx_audit_revision_history.data_content_type 
_pdbx_audit_revision_history.major_revision 
_pdbx_audit_revision_history.minor_revision 
_pdbx_audit_revision_history.revision_date 
1 'Structure model' 1 0 2008-07-15 
2 'Structure model' 1 1 2011-05-08 
3 'Structure model' 1 2 2011-07-13 
4 'Structure model' 1 3 2018-01-24 
5 'Structure model' 1 4 2023-12-13 
# 
_pdbx_audit_revision_details.ordinal             1 
_pdbx_audit_revision_details.revision_ordinal    1 
_pdbx_audit_revision_details.data_content_type   'Structure model' 
_pdbx_audit_revision_details.provider            repository 
_pdbx_audit_revision_details.type                'Initial release' 
_pdbx_audit_revision_details.description         ? 
_pdbx_audit_revision_details.details             ? 
# 
loop_
_pdbx_audit_revision_group.ordinal 
_pdbx_audit_revision_group.revision_ordinal 
_pdbx_audit_revision_group.data_content_type 
_pdbx_audit_revision_group.group 
1 2 'Structure model' 'Version format compliance' 
2 3 'Structure model' 'Version format compliance' 
3 4 'Structure model' 'Database references'       
4 5 'Structure model' 'Data collection'           
5 5 'Structure model' 'Database references'       
6 5 'Structure model' Other                       
7 5 'Structure model' 'Refinement description'    
# 
loop_
_pdbx_audit_revision_category.ordinal 
_pdbx_audit_revision_category.revision_ordinal 
_pdbx_audit_revision_category.data_content_type 
_pdbx_audit_revision_category.category 
1 4 'Structure model' citation_author               
2 5 'Structure model' chem_comp_atom                
3 5 'Structure model' chem_comp_bond                
4 5 'Structure model' database_2                    
5 5 'Structure model' pdbx_database_status          
6 5 'Structure model' pdbx_initial_refinement_model 
# 
loop_
_pdbx_audit_revision_item.ordinal 
_pdbx_audit_revision_item.revision_ordinal 
_pdbx_audit_revision_item.data_content_type 
_pdbx_audit_revision_item.item 
1 4 'Structure model' '_citation_author.name'                
2 5 'Structure model' '_database_2.pdbx_DOI'                 
3 5 'Structure model' '_database_2.pdbx_database_accession'  
4 5 'Structure model' '_pdbx_database_status.status_code_sf' 
# 
loop_
_software.name 
_software.classification 
_software.version 
_software.citation_id 
_software.pdbx_ordinal 
REFMAC refinement       5.4.0066 ? 1 
XDS    'data reduction' .        ? 2 
XSCALE 'data scaling'   .        ? 3 
PHASER phasing          .        ? 4 
# 
loop_
_pdbx_validate_torsion.id 
_pdbx_validate_torsion.PDB_model_num 
_pdbx_validate_torsion.auth_comp_id 
_pdbx_validate_torsion.auth_asym_id 
_pdbx_validate_torsion.auth_seq_id 
_pdbx_validate_torsion.PDB_ins_code 
_pdbx_validate_torsion.label_alt_id 
_pdbx_validate_torsion.phi 
_pdbx_validate_torsion.psi 
1 1 HIS A 539 ? ? -108.66 -100.18 
2 1 GLN A 562 ? ? 45.00   -126.44 
3 1 HIS B 539 ? ? -112.74 -98.38  
4 1 GLN B 562 ? ? 44.49   -127.23 
# 
loop_
_pdbx_unobs_or_zero_occ_atoms.id 
_pdbx_unobs_or_zero_occ_atoms.PDB_model_num 
_pdbx_unobs_or_zero_occ_atoms.polymer_flag 
_pdbx_unobs_or_zero_occ_atoms.occupancy_flag 
_pdbx_unobs_or_zero_occ_atoms.auth_asym_id 
_pdbx_unobs_or_zero_occ_atoms.auth_comp_id 
_pdbx_unobs_or_zero_occ_atoms.auth_seq_id 
_pdbx_unobs_or_zero_occ_atoms.PDB_ins_code 
_pdbx_unobs_or_zero_occ_atoms.auth_atom_id 
_pdbx_unobs_or_zero_occ_atoms.label_alt_id 
_pdbx_unobs_or_zero_occ_atoms.label_asym_id 
_pdbx_unobs_or_zero_occ_atoms.label_comp_id 
_pdbx_unobs_or_zero_occ_atoms.label_seq_id 
_pdbx_unobs_or_zero_occ_atoms.label_atom_id 
1  1 Y 1 A PHE -3  ? CD1 ? A PHE 20 CD1 
2  1 Y 1 A PHE -3  ? CD2 ? A PHE 20 CD2 
3  1 Y 1 A PHE -3  ? CE1 ? A PHE 20 CE1 
4  1 Y 1 A PHE -3  ? CE2 ? A PHE 20 CE2 
5  1 Y 1 A PHE -3  ? CZ  ? A PHE 20 CZ  
6  1 Y 1 A GLU 522 ? CD  ? A GLU 32 CD  
7  1 Y 1 A GLU 522 ? OE1 ? A GLU 32 OE1 
8  1 Y 1 A GLU 522 ? OE2 ? A GLU 32 OE2 
9  1 Y 1 A GLU 585 ? CG  ? A GLU 95 CG  
10 1 Y 1 A GLU 585 ? CD  ? A GLU 95 CD  
11 1 Y 1 A GLU 585 ? OE1 ? A GLU 95 OE1 
12 1 Y 1 A GLU 585 ? OE2 ? A GLU 95 OE2 
13 1 Y 1 B MET -22 ? CG  ? B MET 1  CG  
14 1 Y 1 B MET -22 ? SD  ? B MET 1  SD  
15 1 Y 1 B MET -22 ? CE  ? B MET 1  CE  
16 1 Y 1 B ARG 518 ? NE  ? B ARG 28 NE  
17 1 Y 1 B ARG 518 ? CZ  ? B ARG 28 CZ  
18 1 Y 1 B ARG 518 ? NH1 ? B ARG 28 NH1 
19 1 Y 1 B ARG 518 ? NH2 ? B ARG 28 NH2 
20 1 Y 1 B GLU 522 ? CG  ? B GLU 32 CG  
21 1 Y 1 B GLU 522 ? CD  ? B GLU 32 CD  
22 1 Y 1 B GLU 522 ? OE1 ? B GLU 32 OE1 
23 1 Y 1 B GLU 522 ? OE2 ? B GLU 32 OE2 
24 1 Y 1 B GLU 523 ? CG  ? B GLU 33 CG  
25 1 Y 1 B GLU 523 ? CD  ? B GLU 33 CD  
26 1 Y 1 B GLU 523 ? OE1 ? B GLU 33 OE1 
27 1 Y 1 B GLU 523 ? OE2 ? B GLU 33 OE2 
28 1 Y 1 B ARG 553 ? CD  ? B ARG 63 CD  
29 1 Y 1 B ARG 553 ? NE  ? B ARG 63 NE  
30 1 Y 1 B ARG 553 ? CZ  ? B ARG 63 CZ  
31 1 Y 1 B ARG 553 ? NH1 ? B ARG 63 NH1 
32 1 Y 1 B ARG 553 ? NH2 ? B ARG 63 NH2 
# 
loop_
_pdbx_unobs_or_zero_occ_residues.id 
_pdbx_unobs_or_zero_occ_residues.PDB_model_num 
_pdbx_unobs_or_zero_occ_residues.polymer_flag 
_pdbx_unobs_or_zero_occ_residues.occupancy_flag 
_pdbx_unobs_or_zero_occ_residues.auth_asym_id 
_pdbx_unobs_or_zero_occ_residues.auth_comp_id 
_pdbx_unobs_or_zero_occ_residues.auth_seq_id 
_pdbx_unobs_or_zero_occ_residues.PDB_ins_code 
_pdbx_unobs_or_zero_occ_residues.label_asym_id 
_pdbx_unobs_or_zero_occ_residues.label_comp_id 
_pdbx_unobs_or_zero_occ_residues.label_seq_id 
1  1 Y 1 A MET -22 ? A MET 1   
2  1 Y 1 A HIS -21 ? A HIS 2   
3  1 Y 1 A HIS -20 ? A HIS 3   
4  1 Y 1 A HIS -19 ? A HIS 4   
5  1 Y 1 A HIS -18 ? A HIS 5   
6  1 Y 1 A HIS -17 ? A HIS 6   
7  1 Y 1 A HIS -16 ? A HIS 7   
8  1 Y 1 A ASP 595 ? A ASP 105 
9  1 Y 1 A GLU 596 ? A GLU 106 
10 1 Y 1 A VAL 597 ? A VAL 107 
11 1 Y 1 A THR 598 ? A THR 108 
12 1 Y 1 A PHE 599 ? A PHE 109 
13 1 Y 1 B ASP 595 ? B ASP 105 
14 1 Y 1 B GLU 596 ? B GLU 106 
15 1 Y 1 B VAL 597 ? B VAL 107 
16 1 Y 1 B THR 598 ? B THR 108 
17 1 Y 1 B PHE 599 ? B PHE 109 
# 
loop_
_chem_comp_atom.comp_id 
_chem_comp_atom.atom_id 
_chem_comp_atom.type_symbol 
_chem_comp_atom.pdbx_aromatic_flag 
_chem_comp_atom.pdbx_stereo_config 
_chem_comp_atom.pdbx_ordinal 
ALA N    N N N 1   
ALA CA   C N S 2   
ALA C    C N N 3   
ALA O    O N N 4   
ALA CB   C N N 5   
ALA OXT  O N N 6   
ALA H    H N N 7   
ALA H2   H N N 8   
ALA HA   H N N 9   
ALA HB1  H N N 10  
ALA HB2  H N N 11  
ALA HB3  H N N 12  
ALA HXT  H N N 13  
ARG N    N N N 14  
ARG CA   C N S 15  
ARG C    C N N 16  
ARG O    O N N 17  
ARG CB   C N N 18  
ARG CG   C N N 19  
ARG CD   C N N 20  
ARG NE   N N N 21  
ARG CZ   C N N 22  
ARG NH1  N N N 23  
ARG NH2  N N N 24  
ARG OXT  O N N 25  
ARG H    H N N 26  
ARG H2   H N N 27  
ARG HA   H N N 28  
ARG HB2  H N N 29  
ARG HB3  H N N 30  
ARG HG2  H N N 31  
ARG HG3  H N N 32  
ARG HD2  H N N 33  
ARG HD3  H N N 34  
ARG HE   H N N 35  
ARG HH11 H N N 36  
ARG HH12 H N N 37  
ARG HH21 H N N 38  
ARG HH22 H N N 39  
ARG HXT  H N N 40  
ASN N    N N N 41  
ASN CA   C N S 42  
ASN C    C N N 43  
ASN O    O N N 44  
ASN CB   C N N 45  
ASN CG   C N N 46  
ASN OD1  O N N 47  
ASN ND2  N N N 48  
ASN OXT  O N N 49  
ASN H    H N N 50  
ASN H2   H N N 51  
ASN HA   H N N 52  
ASN HB2  H N N 53  
ASN HB3  H N N 54  
ASN HD21 H N N 55  
ASN HD22 H N N 56  
ASN HXT  H N N 57  
ASP N    N N N 58  
ASP CA   C N S 59  
ASP C    C N N 60  
ASP O    O N N 61  
ASP CB   C N N 62  
ASP CG   C N N 63  
ASP OD1  O N N 64  
ASP OD2  O N N 65  
ASP OXT  O N N 66  
ASP H    H N N 67  
ASP H2   H N N 68  
ASP HA   H N N 69  
ASP HB2  H N N 70  
ASP HB3  H N N 71  
ASP HD2  H N N 72  
ASP HXT  H N N 73  
CYS N    N N N 74  
CYS CA   C N R 75  
CYS C    C N N 76  
CYS O    O N N 77  
CYS CB   C N N 78  
CYS SG   S N N 79  
CYS OXT  O N N 80  
CYS H    H N N 81  
CYS H2   H N N 82  
CYS HA   H N N 83  
CYS HB2  H N N 84  
CYS HB3  H N N 85  
CYS HG   H N N 86  
CYS HXT  H N N 87  
GLN N    N N N 88  
GLN CA   C N S 89  
GLN C    C N N 90  
GLN O    O N N 91  
GLN CB   C N N 92  
GLN CG   C N N 93  
GLN CD   C N N 94  
GLN OE1  O N N 95  
GLN NE2  N N N 96  
GLN OXT  O N N 97  
GLN H    H N N 98  
GLN H2   H N N 99  
GLN HA   H N N 100 
GLN HB2  H N N 101 
GLN HB3  H N N 102 
GLN HG2  H N N 103 
GLN HG3  H N N 104 
GLN HE21 H N N 105 
GLN HE22 H N N 106 
GLN HXT  H N N 107 
GLU N    N N N 108 
GLU CA   C N S 109 
GLU C    C N N 110 
GLU O    O N N 111 
GLU CB   C N N 112 
GLU CG   C N N 113 
GLU CD   C N N 114 
GLU OE1  O N N 115 
GLU OE2  O N N 116 
GLU OXT  O N N 117 
GLU H    H N N 118 
GLU H2   H N N 119 
GLU HA   H N N 120 
GLU HB2  H N N 121 
GLU HB3  H N N 122 
GLU HG2  H N N 123 
GLU HG3  H N N 124 
GLU HE2  H N N 125 
GLU HXT  H N N 126 
GLY N    N N N 127 
GLY CA   C N N 128 
GLY C    C N N 129 
GLY O    O N N 130 
GLY OXT  O N N 131 
GLY H    H N N 132 
GLY H2   H N N 133 
GLY HA2  H N N 134 
GLY HA3  H N N 135 
GLY HXT  H N N 136 
HIS N    N N N 137 
HIS CA   C N S 138 
HIS C    C N N 139 
HIS O    O N N 140 
HIS CB   C N N 141 
HIS CG   C Y N 142 
HIS ND1  N Y N 143 
HIS CD2  C Y N 144 
HIS CE1  C Y N 145 
HIS NE2  N Y N 146 
HIS OXT  O N N 147 
HIS H    H N N 148 
HIS H2   H N N 149 
HIS HA   H N N 150 
HIS HB2  H N N 151 
HIS HB3  H N N 152 
HIS HD1  H N N 153 
HIS HD2  H N N 154 
HIS HE1  H N N 155 
HIS HE2  H N N 156 
HIS HXT  H N N 157 
HOH O    O N N 158 
HOH H1   H N N 159 
HOH H2   H N N 160 
ILE N    N N N 161 
ILE CA   C N S 162 
ILE C    C N N 163 
ILE O    O N N 164 
ILE CB   C N S 165 
ILE CG1  C N N 166 
ILE CG2  C N N 167 
ILE CD1  C N N 168 
ILE OXT  O N N 169 
ILE H    H N N 170 
ILE H2   H N N 171 
ILE HA   H N N 172 
ILE HB   H N N 173 
ILE HG12 H N N 174 
ILE HG13 H N N 175 
ILE HG21 H N N 176 
ILE HG22 H N N 177 
ILE HG23 H N N 178 
ILE HD11 H N N 179 
ILE HD12 H N N 180 
ILE HD13 H N N 181 
ILE HXT  H N N 182 
LEU N    N N N 183 
LEU CA   C N S 184 
LEU C    C N N 185 
LEU O    O N N 186 
LEU CB   C N N 187 
LEU CG   C N N 188 
LEU CD1  C N N 189 
LEU CD2  C N N 190 
LEU OXT  O N N 191 
LEU H    H N N 192 
LEU H2   H N N 193 
LEU HA   H N N 194 
LEU HB2  H N N 195 
LEU HB3  H N N 196 
LEU HG   H N N 197 
LEU HD11 H N N 198 
LEU HD12 H N N 199 
LEU HD13 H N N 200 
LEU HD21 H N N 201 
LEU HD22 H N N 202 
LEU HD23 H N N 203 
LEU HXT  H N N 204 
LYS N    N N N 205 
LYS CA   C N S 206 
LYS C    C N N 207 
LYS O    O N N 208 
LYS CB   C N N 209 
LYS CG   C N N 210 
LYS CD   C N N 211 
LYS CE   C N N 212 
LYS NZ   N N N 213 
LYS OXT  O N N 214 
LYS H    H N N 215 
LYS H2   H N N 216 
LYS HA   H N N 217 
LYS HB2  H N N 218 
LYS HB3  H N N 219 
LYS HG2  H N N 220 
LYS HG3  H N N 221 
LYS HD2  H N N 222 
LYS HD3  H N N 223 
LYS HE2  H N N 224 
LYS HE3  H N N 225 
LYS HZ1  H N N 226 
LYS HZ2  H N N 227 
LYS HZ3  H N N 228 
LYS HXT  H N N 229 
MET N    N N N 230 
MET CA   C N S 231 
MET C    C N N 232 
MET O    O N N 233 
MET CB   C N N 234 
MET CG   C N N 235 
MET SD   S N N 236 
MET CE   C N N 237 
MET OXT  O N N 238 
MET H    H N N 239 
MET H2   H N N 240 
MET HA   H N N 241 
MET HB2  H N N 242 
MET HB3  H N N 243 
MET HG2  H N N 244 
MET HG3  H N N 245 
MET HE1  H N N 246 
MET HE2  H N N 247 
MET HE3  H N N 248 
MET HXT  H N N 249 
PHE N    N N N 250 
PHE CA   C N S 251 
PHE C    C N N 252 
PHE O    O N N 253 
PHE CB   C N N 254 
PHE CG   C Y N 255 
PHE CD1  C Y N 256 
PHE CD2  C Y N 257 
PHE CE1  C Y N 258 
PHE CE2  C Y N 259 
PHE CZ   C Y N 260 
PHE OXT  O N N 261 
PHE H    H N N 262 
PHE H2   H N N 263 
PHE HA   H N N 264 
PHE HB2  H N N 265 
PHE HB3  H N N 266 
PHE HD1  H N N 267 
PHE HD2  H N N 268 
PHE HE1  H N N 269 
PHE HE2  H N N 270 
PHE HZ   H N N 271 
PHE HXT  H N N 272 
PRO N    N N N 273 
PRO CA   C N S 274 
PRO C    C N N 275 
PRO O    O N N 276 
PRO CB   C N N 277 
PRO CG   C N N 278 
PRO CD   C N N 279 
PRO OXT  O N N 280 
PRO H    H N N 281 
PRO HA   H N N 282 
PRO HB2  H N N 283 
PRO HB3  H N N 284 
PRO HG2  H N N 285 
PRO HG3  H N N 286 
PRO HD2  H N N 287 
PRO HD3  H N N 288 
PRO HXT  H N N 289 
SER N    N N N 290 
SER CA   C N S 291 
SER C    C N N 292 
SER O    O N N 293 
SER CB   C N N 294 
SER OG   O N N 295 
SER OXT  O N N 296 
SER H    H N N 297 
SER H2   H N N 298 
SER HA   H N N 299 
SER HB2  H N N 300 
SER HB3  H N N 301 
SER HG   H N N 302 
SER HXT  H N N 303 
THR N    N N N 304 
THR CA   C N S 305 
THR C    C N N 306 
THR O    O N N 307 
THR CB   C N R 308 
THR OG1  O N N 309 
THR CG2  C N N 310 
THR OXT  O N N 311 
THR H    H N N 312 
THR H2   H N N 313 
THR HA   H N N 314 
THR HB   H N N 315 
THR HG1  H N N 316 
THR HG21 H N N 317 
THR HG22 H N N 318 
THR HG23 H N N 319 
THR HXT  H N N 320 
TRP N    N N N 321 
TRP CA   C N S 322 
TRP C    C N N 323 
TRP O    O N N 324 
TRP CB   C N N 325 
TRP CG   C Y N 326 
TRP CD1  C Y N 327 
TRP CD2  C Y N 328 
TRP NE1  N Y N 329 
TRP CE2  C Y N 330 
TRP CE3  C Y N 331 
TRP CZ2  C Y N 332 
TRP CZ3  C Y N 333 
TRP CH2  C Y N 334 
TRP OXT  O N N 335 
TRP H    H N N 336 
TRP H2   H N N 337 
TRP HA   H N N 338 
TRP HB2  H N N 339 
TRP HB3  H N N 340 
TRP HD1  H N N 341 
TRP HE1  H N N 342 
TRP HE3  H N N 343 
TRP HZ2  H N N 344 
TRP HZ3  H N N 345 
TRP HH2  H N N 346 
TRP HXT  H N N 347 
TYR N    N N N 348 
TYR CA   C N S 349 
TYR C    C N N 350 
TYR O    O N N 351 
TYR CB   C N N 352 
TYR CG   C Y N 353 
TYR CD1  C Y N 354 
TYR CD2  C Y N 355 
TYR CE1  C Y N 356 
TYR CE2  C Y N 357 
TYR CZ   C Y N 358 
TYR OH   O N N 359 
TYR OXT  O N N 360 
TYR H    H N N 361 
TYR H2   H N N 362 
TYR HA   H N N 363 
TYR HB2  H N N 364 
TYR HB3  H N N 365 
TYR HD1  H N N 366 
TYR HD2  H N N 367 
TYR HE1  H N N 368 
TYR HE2  H N N 369 
TYR HH   H N N 370 
TYR HXT  H N N 371 
VAL N    N N N 372 
VAL CA   C N S 373 
VAL C    C N N 374 
VAL O    O N N 375 
VAL CB   C N N 376 
VAL CG1  C N N 377 
VAL CG2  C N N 378 
VAL OXT  O N N 379 
VAL H    H N N 380 
VAL H2   H N N 381 
VAL HA   H N N 382 
VAL HB   H N N 383 
VAL HG11 H N N 384 
VAL HG12 H N N 385 
VAL HG13 H N N 386 
VAL HG21 H N N 387 
VAL HG22 H N N 388 
VAL HG23 H N N 389 
VAL HXT  H N N 390 
# 
loop_
_chem_comp_bond.comp_id 
_chem_comp_bond.atom_id_1 
_chem_comp_bond.atom_id_2 
_chem_comp_bond.value_order 
_chem_comp_bond.pdbx_aromatic_flag 
_chem_comp_bond.pdbx_stereo_config 
_chem_comp_bond.pdbx_ordinal 
ALA N   CA   sing N N 1   
ALA N   H    sing N N 2   
ALA N   H2   sing N N 3   
ALA CA  C    sing N N 4   
ALA CA  CB   sing N N 5   
ALA CA  HA   sing N N 6   
ALA C   O    doub N N 7   
ALA C   OXT  sing N N 8   
ALA CB  HB1  sing N N 9   
ALA CB  HB2  sing N N 10  
ALA CB  HB3  sing N N 11  
ALA OXT HXT  sing N N 12  
ARG N   CA   sing N N 13  
ARG N   H    sing N N 14  
ARG N   H2   sing N N 15  
ARG CA  C    sing N N 16  
ARG CA  CB   sing N N 17  
ARG CA  HA   sing N N 18  
ARG C   O    doub N N 19  
ARG C   OXT  sing N N 20  
ARG CB  CG   sing N N 21  
ARG CB  HB2  sing N N 22  
ARG CB  HB3  sing N N 23  
ARG CG  CD   sing N N 24  
ARG CG  HG2  sing N N 25  
ARG CG  HG3  sing N N 26  
ARG CD  NE   sing N N 27  
ARG CD  HD2  sing N N 28  
ARG CD  HD3  sing N N 29  
ARG NE  CZ   sing N N 30  
ARG NE  HE   sing N N 31  
ARG CZ  NH1  sing N N 32  
ARG CZ  NH2  doub N N 33  
ARG NH1 HH11 sing N N 34  
ARG NH1 HH12 sing N N 35  
ARG NH2 HH21 sing N N 36  
ARG NH2 HH22 sing N N 37  
ARG OXT HXT  sing N N 38  
ASN N   CA   sing N N 39  
ASN N   H    sing N N 40  
ASN N   H2   sing N N 41  
ASN CA  C    sing N N 42  
ASN CA  CB   sing N N 43  
ASN CA  HA   sing N N 44  
ASN C   O    doub N N 45  
ASN C   OXT  sing N N 46  
ASN CB  CG   sing N N 47  
ASN CB  HB2  sing N N 48  
ASN CB  HB3  sing N N 49  
ASN CG  OD1  doub N N 50  
ASN CG  ND2  sing N N 51  
ASN ND2 HD21 sing N N 52  
ASN ND2 HD22 sing N N 53  
ASN OXT HXT  sing N N 54  
ASP N   CA   sing N N 55  
ASP N   H    sing N N 56  
ASP N   H2   sing N N 57  
ASP CA  C    sing N N 58  
ASP CA  CB   sing N N 59  
ASP CA  HA   sing N N 60  
ASP C   O    doub N N 61  
ASP C   OXT  sing N N 62  
ASP CB  CG   sing N N 63  
ASP CB  HB2  sing N N 64  
ASP CB  HB3  sing N N 65  
ASP CG  OD1  doub N N 66  
ASP CG  OD2  sing N N 67  
ASP OD2 HD2  sing N N 68  
ASP OXT HXT  sing N N 69  
CYS N   CA   sing N N 70  
CYS N   H    sing N N 71  
CYS N   H2   sing N N 72  
CYS CA  C    sing N N 73  
CYS CA  CB   sing N N 74  
CYS CA  HA   sing N N 75  
CYS C   O    doub N N 76  
CYS C   OXT  sing N N 77  
CYS CB  SG   sing N N 78  
CYS CB  HB2  sing N N 79  
CYS CB  HB3  sing N N 80  
CYS SG  HG   sing N N 81  
CYS OXT HXT  sing N N 82  
GLN N   CA   sing N N 83  
GLN N   H    sing N N 84  
GLN N   H2   sing N N 85  
GLN CA  C    sing N N 86  
GLN CA  CB   sing N N 87  
GLN CA  HA   sing N N 88  
GLN C   O    doub N N 89  
GLN C   OXT  sing N N 90  
GLN CB  CG   sing N N 91  
GLN CB  HB2  sing N N 92  
GLN CB  HB3  sing N N 93  
GLN CG  CD   sing N N 94  
GLN CG  HG2  sing N N 95  
GLN CG  HG3  sing N N 96  
GLN CD  OE1  doub N N 97  
GLN CD  NE2  sing N N 98  
GLN NE2 HE21 sing N N 99  
GLN NE2 HE22 sing N N 100 
GLN OXT HXT  sing N N 101 
GLU N   CA   sing N N 102 
GLU N   H    sing N N 103 
GLU N   H2   sing N N 104 
GLU CA  C    sing N N 105 
GLU CA  CB   sing N N 106 
GLU CA  HA   sing N N 107 
GLU C   O    doub N N 108 
GLU C   OXT  sing N N 109 
GLU CB  CG   sing N N 110 
GLU CB  HB2  sing N N 111 
GLU CB  HB3  sing N N 112 
GLU CG  CD   sing N N 113 
GLU CG  HG2  sing N N 114 
GLU CG  HG3  sing N N 115 
GLU CD  OE1  doub N N 116 
GLU CD  OE2  sing N N 117 
GLU OE2 HE2  sing N N 118 
GLU OXT HXT  sing N N 119 
GLY N   CA   sing N N 120 
GLY N   H    sing N N 121 
GLY N   H2   sing N N 122 
GLY CA  C    sing N N 123 
GLY CA  HA2  sing N N 124 
GLY CA  HA3  sing N N 125 
GLY C   O    doub N N 126 
GLY C   OXT  sing N N 127 
GLY OXT HXT  sing N N 128 
HIS N   CA   sing N N 129 
HIS N   H    sing N N 130 
HIS N   H2   sing N N 131 
HIS CA  C    sing N N 132 
HIS CA  CB   sing N N 133 
HIS CA  HA   sing N N 134 
HIS C   O    doub N N 135 
HIS C   OXT  sing N N 136 
HIS CB  CG   sing N N 137 
HIS CB  HB2  sing N N 138 
HIS CB  HB3  sing N N 139 
HIS CG  ND1  sing Y N 140 
HIS CG  CD2  doub Y N 141 
HIS ND1 CE1  doub Y N 142 
HIS ND1 HD1  sing N N 143 
HIS CD2 NE2  sing Y N 144 
HIS CD2 HD2  sing N N 145 
HIS CE1 NE2  sing Y N 146 
HIS CE1 HE1  sing N N 147 
HIS NE2 HE2  sing N N 148 
HIS OXT HXT  sing N N 149 
HOH O   H1   sing N N 150 
HOH O   H2   sing N N 151 
ILE N   CA   sing N N 152 
ILE N   H    sing N N 153 
ILE N   H2   sing N N 154 
ILE CA  C    sing N N 155 
ILE CA  CB   sing N N 156 
ILE CA  HA   sing N N 157 
ILE C   O    doub N N 158 
ILE C   OXT  sing N N 159 
ILE CB  CG1  sing N N 160 
ILE CB  CG2  sing N N 161 
ILE CB  HB   sing N N 162 
ILE CG1 CD1  sing N N 163 
ILE CG1 HG12 sing N N 164 
ILE CG1 HG13 sing N N 165 
ILE CG2 HG21 sing N N 166 
ILE CG2 HG22 sing N N 167 
ILE CG2 HG23 sing N N 168 
ILE CD1 HD11 sing N N 169 
ILE CD1 HD12 sing N N 170 
ILE CD1 HD13 sing N N 171 
ILE OXT HXT  sing N N 172 
LEU N   CA   sing N N 173 
LEU N   H    sing N N 174 
LEU N   H2   sing N N 175 
LEU CA  C    sing N N 176 
LEU CA  CB   sing N N 177 
LEU CA  HA   sing N N 178 
LEU C   O    doub N N 179 
LEU C   OXT  sing N N 180 
LEU CB  CG   sing N N 181 
LEU CB  HB2  sing N N 182 
LEU CB  HB3  sing N N 183 
LEU CG  CD1  sing N N 184 
LEU CG  CD2  sing N N 185 
LEU CG  HG   sing N N 186 
LEU CD1 HD11 sing N N 187 
LEU CD1 HD12 sing N N 188 
LEU CD1 HD13 sing N N 189 
LEU CD2 HD21 sing N N 190 
LEU CD2 HD22 sing N N 191 
LEU CD2 HD23 sing N N 192 
LEU OXT HXT  sing N N 193 
LYS N   CA   sing N N 194 
LYS N   H    sing N N 195 
LYS N   H2   sing N N 196 
LYS CA  C    sing N N 197 
LYS CA  CB   sing N N 198 
LYS CA  HA   sing N N 199 
LYS C   O    doub N N 200 
LYS C   OXT  sing N N 201 
LYS CB  CG   sing N N 202 
LYS CB  HB2  sing N N 203 
LYS CB  HB3  sing N N 204 
LYS CG  CD   sing N N 205 
LYS CG  HG2  sing N N 206 
LYS CG  HG3  sing N N 207 
LYS CD  CE   sing N N 208 
LYS CD  HD2  sing N N 209 
LYS CD  HD3  sing N N 210 
LYS CE  NZ   sing N N 211 
LYS CE  HE2  sing N N 212 
LYS CE  HE3  sing N N 213 
LYS NZ  HZ1  sing N N 214 
LYS NZ  HZ2  sing N N 215 
LYS NZ  HZ3  sing N N 216 
LYS OXT HXT  sing N N 217 
MET N   CA   sing N N 218 
MET N   H    sing N N 219 
MET N   H2   sing N N 220 
MET CA  C    sing N N 221 
MET CA  CB   sing N N 222 
MET CA  HA   sing N N 223 
MET C   O    doub N N 224 
MET C   OXT  sing N N 225 
MET CB  CG   sing N N 226 
MET CB  HB2  sing N N 227 
MET CB  HB3  sing N N 228 
MET CG  SD   sing N N 229 
MET CG  HG2  sing N N 230 
MET CG  HG3  sing N N 231 
MET SD  CE   sing N N 232 
MET CE  HE1  sing N N 233 
MET CE  HE2  sing N N 234 
MET CE  HE3  sing N N 235 
MET OXT HXT  sing N N 236 
PHE N   CA   sing N N 237 
PHE N   H    sing N N 238 
PHE N   H2   sing N N 239 
PHE CA  C    sing N N 240 
PHE CA  CB   sing N N 241 
PHE CA  HA   sing N N 242 
PHE C   O    doub N N 243 
PHE C   OXT  sing N N 244 
PHE CB  CG   sing N N 245 
PHE CB  HB2  sing N N 246 
PHE CB  HB3  sing N N 247 
PHE CG  CD1  doub Y N 248 
PHE CG  CD2  sing Y N 249 
PHE CD1 CE1  sing Y N 250 
PHE CD1 HD1  sing N N 251 
PHE CD2 CE2  doub Y N 252 
PHE CD2 HD2  sing N N 253 
PHE CE1 CZ   doub Y N 254 
PHE CE1 HE1  sing N N 255 
PHE CE2 CZ   sing Y N 256 
PHE CE2 HE2  sing N N 257 
PHE CZ  HZ   sing N N 258 
PHE OXT HXT  sing N N 259 
PRO N   CA   sing N N 260 
PRO N   CD   sing N N 261 
PRO N   H    sing N N 262 
PRO CA  C    sing N N 263 
PRO CA  CB   sing N N 264 
PRO CA  HA   sing N N 265 
PRO C   O    doub N N 266 
PRO C   OXT  sing N N 267 
PRO CB  CG   sing N N 268 
PRO CB  HB2  sing N N 269 
PRO CB  HB3  sing N N 270 
PRO CG  CD   sing N N 271 
PRO CG  HG2  sing N N 272 
PRO CG  HG3  sing N N 273 
PRO CD  HD2  sing N N 274 
PRO CD  HD3  sing N N 275 
PRO OXT HXT  sing N N 276 
SER N   CA   sing N N 277 
SER N   H    sing N N 278 
SER N   H2   sing N N 279 
SER CA  C    sing N N 280 
SER CA  CB   sing N N 281 
SER CA  HA   sing N N 282 
SER C   O    doub N N 283 
SER C   OXT  sing N N 284 
SER CB  OG   sing N N 285 
SER CB  HB2  sing N N 286 
SER CB  HB3  sing N N 287 
SER OG  HG   sing N N 288 
SER OXT HXT  sing N N 289 
THR N   CA   sing N N 290 
THR N   H    sing N N 291 
THR N   H2   sing N N 292 
THR CA  C    sing N N 293 
THR CA  CB   sing N N 294 
THR CA  HA   sing N N 295 
THR C   O    doub N N 296 
THR C   OXT  sing N N 297 
THR CB  OG1  sing N N 298 
THR CB  CG2  sing N N 299 
THR CB  HB   sing N N 300 
THR OG1 HG1  sing N N 301 
THR CG2 HG21 sing N N 302 
THR CG2 HG22 sing N N 303 
THR CG2 HG23 sing N N 304 
THR OXT HXT  sing N N 305 
TRP N   CA   sing N N 306 
TRP N   H    sing N N 307 
TRP N   H2   sing N N 308 
TRP CA  C    sing N N 309 
TRP CA  CB   sing N N 310 
TRP CA  HA   sing N N 311 
TRP C   O    doub N N 312 
TRP C   OXT  sing N N 313 
TRP CB  CG   sing N N 314 
TRP CB  HB2  sing N N 315 
TRP CB  HB3  sing N N 316 
TRP CG  CD1  doub Y N 317 
TRP CG  CD2  sing Y N 318 
TRP CD1 NE1  sing Y N 319 
TRP CD1 HD1  sing N N 320 
TRP CD2 CE2  doub Y N 321 
TRP CD2 CE3  sing Y N 322 
TRP NE1 CE2  sing Y N 323 
TRP NE1 HE1  sing N N 324 
TRP CE2 CZ2  sing Y N 325 
TRP CE3 CZ3  doub Y N 326 
TRP CE3 HE3  sing N N 327 
TRP CZ2 CH2  doub Y N 328 
TRP CZ2 HZ2  sing N N 329 
TRP CZ3 CH2  sing Y N 330 
TRP CZ3 HZ3  sing N N 331 
TRP CH2 HH2  sing N N 332 
TRP OXT HXT  sing N N 333 
TYR N   CA   sing N N 334 
TYR N   H    sing N N 335 
TYR N   H2   sing N N 336 
TYR CA  C    sing N N 337 
TYR CA  CB   sing N N 338 
TYR CA  HA   sing N N 339 
TYR C   O    doub N N 340 
TYR C   OXT  sing N N 341 
TYR CB  CG   sing N N 342 
TYR CB  HB2  sing N N 343 
TYR CB  HB3  sing N N 344 
TYR CG  CD1  doub Y N 345 
TYR CG  CD2  sing Y N 346 
TYR CD1 CE1  sing Y N 347 
TYR CD1 HD1  sing N N 348 
TYR CD2 CE2  doub Y N 349 
TYR CD2 HD2  sing N N 350 
TYR CE1 CZ   doub Y N 351 
TYR CE1 HE1  sing N N 352 
TYR CE2 CZ   sing Y N 353 
TYR CE2 HE2  sing N N 354 
TYR CZ  OH   sing N N 355 
TYR OH  HH   sing N N 356 
TYR OXT HXT  sing N N 357 
VAL N   CA   sing N N 358 
VAL N   H    sing N N 359 
VAL N   H2   sing N N 360 
VAL CA  C    sing N N 361 
VAL CA  CB   sing N N 362 
VAL CA  HA   sing N N 363 
VAL C   O    doub N N 364 
VAL C   OXT  sing N N 365 
VAL CB  CG1  sing N N 366 
VAL CB  CG2  sing N N 367 
VAL CB  HB   sing N N 368 
VAL CG1 HG11 sing N N 369 
VAL CG1 HG12 sing N N 370 
VAL CG1 HG13 sing N N 371 
VAL CG2 HG21 sing N N 372 
VAL CG2 HG22 sing N N 373 
VAL CG2 HG23 sing N N 374 
VAL OXT HXT  sing N N 375 
# 
_pdbx_entity_nonpoly.entity_id   2 
_pdbx_entity_nonpoly.name        water 
_pdbx_entity_nonpoly.comp_id     HOH 
# 
loop_
_pdbx_initial_refinement_model.id 
_pdbx_initial_refinement_model.entity_id_list 
_pdbx_initial_refinement_model.type 
_pdbx_initial_refinement_model.source_name 
_pdbx_initial_refinement_model.accession_code 
_pdbx_initial_refinement_model.details 
1 ? 'experimental model' PDB 2F5Y 'PDB ENTRIES 2F5Y,2OCS,2V90' 
2 ? 'experimental model' PDB 2OCS 'PDB ENTRIES 2F5Y,2OCS,2V90' 
3 ? 'experimental model' PDB 2V90 'PDB ENTRIES 2F5Y,2OCS,2V90' 
# 
